data_2D8V
#
_entry.id   2D8V
#
loop_
_entity.id
_entity.type
_entity.pdbx_description
1 polymer 'Zinc finger FYVE domain-containing protein 19'
2 non-polymer 'ZINC ION'
#
_entity_poly.entity_id   1
_entity_poly.type   'polypeptide(L)'
_entity_poly.pdbx_seq_one_letter_code
;GSSGSSGLPWCCICNEDATLRCAGCDGDLYCARCFREGHDNFDLKEHQTSPYHPRRPCQEHSGPSSG
;
_entity_poly.pdbx_strand_id   A
#
# COMPACT_ATOMS: atom_id res chain seq x y z
N GLY A 1 1.63 -5.46 19.74
CA GLY A 1 0.30 -5.89 19.35
C GLY A 1 0.34 -6.95 18.27
N SER A 2 -0.60 -7.89 18.34
CA SER A 2 -0.68 -8.98 17.36
C SER A 2 -2.09 -9.11 16.80
N SER A 3 -3.04 -9.40 17.69
CA SER A 3 -4.43 -9.56 17.29
C SER A 3 -4.94 -8.32 16.56
N GLY A 4 -5.30 -8.50 15.29
CA GLY A 4 -5.79 -7.38 14.49
C GLY A 4 -6.03 -7.76 13.05
N SER A 5 -5.30 -7.11 12.14
CA SER A 5 -5.44 -7.38 10.71
C SER A 5 -4.50 -8.50 10.28
N SER A 6 -4.83 -9.13 9.16
CA SER A 6 -4.03 -10.23 8.64
C SER A 6 -3.16 -9.76 7.47
N GLY A 7 -3.82 -9.21 6.45
CA GLY A 7 -3.11 -8.73 5.28
C GLY A 7 -4.01 -8.59 4.06
N LEU A 8 -4.68 -7.46 3.95
CA LEU A 8 -5.58 -7.21 2.83
C LEU A 8 -4.80 -6.93 1.55
N PRO A 9 -5.40 -7.24 0.41
CA PRO A 9 -4.77 -7.03 -0.91
C PRO A 9 -4.65 -5.56 -1.27
N TRP A 10 -5.41 -4.72 -0.56
CA TRP A 10 -5.38 -3.28 -0.80
C TRP A 10 -4.68 -2.55 0.35
N CYS A 11 -4.53 -1.24 0.20
CA CYS A 11 -3.88 -0.43 1.22
C CYS A 11 -4.41 -0.78 2.61
N CYS A 12 -3.48 -1.05 3.54
CA CYS A 12 -3.86 -1.40 4.90
C CYS A 12 -4.49 -0.21 5.61
N ILE A 13 -4.56 0.92 4.93
CA ILE A 13 -5.15 2.13 5.49
C ILE A 13 -6.56 2.35 4.97
N CYS A 14 -6.68 2.61 3.67
CA CYS A 14 -7.96 2.84 3.04
C CYS A 14 -8.53 1.55 2.47
N ASN A 15 -7.64 0.65 2.06
CA ASN A 15 -8.06 -0.63 1.49
C ASN A 15 -8.71 -0.44 0.13
N GLU A 16 -8.20 0.53 -0.63
CA GLU A 16 -8.73 0.81 -1.96
C GLU A 16 -7.85 0.20 -3.04
N ASP A 17 -6.56 0.49 -2.98
CA ASP A 17 -5.61 -0.03 -3.96
C ASP A 17 -4.18 0.14 -3.46
N ALA A 18 -3.55 -0.96 -3.07
CA ALA A 18 -2.18 -0.93 -2.58
C ALA A 18 -1.19 -0.98 -3.73
N THR A 19 -0.26 -0.03 -3.75
CA THR A 19 0.75 0.04 -4.80
C THR A 19 2.16 -0.06 -4.23
N LEU A 20 2.23 -0.35 -2.93
CA LEU A 20 3.53 -0.48 -2.25
C LEU A 20 3.45 -1.49 -1.12
N ARG A 21 4.59 -2.09 -0.78
CA ARG A 21 4.65 -3.08 0.29
C ARG A 21 5.80 -2.78 1.25
N CYS A 22 5.47 -2.32 2.45
CA CYS A 22 6.48 -2.00 3.45
C CYS A 22 7.01 -3.27 4.11
N ALA A 23 8.32 -3.44 4.06
CA ALA A 23 8.96 -4.62 4.66
C ALA A 23 9.10 -4.45 6.17
N GLY A 24 9.32 -3.22 6.61
CA GLY A 24 9.47 -2.95 8.02
C GLY A 24 8.16 -3.07 8.78
N CYS A 25 7.05 -2.98 8.05
CA CYS A 25 5.73 -3.07 8.67
C CYS A 25 5.14 -4.46 8.45
N ASP A 26 6.00 -5.46 8.29
CA ASP A 26 5.56 -6.83 8.08
C ASP A 26 4.94 -6.99 6.70
N GLY A 27 5.55 -6.39 5.70
CA GLY A 27 5.04 -6.48 4.34
C GLY A 27 3.67 -5.86 4.20
N ASP A 28 3.41 -4.81 4.98
CA ASP A 28 2.12 -4.14 4.94
C ASP A 28 1.95 -3.37 3.63
N LEU A 29 0.93 -3.75 2.86
CA LEU A 29 0.67 -3.10 1.58
C LEU A 29 0.05 -1.71 1.80
N TYR A 30 0.69 -0.70 1.25
CA TYR A 30 0.20 0.68 1.38
C TYR A 30 -0.02 1.31 0.01
N CYS A 31 -0.61 2.50 0.00
CA CYS A 31 -0.88 3.21 -1.24
C CYS A 31 0.13 4.33 -1.46
N ALA A 32 -0.12 5.15 -2.48
CA ALA A 32 0.78 6.26 -2.79
C ALA A 32 0.43 7.49 -1.96
N ARG A 33 -0.69 7.42 -1.25
CA ARG A 33 -1.13 8.53 -0.42
C ARG A 33 -0.82 8.28 1.05
N CYS A 34 -1.64 7.46 1.70
CA CYS A 34 -1.45 7.13 3.10
C CYS A 34 0.03 6.92 3.42
N PHE A 35 0.75 6.31 2.49
CA PHE A 35 2.17 6.05 2.66
C PHE A 35 2.96 7.35 2.72
N ARG A 36 2.96 8.09 1.61
CA ARG A 36 3.67 9.35 1.53
C ARG A 36 3.18 10.32 2.60
N GLU A 37 2.07 9.98 3.24
CA GLU A 37 1.49 10.81 4.29
C GLU A 37 2.27 10.66 5.60
N GLY A 38 2.45 9.41 6.02
CA GLY A 38 3.17 9.14 7.25
C GLY A 38 4.54 8.52 7.01
N HIS A 39 4.62 7.66 6.00
CA HIS A 39 5.88 7.00 5.66
C HIS A 39 6.79 7.94 4.88
N ASP A 40 6.83 9.20 5.29
CA ASP A 40 7.66 10.19 4.62
C ASP A 40 8.41 11.05 5.65
N ASN A 41 8.27 10.68 6.92
CA ASN A 41 8.92 11.41 8.00
C ASN A 41 9.60 10.46 8.98
N PHE A 42 8.89 9.39 9.34
CA PHE A 42 9.42 8.40 10.27
C PHE A 42 10.78 7.90 9.81
N ASP A 43 11.30 6.88 10.49
CA ASP A 43 12.59 6.30 10.15
C ASP A 43 12.48 5.39 8.93
N LEU A 44 11.68 5.81 7.96
CA LEU A 44 11.48 5.03 6.74
C LEU A 44 12.82 4.61 6.13
N LYS A 45 13.88 5.31 6.53
CA LYS A 45 15.22 5.01 6.03
C LYS A 45 15.46 3.50 5.99
N GLU A 46 14.71 2.76 6.80
CA GLU A 46 14.84 1.32 6.86
C GLU A 46 13.64 0.64 6.20
N HIS A 47 12.46 1.22 6.39
CA HIS A 47 11.23 0.67 5.84
C HIS A 47 11.34 0.58 4.31
N GLN A 48 12.04 -0.44 3.82
CA GLN A 48 12.21 -0.63 2.39
C GLN A 48 10.93 -1.16 1.76
N THR A 49 10.28 -0.32 0.94
CA THR A 49 9.05 -0.71 0.27
C THR A 49 9.33 -1.30 -1.11
N SER A 50 8.32 -1.94 -1.69
CA SER A 50 8.46 -2.54 -3.01
C SER A 50 7.19 -2.35 -3.83
N PRO A 51 7.34 -2.33 -5.16
CA PRO A 51 6.22 -2.16 -6.09
C PRO A 51 5.28 -3.37 -6.11
N TYR A 52 4.40 -3.44 -5.12
CA TYR A 52 3.45 -4.55 -5.02
C TYR A 52 2.34 -4.41 -6.06
N HIS A 53 1.94 -5.54 -6.64
CA HIS A 53 0.88 -5.54 -7.64
C HIS A 53 -0.16 -6.61 -7.34
N PRO A 54 -1.29 -6.18 -6.75
CA PRO A 54 -2.39 -7.08 -6.39
C PRO A 54 -3.11 -7.64 -7.61
N ARG A 55 -4.21 -8.36 -7.37
CA ARG A 55 -5.00 -8.93 -8.46
C ARG A 55 -5.86 -7.87 -9.13
N ARG A 56 -5.24 -6.75 -9.50
CA ARG A 56 -5.95 -5.66 -10.14
C ARG A 56 -7.37 -5.53 -9.59
N PRO A 57 -7.48 -5.44 -8.27
CA PRO A 57 -8.77 -5.31 -7.58
C PRO A 57 -9.42 -3.95 -7.83
N CYS A 58 -8.65 -2.89 -7.61
CA CYS A 58 -9.17 -1.53 -7.81
C CYS A 58 -8.23 -0.73 -8.72
N GLN A 59 -7.80 -1.36 -9.80
CA GLN A 59 -6.90 -0.71 -10.76
C GLN A 59 -7.66 0.33 -11.59
N GLU A 60 -6.93 1.03 -12.45
CA GLU A 60 -7.53 2.05 -13.30
C GLU A 60 -7.03 1.91 -14.74
N HIS A 61 -7.76 2.49 -15.67
CA HIS A 61 -7.39 2.44 -17.09
C HIS A 61 -7.32 3.85 -17.68
N SER A 62 -6.35 4.63 -17.20
CA SER A 62 -6.17 6.00 -17.68
C SER A 62 -4.75 6.47 -17.44
N GLY A 63 -4.37 7.55 -18.12
CA GLY A 63 -3.03 8.10 -17.97
C GLY A 63 -2.89 8.94 -16.72
N PRO A 64 -1.88 9.82 -16.73
CA PRO A 64 -1.60 10.72 -15.59
C PRO A 64 -2.68 11.79 -15.43
N SER A 65 -3.03 12.08 -14.18
CA SER A 65 -4.05 13.09 -13.90
C SER A 65 -3.58 14.02 -12.79
N SER A 66 -4.07 15.26 -12.84
CA SER A 66 -3.70 16.27 -11.83
C SER A 66 -4.92 17.07 -11.39
N GLY A 67 -5.06 17.24 -10.08
CA GLY A 67 -6.19 17.99 -9.55
C GLY A 67 -7.01 17.17 -8.58
N GLY A 1 3.16 -14.75 18.90
CA GLY A 1 1.90 -14.90 19.62
C GLY A 1 0.70 -14.52 18.79
N SER A 2 -0.13 -13.63 19.31
CA SER A 2 -1.33 -13.20 18.60
C SER A 2 -1.09 -11.87 17.87
N SER A 3 -1.23 -11.90 16.55
CA SER A 3 -1.03 -10.70 15.74
C SER A 3 -2.30 -9.88 15.66
N GLY A 4 -2.21 -8.72 15.01
CA GLY A 4 -3.36 -7.85 14.87
C GLY A 4 -3.97 -7.91 13.48
N SER A 5 -3.14 -7.73 12.46
CA SER A 5 -3.60 -7.77 11.08
C SER A 5 -2.78 -8.75 10.26
N SER A 6 -3.48 -9.59 9.50
CA SER A 6 -2.82 -10.60 8.66
C SER A 6 -2.28 -9.97 7.39
N GLY A 7 -3.17 -9.45 6.55
CA GLY A 7 -2.76 -8.83 5.31
C GLY A 7 -3.90 -8.72 4.32
N LEU A 8 -3.97 -7.60 3.61
CA LEU A 8 -5.02 -7.37 2.62
C LEU A 8 -4.41 -7.01 1.26
N PRO A 9 -5.14 -7.35 0.19
CA PRO A 9 -4.70 -7.07 -1.19
C PRO A 9 -4.72 -5.58 -1.51
N TRP A 10 -5.20 -4.78 -0.56
CA TRP A 10 -5.28 -3.34 -0.75
C TRP A 10 -4.59 -2.60 0.40
N CYS A 11 -4.55 -1.28 0.31
CA CYS A 11 -3.93 -0.46 1.35
C CYS A 11 -4.54 -0.75 2.71
N CYS A 12 -3.69 -1.11 3.67
CA CYS A 12 -4.14 -1.42 5.02
C CYS A 12 -4.73 -0.17 5.69
N ILE A 13 -4.68 0.95 4.98
CA ILE A 13 -5.21 2.20 5.51
C ILE A 13 -6.60 2.49 4.94
N CYS A 14 -6.68 2.66 3.62
CA CYS A 14 -7.94 2.93 2.96
C CYS A 14 -8.55 1.66 2.40
N ASN A 15 -7.71 0.67 2.12
CA ASN A 15 -8.16 -0.60 1.57
C ASN A 15 -8.76 -0.42 0.19
N GLU A 16 -8.18 0.51 -0.58
CA GLU A 16 -8.65 0.79 -1.93
C GLU A 16 -7.78 0.09 -2.96
N ASP A 17 -6.51 0.46 -3.02
CA ASP A 17 -5.57 -0.13 -3.96
C ASP A 17 -4.14 0.08 -3.50
N ALA A 18 -3.52 -0.99 -2.99
CA ALA A 18 -2.15 -0.93 -2.51
C ALA A 18 -1.16 -0.96 -3.68
N THR A 19 -0.22 -0.02 -3.69
CA THR A 19 0.78 0.05 -4.74
C THR A 19 2.19 -0.05 -4.17
N LEU A 20 2.28 -0.35 -2.89
CA LEU A 20 3.57 -0.48 -2.21
C LEU A 20 3.49 -1.49 -1.07
N ARG A 21 4.62 -2.13 -0.77
CA ARG A 21 4.68 -3.10 0.30
C ARG A 21 5.83 -2.80 1.26
N CYS A 22 5.50 -2.30 2.44
CA CYS A 22 6.49 -1.96 3.44
C CYS A 22 7.00 -3.22 4.15
N ALA A 23 8.32 -3.41 4.11
CA ALA A 23 8.94 -4.57 4.75
C ALA A 23 9.02 -4.40 6.26
N GLY A 24 9.30 -3.16 6.69
CA GLY A 24 9.41 -2.88 8.11
C GLY A 24 8.08 -3.01 8.83
N CYS A 25 6.99 -2.93 8.07
CA CYS A 25 5.65 -3.03 8.65
C CYS A 25 5.06 -4.41 8.38
N ASP A 26 5.92 -5.42 8.34
CA ASP A 26 5.48 -6.80 8.10
C ASP A 26 4.86 -6.93 6.72
N GLY A 27 5.52 -6.36 5.71
CA GLY A 27 5.01 -6.43 4.36
C GLY A 27 3.63 -5.80 4.22
N ASP A 28 3.38 -4.75 4.99
CA ASP A 28 2.10 -4.07 4.95
C ASP A 28 1.92 -3.32 3.63
N LEU A 29 0.92 -3.73 2.86
CA LEU A 29 0.64 -3.11 1.58
C LEU A 29 0.04 -1.73 1.77
N TYR A 30 0.74 -0.70 1.29
CA TYR A 30 0.27 0.68 1.41
C TYR A 30 0.06 1.30 0.03
N CYS A 31 -0.53 2.49 0.01
CA CYS A 31 -0.79 3.19 -1.23
C CYS A 31 0.23 4.30 -1.45
N ALA A 32 0.01 5.11 -2.49
CA ALA A 32 0.91 6.22 -2.80
C ALA A 32 0.57 7.45 -1.98
N ARG A 33 -0.56 7.39 -1.27
CA ARG A 33 -1.00 8.52 -0.45
C ARG A 33 -0.70 8.26 1.03
N CYS A 34 -1.54 7.44 1.65
CA CYS A 34 -1.37 7.13 3.07
C CYS A 34 0.11 6.90 3.40
N PHE A 35 0.83 6.30 2.47
CA PHE A 35 2.25 6.02 2.68
C PHE A 35 3.04 7.32 2.76
N ARG A 36 3.01 8.10 1.67
CA ARG A 36 3.73 9.36 1.62
C ARG A 36 3.27 10.29 2.74
N GLU A 37 2.08 10.04 3.27
CA GLU A 37 1.53 10.85 4.34
C GLU A 37 2.25 10.59 5.66
N GLY A 38 2.33 9.32 6.04
CA GLY A 38 3.01 8.95 7.28
C GLY A 38 4.40 8.40 7.03
N HIS A 39 4.52 7.53 6.05
CA HIS A 39 5.81 6.92 5.71
C HIS A 39 6.67 7.89 4.92
N ASP A 40 6.67 9.16 5.32
CA ASP A 40 7.46 10.18 4.65
C ASP A 40 8.21 11.04 5.66
N ASN A 41 8.16 10.65 6.93
CA ASN A 41 8.83 11.38 7.99
C ASN A 41 9.57 10.43 8.93
N PHE A 42 8.88 9.38 9.37
CA PHE A 42 9.47 8.40 10.27
C PHE A 42 10.81 7.90 9.72
N ASP A 43 11.41 6.96 10.43
CA ASP A 43 12.69 6.39 10.02
C ASP A 43 12.52 5.43 8.84
N LEU A 44 11.76 5.87 7.85
CA LEU A 44 11.50 5.06 6.66
C LEU A 44 12.81 4.63 6.01
N LYS A 45 13.90 5.29 6.40
CA LYS A 45 15.22 4.98 5.85
C LYS A 45 15.45 3.46 5.83
N GLU A 46 14.76 2.75 6.71
CA GLU A 46 14.89 1.30 6.78
C GLU A 46 13.68 0.61 6.17
N HIS A 47 12.50 1.23 6.35
CA HIS A 47 11.27 0.67 5.82
C HIS A 47 11.34 0.52 4.31
N GLN A 48 12.04 -0.50 3.85
CA GLN A 48 12.20 -0.76 2.42
C GLN A 48 10.88 -1.23 1.80
N THR A 49 10.34 -0.44 0.88
CA THR A 49 9.09 -0.77 0.23
C THR A 49 9.34 -1.31 -1.18
N SER A 50 8.31 -1.93 -1.76
CA SER A 50 8.42 -2.49 -3.11
C SER A 50 7.15 -2.25 -3.90
N PRO A 51 7.28 -2.19 -5.24
CA PRO A 51 6.15 -1.96 -6.13
C PRO A 51 5.20 -3.15 -6.19
N TYR A 52 4.27 -3.21 -5.25
CA TYR A 52 3.30 -4.30 -5.19
C TYR A 52 2.12 -4.04 -6.12
N HIS A 53 1.64 -5.09 -6.77
CA HIS A 53 0.52 -4.98 -7.70
C HIS A 53 -0.40 -6.18 -7.57
N PRO A 54 -1.59 -5.96 -6.97
CA PRO A 54 -2.59 -7.02 -6.77
C PRO A 54 -3.23 -7.46 -8.09
N ARG A 55 -4.13 -8.43 -8.00
CA ARG A 55 -4.81 -8.94 -9.18
C ARG A 55 -6.11 -8.18 -9.43
N ARG A 56 -6.77 -7.76 -8.35
CA ARG A 56 -8.02 -7.02 -8.46
C ARG A 56 -8.01 -6.10 -9.67
N PRO A 57 -7.05 -5.16 -9.71
CA PRO A 57 -6.92 -4.21 -10.81
C PRO A 57 -6.44 -4.88 -12.09
N CYS A 58 -6.19 -4.06 -13.12
CA CYS A 58 -5.73 -4.57 -14.41
C CYS A 58 -5.32 -3.44 -15.34
N GLN A 59 -4.16 -3.57 -15.95
CA GLN A 59 -3.66 -2.55 -16.87
C GLN A 59 -4.14 -2.80 -18.29
N GLU A 60 -4.73 -1.78 -18.89
CA GLU A 60 -5.24 -1.89 -20.26
C GLU A 60 -4.73 -0.75 -21.13
N HIS A 61 -4.77 -0.94 -22.45
CA HIS A 61 -4.31 0.06 -23.38
C HIS A 61 -5.49 0.85 -23.97
N SER A 62 -5.75 2.01 -23.40
CA SER A 62 -6.86 2.85 -23.86
C SER A 62 -6.41 4.30 -24.00
N GLY A 63 -6.89 4.97 -25.05
CA GLY A 63 -6.53 6.35 -25.28
C GLY A 63 -7.72 7.28 -25.19
N PRO A 64 -8.29 7.39 -23.98
CA PRO A 64 -9.45 8.26 -23.73
C PRO A 64 -9.10 9.73 -23.80
N SER A 65 -10.07 10.58 -23.49
CA SER A 65 -9.87 12.03 -23.53
C SER A 65 -10.20 12.66 -22.18
N SER A 66 -9.32 13.52 -21.70
CA SER A 66 -9.52 14.20 -20.42
C SER A 66 -10.92 14.78 -20.33
N GLY A 67 -11.59 14.55 -19.20
CA GLY A 67 -12.93 15.06 -19.00
C GLY A 67 -13.29 15.18 -17.54
N GLY A 1 -3.00 -15.81 20.09
CA GLY A 1 -4.05 -14.95 19.62
C GLY A 1 -3.60 -13.51 19.47
N SER A 2 -2.83 -13.24 18.41
CA SER A 2 -2.32 -11.90 18.15
C SER A 2 -3.13 -11.22 17.05
N SER A 3 -3.31 -9.91 17.18
CA SER A 3 -4.07 -9.13 16.20
C SER A 3 -3.16 -8.64 15.08
N GLY A 4 -2.28 -9.53 14.61
CA GLY A 4 -1.37 -9.17 13.54
C GLY A 4 -1.03 -10.34 12.65
N SER A 5 -2.06 -11.05 12.19
CA SER A 5 -1.86 -12.21 11.32
C SER A 5 -2.72 -12.09 10.07
N SER A 6 -2.68 -10.92 9.44
CA SER A 6 -3.45 -10.68 8.23
C SER A 6 -2.90 -9.48 7.46
N GLY A 7 -3.19 -9.43 6.16
CA GLY A 7 -2.72 -8.33 5.35
C GLY A 7 -3.55 -8.14 4.08
N LEU A 8 -4.64 -7.37 4.20
CA LEU A 8 -5.51 -7.13 3.06
C LEU A 8 -4.71 -6.86 1.80
N PRO A 9 -5.31 -7.18 0.64
CA PRO A 9 -4.67 -6.98 -0.67
C PRO A 9 -4.53 -5.50 -1.03
N TRP A 10 -5.37 -4.67 -0.41
CA TRP A 10 -5.34 -3.23 -0.67
C TRP A 10 -4.64 -2.50 0.46
N CYS A 11 -4.47 -1.18 0.30
CA CYS A 11 -3.82 -0.36 1.30
C CYS A 11 -4.31 -0.71 2.70
N CYS A 12 -3.38 -0.96 3.61
CA CYS A 12 -3.73 -1.31 4.99
C CYS A 12 -4.33 -0.11 5.71
N ILE A 13 -4.42 1.01 5.01
CA ILE A 13 -4.97 2.23 5.59
C ILE A 13 -6.39 2.47 5.10
N CYS A 14 -6.54 2.66 3.81
CA CYS A 14 -7.85 2.91 3.21
C CYS A 14 -8.44 1.62 2.64
N ASN A 15 -7.56 0.72 2.20
CA ASN A 15 -8.00 -0.55 1.63
C ASN A 15 -8.68 -0.35 0.28
N GLU A 16 -8.14 0.58 -0.51
CA GLU A 16 -8.69 0.86 -1.83
C GLU A 16 -7.85 0.23 -2.93
N ASP A 17 -6.54 0.47 -2.86
CA ASP A 17 -5.61 -0.08 -3.85
C ASP A 17 -4.17 0.08 -3.40
N ALA A 18 -3.55 -1.04 -3.01
CA ALA A 18 -2.17 -1.02 -2.55
C ALA A 18 -1.20 -1.02 -3.73
N THR A 19 -0.26 -0.09 -3.72
CA THR A 19 0.73 0.02 -4.78
C THR A 19 2.15 -0.15 -4.23
N LEU A 20 2.25 -0.30 -2.92
CA LEU A 20 3.56 -0.47 -2.28
C LEU A 20 3.47 -1.49 -1.15
N ARG A 21 4.60 -2.11 -0.84
CA ARG A 21 4.66 -3.11 0.22
C ARG A 21 5.81 -2.82 1.18
N CYS A 22 5.47 -2.33 2.37
CA CYS A 22 6.47 -2.00 3.38
C CYS A 22 7.01 -3.27 4.03
N ALA A 23 8.33 -3.42 4.03
CA ALA A 23 8.97 -4.58 4.62
C ALA A 23 9.08 -4.43 6.14
N GLY A 24 9.36 -3.22 6.59
CA GLY A 24 9.48 -2.97 8.01
C GLY A 24 8.16 -3.11 8.74
N CYS A 25 7.07 -3.01 8.00
CA CYS A 25 5.74 -3.12 8.59
C CYS A 25 5.15 -4.51 8.35
N ASP A 26 6.03 -5.49 8.18
CA ASP A 26 5.60 -6.87 7.95
C ASP A 26 4.94 -7.01 6.58
N GLY A 27 5.56 -6.42 5.56
CA GLY A 27 5.02 -6.49 4.22
C GLY A 27 3.64 -5.85 4.12
N ASP A 28 3.43 -4.78 4.88
CA ASP A 28 2.16 -4.08 4.87
C ASP A 28 1.95 -3.33 3.55
N LEU A 29 0.93 -3.72 2.81
CA LEU A 29 0.62 -3.08 1.53
C LEU A 29 0.03 -1.68 1.75
N TYR A 30 0.72 -0.67 1.23
CA TYR A 30 0.26 0.70 1.36
C TYR A 30 0.01 1.33 -0.01
N CYS A 31 -0.60 2.51 -0.01
CA CYS A 31 -0.90 3.21 -1.25
C CYS A 31 0.13 4.31 -1.50
N ALA A 32 -0.12 5.13 -2.53
CA ALA A 32 0.77 6.23 -2.88
C ALA A 32 0.45 7.48 -2.07
N ARG A 33 -0.62 7.41 -1.29
CA ARG A 33 -1.04 8.54 -0.47
C ARG A 33 -0.70 8.30 1.00
N CYS A 34 -1.53 7.50 1.67
CA CYS A 34 -1.32 7.20 3.08
C CYS A 34 0.16 7.00 3.38
N PHE A 35 0.86 6.36 2.45
CA PHE A 35 2.28 6.10 2.62
C PHE A 35 3.08 7.41 2.61
N ARG A 36 2.97 8.15 1.52
CA ARG A 36 3.67 9.42 1.39
C ARG A 36 3.22 10.41 2.46
N GLU A 37 2.11 10.10 3.12
CA GLU A 37 1.57 10.96 4.16
C GLU A 37 2.24 10.69 5.50
N GLY A 38 2.35 9.40 5.85
CA GLY A 38 2.98 9.03 7.11
C GLY A 38 4.36 8.45 6.91
N HIS A 39 4.51 7.60 5.90
CA HIS A 39 5.80 6.97 5.61
C HIS A 39 6.71 7.93 4.85
N ASP A 40 6.73 9.19 5.28
CA ASP A 40 7.55 10.20 4.63
C ASP A 40 8.33 11.00 5.68
N ASN A 41 8.15 10.64 6.95
CA ASN A 41 8.83 11.34 8.04
C ASN A 41 9.41 10.33 9.03
N PHE A 42 8.64 9.30 9.34
CA PHE A 42 9.08 8.27 10.28
C PHE A 42 10.46 7.73 9.88
N ASP A 43 10.90 6.70 10.59
CA ASP A 43 12.19 6.09 10.33
C ASP A 43 12.14 5.22 9.07
N LEU A 44 11.52 5.75 8.02
CA LEU A 44 11.39 5.02 6.75
C LEU A 44 12.76 4.68 6.19
N LYS A 45 13.79 5.38 6.67
CA LYS A 45 15.15 5.13 6.21
C LYS A 45 15.45 3.64 6.14
N GLU A 46 14.67 2.84 6.87
CA GLU A 46 14.85 1.40 6.88
C GLU A 46 13.67 0.71 6.21
N HIS A 47 12.47 1.24 6.41
CA HIS A 47 11.26 0.68 5.82
C HIS A 47 11.41 0.55 4.32
N GLN A 48 11.99 -0.56 3.87
CA GLN A 48 12.18 -0.80 2.43
C GLN A 48 10.89 -1.30 1.79
N THR A 49 10.33 -0.49 0.90
CA THR A 49 9.10 -0.84 0.21
C THR A 49 9.39 -1.43 -1.17
N SER A 50 8.35 -1.94 -1.82
CA SER A 50 8.49 -2.54 -3.15
C SER A 50 7.23 -2.35 -3.97
N PRO A 51 7.37 -2.37 -5.30
CA PRO A 51 6.25 -2.20 -6.22
C PRO A 51 5.31 -3.39 -6.22
N TYR A 52 4.34 -3.36 -5.32
CA TYR A 52 3.36 -4.45 -5.20
C TYR A 52 2.10 -4.14 -5.99
N HIS A 53 1.44 -5.17 -6.48
CA HIS A 53 0.20 -5.00 -7.25
C HIS A 53 -0.78 -6.13 -6.95
N PRO A 54 -1.93 -5.75 -6.35
CA PRO A 54 -2.98 -6.72 -5.98
C PRO A 54 -3.68 -7.28 -7.21
N ARG A 55 -4.74 -8.05 -6.97
CA ARG A 55 -5.51 -8.65 -8.06
C ARG A 55 -6.54 -7.66 -8.61
N ARG A 56 -6.08 -6.46 -8.95
CA ARG A 56 -6.96 -5.43 -9.48
C ARG A 56 -8.34 -5.52 -8.85
N PRO A 57 -8.39 -5.48 -7.52
CA PRO A 57 -9.65 -5.56 -6.76
C PRO A 57 -10.49 -4.29 -6.92
N CYS A 58 -10.05 -3.40 -7.80
CA CYS A 58 -10.77 -2.16 -8.04
C CYS A 58 -11.99 -2.39 -8.91
N GLN A 59 -13.17 -2.03 -8.39
CA GLN A 59 -14.41 -2.21 -9.12
C GLN A 59 -14.93 -0.88 -9.65
N GLU A 60 -14.03 -0.09 -10.23
CA GLU A 60 -14.40 1.22 -10.78
C GLU A 60 -14.38 1.18 -12.30
N HIS A 61 -15.52 1.51 -12.90
CA HIS A 61 -15.64 1.52 -14.36
C HIS A 61 -16.30 2.81 -14.84
N SER A 62 -17.43 3.15 -14.25
CA SER A 62 -18.16 4.36 -14.62
C SER A 62 -19.22 4.70 -13.58
N GLY A 63 -19.71 5.94 -13.62
CA GLY A 63 -20.72 6.37 -12.67
C GLY A 63 -20.28 7.55 -11.85
N PRO A 64 -21.11 8.60 -11.81
CA PRO A 64 -20.83 9.83 -11.06
C PRO A 64 -20.88 9.60 -9.54
N SER A 65 -19.73 9.74 -8.90
CA SER A 65 -19.65 9.55 -7.45
C SER A 65 -20.10 10.81 -6.71
N SER A 66 -21.38 10.87 -6.40
CA SER A 66 -21.95 12.02 -5.69
C SER A 66 -22.49 11.61 -4.34
N GLY A 67 -22.47 12.55 -3.39
CA GLY A 67 -22.97 12.27 -2.05
C GLY A 67 -22.02 11.40 -1.25
N GLY A 1 -1.60 -19.94 14.85
CA GLY A 1 -2.15 -19.95 16.19
C GLY A 1 -1.95 -18.63 16.91
N SER A 2 -0.85 -18.51 17.64
CA SER A 2 -0.54 -17.30 18.39
C SER A 2 -0.42 -16.10 17.44
N SER A 3 0.47 -16.24 16.45
CA SER A 3 0.70 -15.18 15.48
C SER A 3 0.20 -15.59 14.10
N GLY A 4 -0.85 -14.92 13.63
CA GLY A 4 -1.41 -15.22 12.33
C GLY A 4 -1.15 -14.13 11.32
N SER A 5 0.12 -13.82 11.10
CA SER A 5 0.51 -12.78 10.15
C SER A 5 -0.42 -12.78 8.93
N SER A 6 -0.75 -11.60 8.44
CA SER A 6 -1.63 -11.46 7.28
C SER A 6 -1.54 -10.06 6.70
N GLY A 7 -1.75 -9.95 5.39
CA GLY A 7 -1.69 -8.66 4.72
C GLY A 7 -2.73 -8.52 3.63
N LEU A 8 -3.66 -7.59 3.82
CA LEU A 8 -4.73 -7.36 2.86
C LEU A 8 -4.14 -7.03 1.48
N PRO A 9 -4.93 -7.30 0.43
CA PRO A 9 -4.52 -7.04 -0.95
C PRO A 9 -4.43 -5.56 -1.26
N TRP A 10 -5.25 -4.76 -0.58
CA TRP A 10 -5.27 -3.32 -0.78
C TRP A 10 -4.57 -2.60 0.37
N CYS A 11 -4.53 -1.27 0.29
CA CYS A 11 -3.89 -0.46 1.32
C CYS A 11 -4.46 -0.79 2.71
N CYS A 12 -3.58 -0.98 3.67
CA CYS A 12 -4.00 -1.30 5.04
C CYS A 12 -4.61 -0.08 5.72
N ILE A 13 -4.74 1.02 4.96
CA ILE A 13 -5.32 2.24 5.50
C ILE A 13 -6.69 2.50 4.90
N CYS A 14 -6.74 2.69 3.58
CA CYS A 14 -7.99 2.95 2.89
C CYS A 14 -8.58 1.66 2.33
N ASN A 15 -7.72 0.70 2.04
CA ASN A 15 -8.15 -0.58 1.49
C ASN A 15 -8.78 -0.41 0.11
N GLU A 16 -8.19 0.49 -0.68
CA GLU A 16 -8.70 0.74 -2.03
C GLU A 16 -7.82 0.07 -3.08
N ASP A 17 -6.52 0.33 -3.01
CA ASP A 17 -5.58 -0.25 -3.96
C ASP A 17 -4.14 -0.02 -3.50
N ALA A 18 -3.51 -1.08 -3.00
CA ALA A 18 -2.13 -0.99 -2.53
C ALA A 18 -1.15 -0.97 -3.70
N THR A 19 -0.25 0.00 -3.70
CA THR A 19 0.74 0.13 -4.74
C THR A 19 2.17 -0.02 -4.20
N LEU A 20 2.26 -0.24 -2.89
CA LEU A 20 3.56 -0.42 -2.24
C LEU A 20 3.47 -1.43 -1.10
N ARG A 21 4.59 -2.08 -0.82
CA ARG A 21 4.64 -3.07 0.25
C ARG A 21 5.79 -2.78 1.21
N CYS A 22 5.45 -2.35 2.42
CA CYS A 22 6.45 -2.04 3.43
C CYS A 22 7.00 -3.31 4.07
N ALA A 23 8.32 -3.46 4.07
CA ALA A 23 8.95 -4.63 4.65
C ALA A 23 9.07 -4.49 6.17
N GLY A 24 9.34 -3.27 6.63
CA GLY A 24 9.48 -3.03 8.05
C GLY A 24 8.15 -3.15 8.78
N CYS A 25 7.05 -3.03 8.04
CA CYS A 25 5.72 -3.14 8.63
C CYS A 25 5.12 -4.52 8.38
N ASP A 26 5.98 -5.52 8.25
CA ASP A 26 5.54 -6.88 8.01
C ASP A 26 4.89 -7.01 6.63
N GLY A 27 5.56 -6.49 5.61
CA GLY A 27 5.04 -6.56 4.26
C GLY A 27 3.68 -5.90 4.13
N ASP A 28 3.46 -4.85 4.93
CA ASP A 28 2.19 -4.13 4.90
C ASP A 28 2.00 -3.41 3.57
N LEU A 29 0.90 -3.72 2.88
CA LEU A 29 0.61 -3.09 1.60
C LEU A 29 0.01 -1.71 1.78
N TYR A 30 0.73 -0.69 1.32
CA TYR A 30 0.26 0.69 1.44
C TYR A 30 0.03 1.30 0.07
N CYS A 31 -0.56 2.49 0.05
CA CYS A 31 -0.86 3.19 -1.20
C CYS A 31 0.15 4.31 -1.44
N ALA A 32 -0.13 5.13 -2.44
CA ALA A 32 0.76 6.25 -2.78
C ALA A 32 0.41 7.48 -1.96
N ARG A 33 -0.70 7.40 -1.22
CA ARG A 33 -1.14 8.52 -0.39
C ARG A 33 -0.81 8.26 1.08
N CYS A 34 -1.65 7.46 1.73
CA CYS A 34 -1.46 7.13 3.14
C CYS A 34 0.03 6.96 3.46
N PHE A 35 0.76 6.36 2.53
CA PHE A 35 2.18 6.13 2.71
C PHE A 35 2.96 7.44 2.73
N ARG A 36 2.93 8.15 1.60
CA ARG A 36 3.63 9.42 1.48
C ARG A 36 3.17 10.40 2.57
N GLU A 37 2.05 10.07 3.20
CA GLU A 37 1.50 10.91 4.26
C GLU A 37 2.24 10.70 5.58
N GLY A 38 2.39 9.43 5.95
CA GLY A 38 3.08 9.10 7.19
C GLY A 38 4.47 8.54 6.95
N HIS A 39 4.58 7.67 5.96
CA HIS A 39 5.87 7.05 5.62
C HIS A 39 6.75 8.03 4.85
N ASP A 40 6.76 9.29 5.28
CA ASP A 40 7.56 10.31 4.62
C ASP A 40 8.35 11.12 5.65
N ASN A 41 8.24 10.73 6.92
CA ASN A 41 8.95 11.41 8.00
C ASN A 41 9.63 10.42 8.93
N PHE A 42 8.91 9.36 9.28
CA PHE A 42 9.44 8.33 10.17
C PHE A 42 10.79 7.84 9.68
N ASP A 43 11.34 6.85 10.37
CA ASP A 43 12.63 6.28 10.01
C ASP A 43 12.50 5.34 8.80
N LEU A 44 11.69 5.74 7.83
CA LEU A 44 11.47 4.94 6.63
C LEU A 44 12.80 4.47 6.04
N LYS A 45 13.86 5.24 6.30
CA LYS A 45 15.18 4.90 5.80
C LYS A 45 15.42 3.39 5.85
N GLU A 46 14.73 2.72 6.77
CA GLU A 46 14.86 1.27 6.92
C GLU A 46 13.67 0.56 6.30
N HIS A 47 12.49 1.15 6.41
CA HIS A 47 11.27 0.58 5.85
C HIS A 47 11.38 0.43 4.34
N GLN A 48 12.15 -0.53 3.89
CA GLN A 48 12.34 -0.77 2.46
C GLN A 48 11.05 -1.27 1.82
N THR A 49 10.33 -0.37 1.15
CA THR A 49 9.09 -0.71 0.50
C THR A 49 9.33 -1.40 -0.83
N SER A 50 8.25 -1.71 -1.55
CA SER A 50 8.36 -2.38 -2.84
C SER A 50 7.08 -2.17 -3.66
N PRO A 51 7.25 -2.05 -4.98
CA PRO A 51 6.13 -1.85 -5.90
C PRO A 51 5.25 -3.10 -6.03
N TYR A 52 4.38 -3.30 -5.05
CA TYR A 52 3.48 -4.45 -5.05
C TYR A 52 2.44 -4.32 -6.16
N HIS A 53 1.79 -5.44 -6.46
CA HIS A 53 0.77 -5.47 -7.50
C HIS A 53 -0.14 -6.68 -7.35
N PRO A 54 -1.38 -6.44 -6.88
CA PRO A 54 -2.37 -7.49 -6.67
C PRO A 54 -2.88 -8.08 -7.99
N ARG A 55 -3.25 -9.35 -7.95
CA ARG A 55 -3.76 -10.02 -9.14
C ARG A 55 -4.82 -9.17 -9.84
N ARG A 56 -5.93 -8.94 -9.15
CA ARG A 56 -7.02 -8.14 -9.70
C ARG A 56 -7.67 -7.28 -8.63
N PRO A 57 -7.36 -5.97 -8.66
CA PRO A 57 -7.91 -5.01 -7.69
C PRO A 57 -9.39 -4.77 -7.88
N CYS A 58 -9.86 -4.85 -9.12
CA CYS A 58 -11.26 -4.64 -9.44
C CYS A 58 -11.72 -3.25 -9.02
N GLN A 59 -10.89 -2.25 -9.29
CA GLN A 59 -11.20 -0.88 -8.94
C GLN A 59 -12.51 -0.43 -9.57
N GLU A 60 -13.49 -0.06 -8.75
CA GLU A 60 -14.79 0.38 -9.24
C GLU A 60 -15.23 1.65 -8.52
N HIS A 61 -14.61 2.78 -8.88
CA HIS A 61 -14.95 4.06 -8.27
C HIS A 61 -15.26 5.10 -9.34
N SER A 62 -15.87 4.66 -10.43
CA SER A 62 -16.21 5.56 -11.53
C SER A 62 -17.70 5.42 -11.89
N GLY A 63 -18.31 6.56 -12.21
CA GLY A 63 -19.72 6.54 -12.58
C GLY A 63 -20.57 7.36 -11.62
N PRO A 64 -21.86 7.01 -11.54
CA PRO A 64 -22.81 7.71 -10.66
C PRO A 64 -22.54 7.43 -9.18
N SER A 65 -22.51 8.50 -8.38
CA SER A 65 -22.25 8.38 -6.95
C SER A 65 -23.42 8.95 -6.14
N SER A 66 -23.32 8.83 -4.82
CA SER A 66 -24.36 9.34 -3.93
C SER A 66 -23.78 9.70 -2.56
N GLY A 67 -24.46 10.59 -1.86
CA GLY A 67 -24.00 11.00 -0.54
C GLY A 67 -25.08 10.88 0.51
N GLY A 1 -14.17 -8.59 19.88
CA GLY A 1 -14.02 -9.56 18.80
C GLY A 1 -12.58 -9.83 18.45
N SER A 2 -12.30 -9.94 17.15
CA SER A 2 -10.94 -10.21 16.69
C SER A 2 -10.74 -9.68 15.28
N SER A 3 -9.77 -8.78 15.11
CA SER A 3 -9.49 -8.20 13.81
C SER A 3 -9.50 -9.27 12.71
N GLY A 4 -8.87 -10.39 13.00
CA GLY A 4 -8.81 -11.48 12.03
C GLY A 4 -8.42 -11.00 10.65
N SER A 5 -7.14 -10.65 10.50
CA SER A 5 -6.63 -10.16 9.22
C SER A 5 -5.11 -10.31 9.15
N SER A 6 -4.64 -10.93 8.08
CA SER A 6 -3.20 -11.15 7.90
C SER A 6 -2.58 -9.98 7.12
N GLY A 7 -3.18 -9.66 5.98
CA GLY A 7 -2.67 -8.56 5.16
C GLY A 7 -3.52 -8.32 3.92
N LEU A 8 -4.59 -7.56 4.09
CA LEU A 8 -5.48 -7.25 2.98
C LEU A 8 -4.70 -6.98 1.70
N PRO A 9 -5.31 -7.27 0.55
CA PRO A 9 -4.68 -7.07 -0.76
C PRO A 9 -4.54 -5.59 -1.11
N TRP A 10 -5.39 -4.76 -0.50
CA TRP A 10 -5.35 -3.33 -0.74
C TRP A 10 -4.65 -2.59 0.39
N CYS A 11 -4.51 -1.28 0.25
CA CYS A 11 -3.87 -0.47 1.27
C CYS A 11 -4.38 -0.82 2.66
N CYS A 12 -3.45 -1.01 3.60
CA CYS A 12 -3.81 -1.36 4.97
C CYS A 12 -4.43 -0.15 5.69
N ILE A 13 -4.57 0.95 4.96
CA ILE A 13 -5.14 2.16 5.54
C ILE A 13 -6.56 2.39 5.02
N CYS A 14 -6.67 2.61 3.71
CA CYS A 14 -7.96 2.84 3.07
C CYS A 14 -8.54 1.55 2.53
N ASN A 15 -7.67 0.65 2.08
CA ASN A 15 -8.10 -0.63 1.53
C ASN A 15 -8.73 -0.45 0.15
N GLU A 16 -8.22 0.51 -0.61
CA GLU A 16 -8.74 0.78 -1.94
C GLU A 16 -7.88 0.11 -3.02
N ASP A 17 -6.58 0.37 -2.96
CA ASP A 17 -5.65 -0.21 -3.93
C ASP A 17 -4.19 0.01 -3.49
N ALA A 18 -3.57 -1.06 -3.00
CA ALA A 18 -2.20 -0.99 -2.53
C ALA A 18 -1.23 -0.96 -3.72
N THR A 19 -0.25 -0.07 -3.66
CA THR A 19 0.74 0.07 -4.72
C THR A 19 2.15 -0.11 -4.18
N LEU A 20 2.27 -0.26 -2.87
CA LEU A 20 3.56 -0.45 -2.22
C LEU A 20 3.47 -1.46 -1.08
N ARG A 21 4.59 -2.07 -0.75
CA ARG A 21 4.64 -3.06 0.32
C ARG A 21 5.79 -2.77 1.27
N CYS A 22 5.47 -2.31 2.47
CA CYS A 22 6.47 -2.00 3.47
C CYS A 22 7.02 -3.27 4.12
N ALA A 23 8.34 -3.43 4.05
CA ALA A 23 8.99 -4.61 4.63
C ALA A 23 9.15 -4.45 6.14
N GLY A 24 9.33 -3.22 6.59
CA GLY A 24 9.50 -2.97 8.01
C GLY A 24 8.19 -3.07 8.78
N CYS A 25 7.09 -3.05 8.04
CA CYS A 25 5.76 -3.15 8.67
C CYS A 25 5.16 -4.52 8.45
N ASP A 26 6.01 -5.52 8.28
CA ASP A 26 5.56 -6.89 8.06
C ASP A 26 4.91 -7.04 6.69
N GLY A 27 5.51 -6.40 5.68
CA GLY A 27 4.98 -6.46 4.34
C GLY A 27 3.62 -5.82 4.22
N ASP A 28 3.40 -4.76 4.98
CA ASP A 28 2.12 -4.04 4.96
C ASP A 28 1.94 -3.32 3.63
N LEU A 29 0.86 -3.66 2.92
CA LEU A 29 0.56 -3.04 1.64
C LEU A 29 -0.01 -1.64 1.83
N TYR A 30 0.69 -0.65 1.30
CA TYR A 30 0.25 0.74 1.41
C TYR A 30 0.03 1.36 0.03
N CYS A 31 -0.63 2.51 0.00
CA CYS A 31 -0.91 3.20 -1.25
C CYS A 31 0.11 4.30 -1.50
N ALA A 32 -0.12 5.10 -2.54
CA ALA A 32 0.78 6.19 -2.89
C ALA A 32 0.47 7.44 -2.07
N ARG A 33 -0.62 7.39 -1.31
CA ARG A 33 -1.03 8.52 -0.48
C ARG A 33 -0.71 8.26 0.98
N CYS A 34 -1.56 7.46 1.63
CA CYS A 34 -1.38 7.12 3.03
C CYS A 34 0.10 6.91 3.36
N PHE A 35 0.83 6.35 2.41
CA PHE A 35 2.26 6.08 2.59
C PHE A 35 3.04 7.39 2.61
N ARG A 36 3.01 8.11 1.50
CA ARG A 36 3.72 9.38 1.39
C ARG A 36 3.24 10.37 2.44
N GLU A 37 2.15 10.03 3.12
CA GLU A 37 1.58 10.89 4.14
C GLU A 37 2.29 10.69 5.48
N GLY A 38 2.44 9.43 5.88
CA GLY A 38 3.11 9.12 7.13
C GLY A 38 4.48 8.51 6.93
N HIS A 39 4.61 7.66 5.91
CA HIS A 39 5.87 7.01 5.61
C HIS A 39 6.81 7.96 4.86
N ASP A 40 6.82 9.21 5.28
CA ASP A 40 7.68 10.22 4.65
C ASP A 40 8.41 11.04 5.70
N ASN A 41 8.24 10.67 6.97
CA ASN A 41 8.90 11.37 8.07
C ASN A 41 9.53 10.40 9.04
N PHE A 42 8.80 9.34 9.38
CA PHE A 42 9.28 8.33 10.30
C PHE A 42 10.65 7.81 9.86
N ASP A 43 11.15 6.80 10.57
CA ASP A 43 12.46 6.21 10.26
C ASP A 43 12.36 5.31 9.03
N LEU A 44 11.68 5.79 8.00
CA LEU A 44 11.51 5.03 6.76
C LEU A 44 12.86 4.63 6.19
N LYS A 45 13.92 5.26 6.69
CA LYS A 45 15.27 4.97 6.23
C LYS A 45 15.52 3.47 6.17
N GLU A 46 14.72 2.71 6.91
CA GLU A 46 14.85 1.26 6.95
C GLU A 46 13.65 0.59 6.28
N HIS A 47 12.48 1.20 6.44
CA HIS A 47 11.26 0.66 5.86
C HIS A 47 11.37 0.58 4.34
N GLN A 48 11.97 -0.50 3.85
CA GLN A 48 12.15 -0.70 2.42
C GLN A 48 10.86 -1.19 1.78
N THR A 49 10.32 -0.39 0.86
CA THR A 49 9.08 -0.74 0.18
C THR A 49 9.36 -1.29 -1.22
N SER A 50 8.30 -1.61 -1.95
CA SER A 50 8.44 -2.15 -3.30
C SER A 50 7.10 -2.07 -4.05
N PRO A 51 7.18 -2.07 -5.39
CA PRO A 51 6.00 -2.01 -6.25
C PRO A 51 5.17 -3.29 -6.19
N TYR A 52 4.31 -3.38 -5.18
CA TYR A 52 3.46 -4.55 -5.02
C TYR A 52 2.41 -4.62 -6.12
N HIS A 53 1.75 -5.78 -6.23
CA HIS A 53 0.73 -5.98 -7.25
C HIS A 53 -0.09 -7.24 -6.96
N PRO A 54 -1.32 -7.05 -6.46
CA PRO A 54 -2.22 -8.15 -6.14
C PRO A 54 -2.72 -8.88 -7.37
N ARG A 55 -2.27 -8.43 -8.54
CA ARG A 55 -2.67 -9.05 -9.80
C ARG A 55 -4.18 -9.29 -9.83
N ARG A 56 -4.91 -8.50 -9.06
CA ARG A 56 -6.36 -8.63 -8.99
C ARG A 56 -7.01 -8.15 -10.29
N PRO A 57 -6.66 -6.93 -10.71
CA PRO A 57 -7.19 -6.33 -11.93
C PRO A 57 -6.67 -7.01 -13.18
N CYS A 58 -7.33 -8.09 -13.58
CA CYS A 58 -6.94 -8.84 -14.78
C CYS A 58 -7.82 -8.47 -15.97
N GLN A 59 -8.21 -7.20 -16.03
CA GLN A 59 -9.06 -6.72 -17.12
C GLN A 59 -8.30 -6.74 -18.44
N GLU A 60 -7.14 -6.09 -18.47
CA GLU A 60 -6.32 -6.03 -19.67
C GLU A 60 -4.86 -5.77 -19.32
N HIS A 61 -4.00 -6.74 -19.63
CA HIS A 61 -2.57 -6.61 -19.35
C HIS A 61 -1.95 -5.51 -20.21
N SER A 62 -1.64 -4.37 -19.59
CA SER A 62 -1.05 -3.25 -20.30
C SER A 62 -0.67 -2.14 -19.34
N GLY A 63 0.07 -1.15 -19.83
CA GLY A 63 0.48 -0.04 -19.00
C GLY A 63 -0.69 0.70 -18.40
N PRO A 64 -0.41 1.59 -17.42
CA PRO A 64 -1.44 2.37 -16.74
C PRO A 64 -2.06 3.43 -17.65
N SER A 65 -3.35 3.69 -17.48
CA SER A 65 -4.06 4.66 -18.29
C SER A 65 -3.23 5.95 -18.42
N SER A 66 -3.67 6.84 -19.30
CA SER A 66 -2.98 8.11 -19.52
C SER A 66 -3.97 9.27 -19.50
N GLY A 67 -4.90 9.24 -18.55
CA GLY A 67 -5.88 10.29 -18.44
C GLY A 67 -6.96 10.20 -19.49
N GLY A 1 -7.83 -18.63 15.66
CA GLY A 1 -8.08 -17.80 14.49
C GLY A 1 -6.93 -17.84 13.50
N SER A 2 -6.57 -19.05 13.06
CA SER A 2 -5.49 -19.22 12.10
C SER A 2 -5.90 -18.74 10.72
N SER A 3 -5.65 -17.45 10.45
CA SER A 3 -6.00 -16.87 9.17
C SER A 3 -5.04 -17.35 8.07
N GLY A 4 -3.81 -17.65 8.46
CA GLY A 4 -2.82 -18.12 7.51
C GLY A 4 -1.94 -17.00 6.98
N SER A 5 -2.35 -16.41 5.86
CA SER A 5 -1.59 -15.32 5.26
C SER A 5 -2.30 -13.98 5.45
N SER A 6 -2.01 -13.32 6.57
CA SER A 6 -2.62 -12.03 6.87
C SER A 6 -2.13 -10.95 5.92
N GLY A 7 -2.82 -9.81 5.91
CA GLY A 7 -2.43 -8.72 5.05
C GLY A 7 -3.40 -8.53 3.89
N LEU A 8 -4.26 -7.53 4.00
CA LEU A 8 -5.25 -7.25 2.96
C LEU A 8 -4.56 -6.97 1.62
N PRO A 9 -5.26 -7.26 0.52
CA PRO A 9 -4.74 -7.05 -0.83
C PRO A 9 -4.62 -5.57 -1.19
N TRP A 10 -5.38 -4.74 -0.48
CA TRP A 10 -5.36 -3.30 -0.71
C TRP A 10 -4.64 -2.57 0.41
N CYS A 11 -4.54 -1.25 0.28
CA CYS A 11 -3.88 -0.44 1.30
C CYS A 11 -4.38 -0.78 2.70
N CYS A 12 -3.45 -0.98 3.62
CA CYS A 12 -3.80 -1.31 4.99
C CYS A 12 -4.43 -0.11 5.71
N ILE A 13 -4.57 0.98 4.98
CA ILE A 13 -5.14 2.20 5.54
C ILE A 13 -6.55 2.43 5.01
N CYS A 14 -6.65 2.70 3.71
CA CYS A 14 -7.94 2.93 3.07
C CYS A 14 -8.51 1.64 2.50
N ASN A 15 -7.63 0.74 2.10
CA ASN A 15 -8.05 -0.54 1.54
C ASN A 15 -8.66 -0.35 0.15
N GLU A 16 -8.15 0.63 -0.58
CA GLU A 16 -8.64 0.91 -1.92
C GLU A 16 -7.80 0.20 -2.98
N ASP A 17 -6.50 0.50 -2.98
CA ASP A 17 -5.58 -0.12 -3.95
C ASP A 17 -4.14 0.06 -3.49
N ALA A 18 -3.55 -1.02 -3.00
CA ALA A 18 -2.16 -1.00 -2.53
C ALA A 18 -1.19 -1.06 -3.69
N THR A 19 -0.25 -0.12 -3.73
CA THR A 19 0.74 -0.06 -4.79
C THR A 19 2.15 -0.21 -4.25
N LEU A 20 2.26 -0.33 -2.93
CA LEU A 20 3.55 -0.48 -2.28
C LEU A 20 3.47 -1.48 -1.12
N ARG A 21 4.59 -2.13 -0.83
CA ARG A 21 4.65 -3.11 0.24
C ARG A 21 5.80 -2.82 1.19
N CYS A 22 5.48 -2.31 2.38
CA CYS A 22 6.50 -1.98 3.37
C CYS A 22 7.04 -3.25 4.04
N ALA A 23 8.36 -3.40 4.02
CA ALA A 23 8.99 -4.57 4.62
C ALA A 23 9.09 -4.42 6.13
N GLY A 24 9.40 -3.20 6.59
CA GLY A 24 9.51 -2.95 8.01
C GLY A 24 8.19 -3.10 8.73
N CYS A 25 7.10 -3.00 7.99
CA CYS A 25 5.76 -3.13 8.57
C CYS A 25 5.17 -4.50 8.29
N ASP A 26 6.04 -5.50 8.20
CA ASP A 26 5.61 -6.88 7.94
C ASP A 26 4.94 -6.98 6.57
N GLY A 27 5.59 -6.42 5.56
CA GLY A 27 5.03 -6.47 4.21
C GLY A 27 3.67 -5.83 4.12
N ASP A 28 3.49 -4.72 4.85
CA ASP A 28 2.21 -4.01 4.85
C ASP A 28 1.99 -3.30 3.52
N LEU A 29 0.90 -3.65 2.84
CA LEU A 29 0.58 -3.04 1.56
C LEU A 29 -0.01 -1.65 1.75
N TYR A 30 0.69 -0.64 1.25
CA TYR A 30 0.24 0.74 1.37
C TYR A 30 -0.01 1.35 0.00
N CYS A 31 -0.59 2.54 -0.02
CA CYS A 31 -0.88 3.24 -1.27
C CYS A 31 0.13 4.35 -1.53
N ALA A 32 -0.13 5.16 -2.55
CA ALA A 32 0.76 6.26 -2.89
C ALA A 32 0.42 7.51 -2.08
N ARG A 33 -0.65 7.43 -1.29
CA ARG A 33 -1.06 8.56 -0.47
C ARG A 33 -0.75 8.30 1.00
N CYS A 34 -1.58 7.49 1.65
CA CYS A 34 -1.40 7.17 3.06
C CYS A 34 0.09 6.98 3.38
N PHE A 35 0.81 6.36 2.45
CA PHE A 35 2.24 6.10 2.63
C PHE A 35 3.02 7.41 2.67
N ARG A 36 2.88 8.21 1.62
CA ARG A 36 3.57 9.49 1.53
C ARG A 36 3.08 10.46 2.60
N GLU A 37 2.02 10.06 3.30
CA GLU A 37 1.44 10.89 4.35
C GLU A 37 2.11 10.61 5.70
N GLY A 38 2.38 9.35 5.97
CA GLY A 38 3.02 8.97 7.22
C GLY A 38 4.42 8.40 7.02
N HIS A 39 4.58 7.62 5.96
CA HIS A 39 5.87 7.01 5.65
C HIS A 39 6.76 7.99 4.88
N ASP A 40 6.79 9.23 5.34
CA ASP A 40 7.60 10.27 4.70
C ASP A 40 8.37 11.08 5.73
N ASN A 41 8.14 10.77 7.01
CA ASN A 41 8.80 11.47 8.10
C ASN A 41 9.40 10.49 9.10
N PHE A 42 8.77 9.32 9.22
CA PHE A 42 9.23 8.29 10.14
C PHE A 42 10.60 7.77 9.73
N ASP A 43 11.08 6.76 10.45
CA ASP A 43 12.38 6.16 10.15
C ASP A 43 12.30 5.27 8.92
N LEU A 44 11.63 5.76 7.89
CA LEU A 44 11.47 5.02 6.64
C LEU A 44 12.84 4.67 6.05
N LYS A 45 13.89 5.30 6.57
CA LYS A 45 15.24 5.06 6.10
C LYS A 45 15.54 3.56 6.04
N GLU A 46 14.72 2.78 6.75
CA GLU A 46 14.90 1.33 6.79
C GLU A 46 13.71 0.62 6.17
N HIS A 47 12.53 1.21 6.31
CA HIS A 47 11.30 0.64 5.76
C HIS A 47 11.40 0.49 4.25
N GLN A 48 12.14 -0.53 3.82
CA GLN A 48 12.32 -0.79 2.39
C GLN A 48 11.04 -1.33 1.77
N THR A 49 10.30 -0.46 1.10
CA THR A 49 9.04 -0.85 0.46
C THR A 49 9.30 -1.57 -0.86
N SER A 50 8.22 -1.99 -1.51
CA SER A 50 8.34 -2.69 -2.79
C SER A 50 7.12 -2.42 -3.67
N PRO A 51 7.34 -2.39 -4.99
CA PRO A 51 6.26 -2.13 -5.96
C PRO A 51 5.29 -3.31 -6.06
N TYR A 52 4.36 -3.37 -5.10
CA TYR A 52 3.37 -4.44 -5.08
C TYR A 52 2.25 -4.17 -6.09
N HIS A 53 1.84 -5.21 -6.80
CA HIS A 53 0.78 -5.10 -7.80
C HIS A 53 -0.21 -6.25 -7.67
N PRO A 54 -1.31 -6.00 -6.94
CA PRO A 54 -2.37 -7.00 -6.73
C PRO A 54 -3.15 -7.29 -8.01
N ARG A 55 -4.15 -8.16 -7.88
CA ARG A 55 -4.98 -8.53 -9.03
C ARG A 55 -5.69 -7.31 -9.59
N ARG A 56 -5.71 -7.19 -10.92
CA ARG A 56 -6.35 -6.07 -11.59
C ARG A 56 -7.56 -5.59 -10.78
N PRO A 57 -7.34 -4.57 -9.94
CA PRO A 57 -8.39 -3.99 -9.11
C PRO A 57 -9.43 -3.23 -9.92
N CYS A 58 -10.41 -2.66 -9.23
CA CYS A 58 -11.47 -1.89 -9.89
C CYS A 58 -11.51 -0.46 -9.38
N GLN A 59 -10.94 0.46 -10.16
CA GLN A 59 -10.91 1.86 -9.79
C GLN A 59 -11.40 2.75 -10.93
N GLU A 60 -11.99 3.88 -10.58
CA GLU A 60 -12.51 4.81 -11.58
C GLU A 60 -11.89 6.20 -11.41
N HIS A 61 -12.03 6.75 -10.20
CA HIS A 61 -11.48 8.07 -9.90
C HIS A 61 -9.96 8.02 -9.78
N SER A 62 -9.28 8.72 -10.69
CA SER A 62 -7.82 8.75 -10.69
C SER A 62 -7.31 10.18 -10.77
N GLY A 63 -6.69 10.64 -9.68
CA GLY A 63 -6.16 11.98 -9.65
C GLY A 63 -7.24 13.04 -9.84
N PRO A 64 -8.09 13.22 -8.82
CA PRO A 64 -9.17 14.20 -8.86
C PRO A 64 -8.66 15.63 -8.82
N SER A 65 -7.49 15.83 -8.24
CA SER A 65 -6.90 17.15 -8.14
C SER A 65 -7.95 18.20 -7.80
N SER A 66 -8.85 17.84 -6.88
CA SER A 66 -9.92 18.76 -6.46
C SER A 66 -9.90 18.95 -4.95
N GLY A 67 -8.70 19.11 -4.39
CA GLY A 67 -8.57 19.30 -2.96
C GLY A 67 -9.39 18.31 -2.15
N GLY A 1 0.62 -2.28 20.64
CA GLY A 1 0.08 -3.64 20.64
C GLY A 1 -0.88 -3.88 19.50
N SER A 2 -0.66 -4.98 18.78
CA SER A 2 -1.51 -5.33 17.65
C SER A 2 -2.21 -6.67 17.89
N SER A 3 -3.31 -6.89 17.18
CA SER A 3 -4.08 -8.11 17.32
C SER A 3 -4.97 -8.34 16.11
N GLY A 4 -5.06 -9.59 15.67
CA GLY A 4 -5.89 -9.92 14.52
C GLY A 4 -5.27 -9.46 13.22
N SER A 5 -3.96 -9.63 13.09
CA SER A 5 -3.24 -9.22 11.88
C SER A 5 -3.25 -10.34 10.84
N SER A 6 -3.74 -10.03 9.65
CA SER A 6 -3.83 -11.00 8.57
C SER A 6 -3.20 -10.45 7.29
N GLY A 7 -3.57 -9.22 6.94
CA GLY A 7 -3.04 -8.60 5.75
C GLY A 7 -4.05 -8.56 4.61
N LEU A 8 -4.29 -7.36 4.09
CA LEU A 8 -5.25 -7.19 2.99
C LEU A 8 -4.52 -6.92 1.68
N PRO A 9 -5.19 -7.25 0.56
CA PRO A 9 -4.63 -7.06 -0.78
C PRO A 9 -4.53 -5.58 -1.15
N TRP A 10 -5.26 -4.73 -0.42
CA TRP A 10 -5.25 -3.30 -0.68
C TRP A 10 -4.54 -2.55 0.45
N CYS A 11 -4.47 -1.23 0.32
CA CYS A 11 -3.82 -0.40 1.32
C CYS A 11 -4.34 -0.72 2.71
N CYS A 12 -3.41 -0.95 3.64
CA CYS A 12 -3.77 -1.27 5.02
C CYS A 12 -4.41 -0.07 5.70
N ILE A 13 -4.49 1.05 4.99
CA ILE A 13 -5.07 2.27 5.53
C ILE A 13 -6.48 2.49 5.00
N CYS A 14 -6.60 2.73 3.70
CA CYS A 14 -7.89 2.95 3.07
C CYS A 14 -8.48 1.64 2.55
N ASN A 15 -7.60 0.73 2.16
CA ASN A 15 -8.03 -0.56 1.64
C ASN A 15 -8.68 -0.42 0.27
N GLU A 16 -8.17 0.53 -0.52
CA GLU A 16 -8.71 0.78 -1.86
C GLU A 16 -7.84 0.10 -2.92
N ASP A 17 -6.60 0.56 -3.04
CA ASP A 17 -5.67 0.00 -4.01
C ASP A 17 -4.23 0.17 -3.54
N ALA A 18 -3.63 -0.93 -3.09
CA ALA A 18 -2.25 -0.91 -2.61
C ALA A 18 -1.26 -0.98 -3.76
N THR A 19 -0.30 -0.07 -3.77
CA THR A 19 0.71 -0.04 -4.83
C THR A 19 2.12 -0.11 -4.24
N LEU A 20 2.21 -0.45 -2.97
CA LEU A 20 3.49 -0.57 -2.29
C LEU A 20 3.43 -1.60 -1.16
N ARG A 21 4.59 -2.16 -0.82
CA ARG A 21 4.66 -3.17 0.23
C ARG A 21 5.82 -2.87 1.18
N CYS A 22 5.49 -2.38 2.37
CA CYS A 22 6.50 -2.05 3.37
C CYS A 22 7.03 -3.32 4.04
N ALA A 23 8.35 -3.48 4.01
CA ALA A 23 9.00 -4.65 4.62
C ALA A 23 9.15 -4.47 6.12
N GLY A 24 9.37 -3.23 6.55
CA GLY A 24 9.52 -2.95 7.96
C GLY A 24 8.22 -3.05 8.73
N CYS A 25 7.11 -2.98 8.00
CA CYS A 25 5.79 -3.06 8.62
C CYS A 25 5.19 -4.46 8.43
N ASP A 26 6.05 -5.45 8.26
CA ASP A 26 5.60 -6.82 8.08
C ASP A 26 4.96 -7.01 6.70
N GLY A 27 5.58 -6.41 5.68
CA GLY A 27 5.06 -6.51 4.34
C GLY A 27 3.70 -5.84 4.19
N ASP A 28 3.44 -4.85 5.03
CA ASP A 28 2.17 -4.13 4.98
C ASP A 28 2.02 -3.38 3.66
N LEU A 29 0.95 -3.69 2.93
CA LEU A 29 0.68 -3.05 1.65
C LEU A 29 0.09 -1.67 1.84
N TYR A 30 0.72 -0.66 1.23
CA TYR A 30 0.25 0.71 1.34
C TYR A 30 0.02 1.32 -0.04
N CYS A 31 -0.55 2.51 -0.06
CA CYS A 31 -0.84 3.20 -1.31
C CYS A 31 0.17 4.33 -1.55
N ALA A 32 -0.08 5.12 -2.59
CA ALA A 32 0.80 6.23 -2.93
C ALA A 32 0.44 7.48 -2.14
N ARG A 33 -0.67 7.41 -1.40
CA ARG A 33 -1.13 8.54 -0.60
C ARG A 33 -0.78 8.32 0.88
N CYS A 34 -1.59 7.51 1.55
CA CYS A 34 -1.38 7.22 2.97
C CYS A 34 0.10 7.03 3.27
N PHE A 35 0.80 6.34 2.36
CA PHE A 35 2.22 6.08 2.53
C PHE A 35 3.00 7.39 2.58
N ARG A 36 2.95 8.15 1.48
CA ARG A 36 3.66 9.42 1.40
C ARG A 36 3.15 10.39 2.45
N GLU A 37 2.06 10.02 3.13
CA GLU A 37 1.47 10.86 4.16
C GLU A 37 2.08 10.56 5.52
N GLY A 38 2.33 9.28 5.78
CA GLY A 38 2.90 8.88 7.05
C GLY A 38 4.34 8.40 6.91
N HIS A 39 4.59 7.57 5.90
CA HIS A 39 5.92 7.05 5.65
C HIS A 39 6.80 8.08 4.96
N ASP A 40 6.73 9.32 5.43
CA ASP A 40 7.52 10.41 4.86
C ASP A 40 8.24 11.19 5.95
N ASN A 41 8.12 10.72 7.18
CA ASN A 41 8.76 11.38 8.32
C ASN A 41 9.45 10.36 9.23
N PHE A 42 8.73 9.28 9.53
CA PHE A 42 9.26 8.23 10.39
C PHE A 42 10.64 7.79 9.91
N ASP A 43 11.20 6.79 10.59
CA ASP A 43 12.52 6.27 10.23
C ASP A 43 12.43 5.36 9.01
N LEU A 44 11.68 5.80 8.01
CA LEU A 44 11.52 5.02 6.78
C LEU A 44 12.87 4.61 6.21
N LYS A 45 13.93 5.27 6.67
CA LYS A 45 15.27 4.98 6.21
C LYS A 45 15.51 3.47 6.13
N GLU A 46 14.76 2.73 6.93
CA GLU A 46 14.88 1.27 6.96
C GLU A 46 13.71 0.61 6.24
N HIS A 47 12.52 1.18 6.42
CA HIS A 47 11.33 0.64 5.78
C HIS A 47 11.48 0.59 4.26
N GLN A 48 11.91 -0.56 3.76
CA GLN A 48 12.11 -0.74 2.33
C GLN A 48 10.82 -1.24 1.65
N THR A 49 10.18 -0.35 0.89
CA THR A 49 8.94 -0.71 0.20
C THR A 49 9.23 -1.27 -1.18
N SER A 50 8.21 -1.85 -1.80
CA SER A 50 8.36 -2.43 -3.13
C SER A 50 7.05 -2.30 -3.93
N PRO A 51 7.17 -2.36 -5.26
CA PRO A 51 6.02 -2.25 -6.16
C PRO A 51 5.11 -3.48 -6.09
N TYR A 52 4.14 -3.43 -5.19
CA TYR A 52 3.20 -4.53 -5.01
C TYR A 52 1.87 -4.23 -5.69
N HIS A 53 1.49 -5.06 -6.65
CA HIS A 53 0.23 -4.88 -7.37
C HIS A 53 -0.62 -6.15 -7.32
N PRO A 54 -1.78 -6.05 -6.65
CA PRO A 54 -2.71 -7.17 -6.51
C PRO A 54 -3.37 -7.55 -7.84
N ARG A 55 -4.26 -8.54 -7.79
CA ARG A 55 -4.97 -8.99 -8.98
C ARG A 55 -6.20 -8.14 -9.24
N ARG A 56 -6.15 -6.88 -8.80
CA ARG A 56 -7.27 -5.97 -8.99
C ARG A 56 -7.31 -5.44 -10.42
N PRO A 57 -6.20 -4.86 -10.87
CA PRO A 57 -6.08 -4.30 -12.21
C PRO A 57 -6.06 -5.38 -13.29
N CYS A 58 -5.15 -6.35 -13.11
CA CYS A 58 -5.02 -7.45 -14.07
C CYS A 58 -5.31 -6.97 -15.49
N GLN A 59 -4.88 -5.75 -15.80
CA GLN A 59 -5.10 -5.18 -17.12
C GLN A 59 -3.93 -4.28 -17.52
N GLU A 60 -3.53 -4.36 -18.79
CA GLU A 60 -2.42 -3.55 -19.29
C GLU A 60 -2.87 -2.70 -20.47
N HIS A 61 -2.13 -1.63 -20.73
CA HIS A 61 -2.43 -0.73 -21.84
C HIS A 61 -1.57 -1.03 -23.06
N SER A 62 -2.21 -1.20 -24.21
CA SER A 62 -1.49 -1.49 -25.44
C SER A 62 -1.66 -0.36 -26.46
N GLY A 63 -0.79 -0.34 -27.46
CA GLY A 63 -0.86 0.69 -28.48
C GLY A 63 0.49 1.30 -28.77
N PRO A 64 1.01 2.09 -27.82
CA PRO A 64 2.31 2.76 -27.97
C PRO A 64 3.47 1.77 -27.92
N SER A 65 4.04 1.47 -29.08
CA SER A 65 5.15 0.54 -29.17
C SER A 65 6.48 1.28 -29.14
N SER A 66 7.55 0.56 -28.78
CA SER A 66 8.88 1.16 -28.71
C SER A 66 8.84 2.47 -27.92
N GLY A 67 8.10 2.47 -26.82
CA GLY A 67 8.00 3.66 -26.00
C GLY A 67 9.34 4.09 -25.43
N GLY A 1 7.68 -14.09 5.15
CA GLY A 1 8.51 -15.17 5.64
C GLY A 1 7.79 -16.06 6.65
N SER A 2 7.68 -15.55 7.89
CA SER A 2 7.01 -16.30 8.94
C SER A 2 5.55 -16.57 8.59
N SER A 3 4.97 -17.57 9.23
CA SER A 3 3.58 -17.94 8.98
C SER A 3 2.65 -17.22 9.95
N GLY A 4 1.51 -16.76 9.45
CA GLY A 4 0.56 -16.06 10.28
C GLY A 4 0.64 -14.55 10.13
N SER A 5 -0.26 -13.99 9.33
CA SER A 5 -0.27 -12.55 9.10
C SER A 5 -1.52 -12.13 8.32
N SER A 6 -2.19 -11.10 8.80
CA SER A 6 -3.41 -10.61 8.14
C SER A 6 -3.12 -9.32 7.37
N GLY A 7 -2.60 -9.47 6.16
CA GLY A 7 -2.29 -8.32 5.33
C GLY A 7 -3.20 -8.20 4.13
N LEU A 8 -4.23 -7.36 4.24
CA LEU A 8 -5.18 -7.17 3.15
C LEU A 8 -4.45 -6.90 1.84
N PRO A 9 -5.10 -7.24 0.72
CA PRO A 9 -4.55 -7.05 -0.62
C PRO A 9 -4.46 -5.58 -1.00
N TRP A 10 -5.24 -4.75 -0.31
CA TRP A 10 -5.25 -3.31 -0.58
C TRP A 10 -4.57 -2.53 0.54
N CYS A 11 -4.42 -1.23 0.36
CA CYS A 11 -3.78 -0.38 1.34
C CYS A 11 -4.28 -0.71 2.74
N CYS A 12 -3.35 -0.99 3.65
CA CYS A 12 -3.69 -1.32 5.03
C CYS A 12 -4.33 -0.12 5.74
N ILE A 13 -4.40 1.00 5.04
CA ILE A 13 -4.98 2.21 5.60
C ILE A 13 -6.40 2.43 5.09
N CYS A 14 -6.53 2.66 3.79
CA CYS A 14 -7.83 2.88 3.17
C CYS A 14 -8.40 1.58 2.61
N ASN A 15 -7.50 0.68 2.22
CA ASN A 15 -7.91 -0.60 1.67
C ASN A 15 -8.58 -0.42 0.31
N GLU A 16 -8.08 0.53 -0.47
CA GLU A 16 -8.63 0.81 -1.80
C GLU A 16 -7.76 0.18 -2.88
N ASP A 17 -6.48 0.54 -2.89
CA ASP A 17 -5.55 0.02 -3.88
C ASP A 17 -4.10 0.18 -3.40
N ALA A 18 -3.50 -0.93 -2.98
CA ALA A 18 -2.13 -0.91 -2.49
C ALA A 18 -1.14 -0.95 -3.65
N THR A 19 -0.31 0.07 -3.75
CA THR A 19 0.69 0.16 -4.81
C THR A 19 2.10 0.03 -4.27
N LEU A 20 2.19 -0.30 -2.98
CA LEU A 20 3.49 -0.46 -2.33
C LEU A 20 3.42 -1.49 -1.20
N ARG A 21 4.56 -2.09 -0.88
CA ARG A 21 4.61 -3.09 0.18
C ARG A 21 5.75 -2.78 1.15
N CYS A 22 5.39 -2.39 2.37
CA CYS A 22 6.39 -2.07 3.40
C CYS A 22 6.97 -3.33 4.00
N ALA A 23 8.29 -3.47 3.95
CA ALA A 23 8.96 -4.63 4.49
C ALA A 23 9.13 -4.51 6.00
N GLY A 24 9.31 -3.28 6.48
CA GLY A 24 9.47 -3.06 7.90
C GLY A 24 8.18 -3.21 8.66
N CYS A 25 7.06 -3.07 7.96
CA CYS A 25 5.74 -3.19 8.58
C CYS A 25 5.17 -4.59 8.37
N ASP A 26 6.06 -5.57 8.20
CA ASP A 26 5.64 -6.95 7.99
C ASP A 26 4.96 -7.11 6.64
N GLY A 27 5.53 -6.49 5.61
CA GLY A 27 4.96 -6.58 4.29
C GLY A 27 3.61 -5.90 4.18
N ASP A 28 3.44 -4.81 4.92
CA ASP A 28 2.19 -4.07 4.92
C ASP A 28 2.02 -3.31 3.61
N LEU A 29 0.99 -3.68 2.84
CA LEU A 29 0.73 -3.03 1.56
C LEU A 29 0.12 -1.64 1.77
N TYR A 30 0.77 -0.63 1.22
CA TYR A 30 0.30 0.75 1.34
C TYR A 30 0.06 1.37 -0.03
N CYS A 31 -0.58 2.53 -0.03
CA CYS A 31 -0.86 3.24 -1.28
C CYS A 31 0.14 4.36 -1.52
N ALA A 32 -0.12 5.17 -2.55
CA ALA A 32 0.77 6.27 -2.88
C ALA A 32 0.42 7.51 -2.07
N ARG A 33 -0.68 7.45 -1.34
CA ARG A 33 -1.13 8.57 -0.52
C ARG A 33 -0.77 8.34 0.95
N CYS A 34 -1.58 7.52 1.62
CA CYS A 34 -1.36 7.22 3.03
C CYS A 34 0.14 7.02 3.32
N PHE A 35 0.82 6.38 2.38
CA PHE A 35 2.26 6.12 2.53
C PHE A 35 3.05 7.43 2.55
N ARG A 36 3.00 8.15 1.43
CA ARG A 36 3.71 9.42 1.31
C ARG A 36 3.23 10.42 2.37
N GLU A 37 2.13 10.07 3.03
CA GLU A 37 1.57 10.94 4.07
C GLU A 37 2.25 10.69 5.41
N GLY A 38 2.37 9.42 5.78
CA GLY A 38 3.00 9.07 7.04
C GLY A 38 4.39 8.48 6.85
N HIS A 39 4.53 7.63 5.84
CA HIS A 39 5.80 6.99 5.56
C HIS A 39 6.74 7.94 4.82
N ASP A 40 6.75 9.20 5.25
CA ASP A 40 7.60 10.22 4.65
C ASP A 40 8.33 11.03 5.71
N ASN A 41 8.15 10.65 6.97
CA ASN A 41 8.78 11.35 8.08
C ASN A 41 9.40 10.36 9.06
N PHE A 42 8.66 9.30 9.36
CA PHE A 42 9.13 8.28 10.29
C PHE A 42 10.52 7.77 9.89
N ASP A 43 10.98 6.73 10.57
CA ASP A 43 12.29 6.15 10.29
C ASP A 43 12.23 5.28 9.04
N LEU A 44 11.49 5.74 8.04
CA LEU A 44 11.35 5.00 6.79
C LEU A 44 12.72 4.59 6.24
N LYS A 45 13.76 5.28 6.69
CA LYS A 45 15.12 4.99 6.25
C LYS A 45 15.36 3.48 6.20
N GLU A 46 14.58 2.73 6.97
CA GLU A 46 14.72 1.29 7.01
C GLU A 46 13.54 0.60 6.31
N HIS A 47 12.35 1.19 6.46
CA HIS A 47 11.15 0.64 5.84
C HIS A 47 11.29 0.60 4.33
N GLN A 48 11.90 -0.47 3.83
CA GLN A 48 12.09 -0.63 2.39
C GLN A 48 10.83 -1.13 1.72
N THR A 49 10.20 -0.28 0.91
CA THR A 49 8.98 -0.63 0.21
C THR A 49 9.28 -1.32 -1.12
N SER A 50 8.24 -1.84 -1.76
CA SER A 50 8.40 -2.52 -3.04
C SER A 50 7.16 -2.35 -3.90
N PRO A 51 7.35 -2.43 -5.23
CA PRO A 51 6.25 -2.28 -6.20
C PRO A 51 5.29 -3.47 -6.16
N TYR A 52 4.24 -3.35 -5.35
CA TYR A 52 3.25 -4.41 -5.23
C TYR A 52 2.00 -4.08 -6.03
N HIS A 53 1.30 -5.13 -6.47
CA HIS A 53 0.08 -4.96 -7.26
C HIS A 53 -0.92 -6.06 -6.96
N PRO A 54 -2.00 -5.71 -6.26
CA PRO A 54 -3.06 -6.66 -5.89
C PRO A 54 -3.87 -7.13 -7.10
N ARG A 55 -5.03 -7.71 -6.84
CA ARG A 55 -5.89 -8.20 -7.91
C ARG A 55 -6.20 -7.09 -8.91
N ARG A 56 -5.93 -5.85 -8.51
CA ARG A 56 -6.18 -4.70 -9.36
C ARG A 56 -7.68 -4.54 -9.66
N PRO A 57 -8.48 -4.47 -8.58
CA PRO A 57 -9.93 -4.33 -8.70
C PRO A 57 -10.34 -2.95 -9.22
N CYS A 58 -11.21 -2.94 -10.22
CA CYS A 58 -11.68 -1.68 -10.82
C CYS A 58 -12.76 -1.06 -9.95
N GLN A 59 -12.52 -1.02 -8.65
CA GLN A 59 -13.49 -0.44 -7.72
C GLN A 59 -12.88 0.74 -6.97
N GLU A 60 -13.00 1.93 -7.56
CA GLU A 60 -12.45 3.14 -6.95
C GLU A 60 -13.48 4.27 -6.99
N HIS A 61 -13.84 4.77 -5.82
CA HIS A 61 -14.82 5.86 -5.72
C HIS A 61 -14.49 6.98 -6.70
N SER A 62 -15.37 7.97 -6.78
CA SER A 62 -15.18 9.09 -7.70
C SER A 62 -14.77 10.34 -6.91
N GLY A 63 -15.54 10.69 -5.90
CA GLY A 63 -15.24 11.86 -5.10
C GLY A 63 -16.22 12.04 -3.96
N PRO A 64 -16.46 13.32 -3.59
CA PRO A 64 -17.38 13.65 -2.49
C PRO A 64 -18.84 13.38 -2.85
N SER A 65 -19.05 12.84 -4.06
CA SER A 65 -20.41 12.53 -4.52
C SER A 65 -21.01 11.39 -3.71
N SER A 66 -22.28 11.10 -3.97
CA SER A 66 -22.98 10.03 -3.28
C SER A 66 -22.54 8.66 -3.78
N GLY A 67 -22.06 7.82 -2.88
CA GLY A 67 -21.60 6.50 -3.25
C GLY A 67 -20.11 6.43 -3.47
N GLY A 1 -16.63 -8.01 7.97
CA GLY A 1 -15.25 -7.66 7.71
C GLY A 1 -14.31 -8.82 7.90
N SER A 2 -13.85 -9.41 6.79
CA SER A 2 -12.95 -10.55 6.83
C SER A 2 -11.57 -10.16 6.34
N SER A 3 -10.57 -10.30 7.19
CA SER A 3 -9.19 -9.96 6.84
C SER A 3 -8.42 -11.20 6.41
N GLY A 4 -8.60 -12.29 7.16
CA GLY A 4 -7.91 -13.53 6.84
C GLY A 4 -6.55 -13.61 7.50
N SER A 5 -6.45 -13.16 8.75
CA SER A 5 -5.19 -13.19 9.47
C SER A 5 -4.02 -12.91 8.55
N SER A 6 -4.20 -11.95 7.65
CA SER A 6 -3.15 -11.60 6.69
C SER A 6 -3.33 -10.16 6.19
N GLY A 7 -2.25 -9.57 5.72
CA GLY A 7 -2.31 -8.21 5.21
C GLY A 7 -3.18 -8.08 3.97
N LEU A 8 -4.34 -7.46 4.14
CA LEU A 8 -5.27 -7.29 3.02
C LEU A 8 -4.50 -7.00 1.73
N PRO A 9 -5.14 -7.32 0.59
CA PRO A 9 -4.56 -7.10 -0.74
C PRO A 9 -4.45 -5.61 -1.09
N TRP A 10 -5.29 -4.81 -0.46
CA TRP A 10 -5.29 -3.37 -0.71
C TRP A 10 -4.60 -2.62 0.41
N CYS A 11 -4.50 -1.30 0.27
CA CYS A 11 -3.87 -0.46 1.28
C CYS A 11 -4.39 -0.81 2.67
N CYS A 12 -3.46 -1.04 3.60
CA CYS A 12 -3.84 -1.38 4.97
C CYS A 12 -4.49 -0.18 5.67
N ILE A 13 -4.59 0.93 4.95
CA ILE A 13 -5.18 2.14 5.50
C ILE A 13 -6.59 2.36 4.95
N CYS A 14 -6.67 2.61 3.65
CA CYS A 14 -7.96 2.84 3.00
C CYS A 14 -8.52 1.53 2.43
N ASN A 15 -7.62 0.62 2.07
CA ASN A 15 -8.01 -0.67 1.51
C ASN A 15 -8.64 -0.49 0.13
N GLU A 16 -8.14 0.49 -0.62
CA GLU A 16 -8.65 0.76 -1.97
C GLU A 16 -7.76 0.11 -3.02
N ASP A 17 -6.48 0.47 -3.02
CA ASP A 17 -5.53 -0.07 -3.98
C ASP A 17 -4.10 0.10 -3.48
N ALA A 18 -3.50 -1.00 -3.02
CA ALA A 18 -2.13 -0.96 -2.52
C ALA A 18 -1.12 -1.00 -3.66
N THR A 19 -0.28 0.03 -3.73
CA THR A 19 0.73 0.12 -4.78
C THR A 19 2.14 0.02 -4.19
N LEU A 20 2.21 -0.34 -2.92
CA LEU A 20 3.50 -0.48 -2.24
C LEU A 20 3.42 -1.51 -1.13
N ARG A 21 4.56 -2.10 -0.79
CA ARG A 21 4.62 -3.11 0.26
C ARG A 21 5.77 -2.83 1.22
N CYS A 22 5.44 -2.36 2.42
CA CYS A 22 6.45 -2.05 3.42
C CYS A 22 7.00 -3.32 4.05
N ALA A 23 8.32 -3.48 4.01
CA ALA A 23 8.97 -4.66 4.58
C ALA A 23 9.13 -4.52 6.08
N GLY A 24 9.36 -3.29 6.54
CA GLY A 24 9.53 -3.04 7.97
C GLY A 24 8.22 -3.15 8.73
N CYS A 25 7.11 -3.07 8.02
CA CYS A 25 5.79 -3.16 8.64
C CYS A 25 5.19 -4.55 8.44
N ASP A 26 6.05 -5.54 8.26
CA ASP A 26 5.61 -6.91 8.06
C ASP A 26 4.94 -7.07 6.69
N GLY A 27 5.54 -6.45 5.68
CA GLY A 27 4.98 -6.52 4.34
C GLY A 27 3.63 -5.85 4.22
N ASP A 28 3.41 -4.82 5.03
CA ASP A 28 2.15 -4.09 5.01
C ASP A 28 1.99 -3.31 3.71
N LEU A 29 0.97 -3.67 2.94
CA LEU A 29 0.70 -3.00 1.67
C LEU A 29 0.11 -1.61 1.90
N TYR A 30 0.67 -0.62 1.22
CA TYR A 30 0.20 0.76 1.34
C TYR A 30 0.00 1.39 -0.03
N CYS A 31 -0.64 2.57 -0.04
CA CYS A 31 -0.90 3.28 -1.28
C CYS A 31 0.12 4.38 -1.50
N ALA A 32 -0.12 5.21 -2.52
CA ALA A 32 0.79 6.31 -2.84
C ALA A 32 0.46 7.54 -2.01
N ARG A 33 -0.65 7.48 -1.27
CA ARG A 33 -1.07 8.60 -0.45
C ARG A 33 -0.77 8.32 1.03
N CYS A 34 -1.63 7.51 1.65
CA CYS A 34 -1.45 7.17 3.06
C CYS A 34 0.02 6.98 3.40
N PHE A 35 0.76 6.37 2.47
CA PHE A 35 2.19 6.14 2.66
C PHE A 35 2.96 7.45 2.72
N ARG A 36 2.91 8.21 1.63
CA ARG A 36 3.61 9.49 1.57
C ARG A 36 3.15 10.42 2.69
N GLU A 37 2.01 10.11 3.28
CA GLU A 37 1.46 10.91 4.37
C GLU A 37 2.28 10.72 5.65
N GLY A 38 2.48 9.46 6.03
CA GLY A 38 3.24 9.17 7.23
C GLY A 38 4.58 8.56 6.92
N HIS A 39 4.62 7.68 5.93
CA HIS A 39 5.86 7.01 5.55
C HIS A 39 6.75 7.95 4.74
N ASP A 40 6.82 9.20 5.16
CA ASP A 40 7.63 10.20 4.49
C ASP A 40 8.43 11.04 5.48
N ASN A 41 8.28 10.71 6.76
CA ASN A 41 8.99 11.42 7.83
C ASN A 41 9.59 10.45 8.83
N PHE A 42 8.82 9.42 9.18
CA PHE A 42 9.28 8.42 10.13
C PHE A 42 10.65 7.88 9.74
N ASP A 43 11.13 6.89 10.48
CA ASP A 43 12.43 6.28 10.21
C ASP A 43 12.35 5.35 9.01
N LEU A 44 11.65 5.79 7.97
CA LEU A 44 11.49 4.99 6.76
C LEU A 44 12.85 4.55 6.22
N LYS A 45 13.91 5.20 6.70
CA LYS A 45 15.26 4.88 6.27
C LYS A 45 15.49 3.36 6.28
N GLU A 46 14.67 2.65 7.03
CA GLU A 46 14.78 1.20 7.13
C GLU A 46 13.60 0.52 6.44
N HIS A 47 12.45 1.18 6.46
CA HIS A 47 11.24 0.64 5.85
C HIS A 47 11.39 0.59 4.33
N GLN A 48 11.89 -0.53 3.82
CA GLN A 48 12.08 -0.70 2.39
C GLN A 48 10.81 -1.21 1.73
N THR A 49 10.19 -0.35 0.91
CA THR A 49 8.96 -0.72 0.23
C THR A 49 9.25 -1.27 -1.17
N SER A 50 8.22 -1.79 -1.82
CA SER A 50 8.36 -2.34 -3.16
C SER A 50 7.06 -2.20 -3.96
N PRO A 51 7.19 -2.20 -5.29
CA PRO A 51 6.04 -2.07 -6.19
C PRO A 51 5.15 -3.30 -6.17
N TYR A 52 4.24 -3.34 -5.21
CA TYR A 52 3.32 -4.47 -5.08
C TYR A 52 1.99 -4.17 -5.77
N HIS A 53 1.73 -4.88 -6.86
CA HIS A 53 0.50 -4.69 -7.62
C HIS A 53 -0.41 -5.91 -7.48
N PRO A 54 -1.55 -5.74 -6.79
CA PRO A 54 -2.52 -6.81 -6.56
C PRO A 54 -3.25 -7.20 -7.84
N ARG A 55 -4.03 -8.27 -7.78
CA ARG A 55 -4.79 -8.74 -8.93
C ARG A 55 -5.32 -7.57 -9.75
N ARG A 56 -4.77 -7.41 -10.95
CA ARG A 56 -5.19 -6.32 -11.84
C ARG A 56 -6.64 -5.94 -11.57
N PRO A 57 -6.85 -4.94 -10.69
CA PRO A 57 -8.19 -4.46 -10.34
C PRO A 57 -8.85 -3.72 -11.49
N CYS A 58 -10.12 -3.36 -11.31
CA CYS A 58 -10.87 -2.65 -12.33
C CYS A 58 -11.31 -1.27 -11.82
N GLN A 59 -10.52 -0.26 -12.16
CA GLN A 59 -10.81 1.11 -11.74
C GLN A 59 -11.47 1.90 -12.87
N GLU A 60 -12.40 1.26 -13.56
CA GLU A 60 -13.10 1.89 -14.67
C GLU A 60 -14.30 2.70 -14.15
N HIS A 61 -14.02 3.78 -13.44
CA HIS A 61 -15.06 4.64 -12.90
C HIS A 61 -16.11 4.97 -13.96
N SER A 62 -17.28 4.35 -13.84
CA SER A 62 -18.36 4.58 -14.79
C SER A 62 -19.39 5.55 -14.23
N GLY A 63 -19.07 6.84 -14.30
CA GLY A 63 -19.99 7.85 -13.79
C GLY A 63 -20.13 9.03 -14.73
N PRO A 64 -21.36 9.32 -15.16
CA PRO A 64 -21.66 10.43 -16.07
C PRO A 64 -21.47 11.78 -15.41
N SER A 65 -20.52 12.57 -15.92
CA SER A 65 -20.23 13.88 -15.38
C SER A 65 -20.50 14.96 -16.42
N SER A 66 -20.45 16.22 -15.99
CA SER A 66 -20.69 17.35 -16.88
C SER A 66 -19.36 17.93 -17.38
N GLY A 67 -19.44 18.69 -18.47
CA GLY A 67 -18.25 19.29 -19.03
C GLY A 67 -17.46 20.10 -18.02
N GLY A 1 -9.23 -17.57 16.56
CA GLY A 1 -9.40 -18.81 15.83
C GLY A 1 -8.81 -18.74 14.43
N SER A 2 -9.51 -19.32 13.46
CA SER A 2 -9.04 -19.32 12.08
C SER A 2 -9.57 -18.11 11.32
N SER A 3 -10.88 -17.91 11.40
CA SER A 3 -11.52 -16.79 10.71
C SER A 3 -10.87 -15.47 11.10
N GLY A 4 -10.31 -14.79 10.11
CA GLY A 4 -9.65 -13.52 10.36
C GLY A 4 -8.51 -13.26 9.41
N SER A 5 -8.74 -13.48 8.12
CA SER A 5 -7.71 -13.28 7.11
C SER A 5 -6.92 -12.00 7.39
N SER A 6 -5.61 -12.15 7.55
CA SER A 6 -4.73 -11.01 7.83
C SER A 6 -3.95 -10.62 6.59
N GLY A 7 -3.76 -9.32 6.40
CA GLY A 7 -3.01 -8.83 5.26
C GLY A 7 -3.89 -8.66 4.03
N LEU A 8 -4.60 -7.54 3.97
CA LEU A 8 -5.48 -7.26 2.83
C LEU A 8 -4.67 -6.96 1.58
N PRO A 9 -5.26 -7.27 0.41
CA PRO A 9 -4.62 -7.03 -0.89
C PRO A 9 -4.50 -5.55 -1.22
N TRP A 10 -5.31 -4.73 -0.56
CA TRP A 10 -5.30 -3.29 -0.78
C TRP A 10 -4.61 -2.57 0.37
N CYS A 11 -4.50 -1.25 0.26
CA CYS A 11 -3.86 -0.44 1.28
C CYS A 11 -4.39 -0.80 2.67
N CYS A 12 -3.49 -1.07 3.59
CA CYS A 12 -3.86 -1.43 4.96
C CYS A 12 -4.52 -0.24 5.67
N ILE A 13 -4.58 0.89 4.98
CA ILE A 13 -5.18 2.09 5.54
C ILE A 13 -6.58 2.32 5.00
N CYS A 14 -6.68 2.61 3.70
CA CYS A 14 -7.95 2.85 3.06
C CYS A 14 -8.51 1.56 2.45
N ASN A 15 -7.60 0.66 2.06
CA ASN A 15 -8.00 -0.61 1.46
C ASN A 15 -8.61 -0.39 0.08
N GLU A 16 -8.09 0.58 -0.65
CA GLU A 16 -8.59 0.88 -1.99
C GLU A 16 -7.71 0.25 -3.06
N ASP A 17 -6.42 0.58 -3.03
CA ASP A 17 -5.47 0.04 -3.99
C ASP A 17 -4.04 0.19 -3.50
N ALA A 18 -3.45 -0.91 -3.06
CA ALA A 18 -2.08 -0.90 -2.56
C ALA A 18 -1.07 -0.94 -3.70
N THR A 19 -0.19 0.04 -3.75
CA THR A 19 0.82 0.12 -4.79
C THR A 19 2.22 0.03 -4.20
N LEU A 20 2.30 -0.27 -2.91
CA LEU A 20 3.58 -0.40 -2.23
C LEU A 20 3.50 -1.42 -1.10
N ARG A 21 4.62 -2.05 -0.79
CA ARG A 21 4.68 -3.04 0.27
C ARG A 21 5.82 -2.74 1.25
N CYS A 22 5.46 -2.27 2.44
CA CYS A 22 6.45 -1.94 3.46
C CYS A 22 6.99 -3.21 4.12
N ALA A 23 8.31 -3.34 4.10
CA ALA A 23 8.96 -4.51 4.69
C ALA A 23 9.05 -4.36 6.21
N GLY A 24 9.33 -3.16 6.68
CA GLY A 24 9.44 -2.91 8.10
C GLY A 24 8.11 -3.05 8.82
N CYS A 25 7.03 -2.98 8.06
CA CYS A 25 5.68 -3.11 8.63
C CYS A 25 5.10 -4.49 8.36
N ASP A 26 5.97 -5.48 8.21
CA ASP A 26 5.55 -6.85 7.95
C ASP A 26 4.95 -6.97 6.56
N GLY A 27 5.63 -6.39 5.57
CA GLY A 27 5.14 -6.45 4.20
C GLY A 27 3.77 -5.85 4.05
N ASP A 28 3.46 -4.86 4.89
CA ASP A 28 2.15 -4.20 4.85
C ASP A 28 1.97 -3.45 3.53
N LEU A 29 0.86 -3.74 2.85
CA LEU A 29 0.57 -3.10 1.57
C LEU A 29 -0.04 -1.71 1.78
N TYR A 30 0.66 -0.69 1.29
CA TYR A 30 0.19 0.68 1.43
C TYR A 30 -0.07 1.31 0.07
N CYS A 31 -0.55 2.55 0.07
CA CYS A 31 -0.84 3.27 -1.17
C CYS A 31 0.14 4.43 -1.36
N ALA A 32 -0.10 5.22 -2.39
CA ALA A 32 0.75 6.37 -2.69
C ALA A 32 0.38 7.57 -1.84
N ARG A 33 -0.75 7.46 -1.14
CA ARG A 33 -1.22 8.55 -0.28
C ARG A 33 -0.88 8.27 1.19
N CYS A 34 -1.72 7.45 1.84
CA CYS A 34 -1.51 7.11 3.23
C CYS A 34 -0.03 6.91 3.53
N PHE A 35 0.69 6.33 2.57
CA PHE A 35 2.12 6.08 2.73
C PHE A 35 2.91 7.39 2.74
N ARG A 36 2.82 8.13 1.64
CA ARG A 36 3.52 9.40 1.52
C ARG A 36 3.08 10.37 2.62
N GLU A 37 1.98 10.04 3.28
CA GLU A 37 1.45 10.89 4.34
C GLU A 37 2.25 10.69 5.64
N GLY A 38 2.40 9.42 6.03
CA GLY A 38 3.13 9.12 7.26
C GLY A 38 4.48 8.49 6.97
N HIS A 39 4.54 7.63 5.96
CA HIS A 39 5.78 6.96 5.59
C HIS A 39 6.67 7.88 4.76
N ASP A 40 6.72 9.16 5.15
CA ASP A 40 7.53 10.14 4.45
C ASP A 40 8.32 10.99 5.42
N ASN A 41 8.22 10.66 6.71
CA ASN A 41 8.92 11.40 7.75
C ASN A 41 9.63 10.45 8.70
N PHE A 42 8.90 9.43 9.16
CA PHE A 42 9.45 8.45 10.09
C PHE A 42 10.78 7.90 9.58
N ASP A 43 11.36 6.96 10.32
CA ASP A 43 12.63 6.36 9.94
C ASP A 43 12.43 5.36 8.80
N LEU A 44 11.69 5.77 7.78
CA LEU A 44 11.43 4.91 6.63
C LEU A 44 12.74 4.43 6.00
N LYS A 45 13.84 5.07 6.38
CA LYS A 45 15.16 4.71 5.85
C LYS A 45 15.37 3.20 5.93
N GLU A 46 14.59 2.54 6.77
CA GLU A 46 14.70 1.09 6.94
C GLU A 46 13.45 0.39 6.42
N HIS A 47 12.36 1.15 6.32
CA HIS A 47 11.10 0.59 5.85
C HIS A 47 11.12 0.39 4.33
N GLN A 48 12.19 -0.23 3.83
CA GLN A 48 12.34 -0.48 2.40
C GLN A 48 11.07 -1.09 1.83
N THR A 49 10.32 -0.28 1.08
CA THR A 49 9.08 -0.74 0.46
C THR A 49 9.35 -1.41 -0.88
N SER A 50 8.30 -1.98 -1.46
CA SER A 50 8.42 -2.67 -2.75
C SER A 50 7.20 -2.39 -3.62
N PRO A 51 7.43 -2.36 -4.95
CA PRO A 51 6.36 -2.11 -5.92
C PRO A 51 5.37 -3.27 -6.02
N TYR A 52 4.44 -3.31 -5.07
CA TYR A 52 3.43 -4.36 -5.04
C TYR A 52 2.25 -4.02 -5.95
N HIS A 53 1.81 -4.99 -6.74
CA HIS A 53 0.69 -4.80 -7.65
C HIS A 53 -0.28 -5.96 -7.57
N PRO A 54 -1.40 -5.76 -6.85
CA PRO A 54 -2.43 -6.78 -6.69
C PRO A 54 -3.20 -7.05 -7.98
N ARG A 55 -2.80 -6.38 -9.06
CA ARG A 55 -3.44 -6.54 -10.35
C ARG A 55 -4.93 -6.23 -10.26
N ARG A 56 -5.29 -5.42 -9.28
CA ARG A 56 -6.69 -5.04 -9.08
C ARG A 56 -7.09 -3.90 -10.02
N PRO A 57 -6.42 -2.75 -9.85
CA PRO A 57 -6.70 -1.56 -10.67
C PRO A 57 -6.22 -1.73 -12.11
N CYS A 58 -7.06 -1.31 -13.04
CA CYS A 58 -6.74 -1.42 -14.47
C CYS A 58 -5.42 -0.72 -14.78
N GLN A 59 -4.78 -1.12 -15.87
CA GLN A 59 -3.51 -0.54 -16.29
C GLN A 59 -3.64 0.13 -17.65
N GLU A 60 -2.89 1.22 -17.84
CA GLU A 60 -2.92 1.95 -19.09
C GLU A 60 -1.63 1.73 -19.88
N HIS A 61 -1.78 1.51 -21.18
CA HIS A 61 -0.62 1.29 -22.05
C HIS A 61 0.32 2.49 -22.04
N SER A 62 -0.19 3.63 -22.46
CA SER A 62 0.60 4.86 -22.50
C SER A 62 -0.24 6.06 -22.09
N GLY A 63 0.32 6.91 -21.24
CA GLY A 63 -0.38 8.10 -20.79
C GLY A 63 0.35 9.38 -21.13
N PRO A 64 -0.28 10.23 -21.94
CA PRO A 64 0.31 11.52 -22.35
C PRO A 64 0.39 12.51 -21.20
N SER A 65 1.17 13.57 -21.40
CA SER A 65 1.33 14.59 -20.38
C SER A 65 0.11 15.50 -20.31
N SER A 66 -0.90 15.07 -19.56
CA SER A 66 -2.13 15.82 -19.41
C SER A 66 -2.75 15.61 -18.03
N GLY A 67 -3.83 16.33 -17.75
CA GLY A 67 -4.49 16.21 -16.47
C GLY A 67 -5.69 17.13 -16.34
N GLY A 1 4.75 -11.83 19.90
CA GLY A 1 3.34 -12.02 20.19
C GLY A 1 2.47 -11.92 18.95
N SER A 2 2.41 -12.99 18.18
CA SER A 2 1.61 -13.01 16.96
C SER A 2 0.13 -13.25 17.28
N SER A 3 -0.36 -12.56 18.30
CA SER A 3 -1.76 -12.70 18.70
C SER A 3 -2.68 -12.78 17.48
N GLY A 4 -2.44 -11.90 16.52
CA GLY A 4 -3.25 -11.88 15.32
C GLY A 4 -2.68 -10.98 14.24
N SER A 5 -2.58 -11.50 13.03
CA SER A 5 -2.04 -10.73 11.90
C SER A 5 -2.73 -11.11 10.60
N SER A 6 -2.82 -10.15 9.68
CA SER A 6 -3.46 -10.38 8.40
C SER A 6 -2.88 -9.47 7.33
N GLY A 7 -3.29 -9.68 6.09
CA GLY A 7 -2.80 -8.87 4.98
C GLY A 7 -3.79 -8.77 3.85
N LEU A 8 -4.28 -7.56 3.58
CA LEU A 8 -5.24 -7.34 2.51
C LEU A 8 -4.53 -6.93 1.23
N PRO A 9 -5.16 -7.23 0.08
CA PRO A 9 -4.62 -6.90 -1.24
C PRO A 9 -4.63 -5.39 -1.51
N TRP A 10 -5.30 -4.65 -0.64
CA TRP A 10 -5.39 -3.20 -0.79
C TRP A 10 -4.71 -2.49 0.37
N CYS A 11 -4.54 -1.17 0.24
CA CYS A 11 -3.90 -0.38 1.28
C CYS A 11 -4.45 -0.73 2.65
N CYS A 12 -3.57 -1.04 3.59
CA CYS A 12 -3.96 -1.39 4.95
C CYS A 12 -4.57 -0.18 5.67
N ILE A 13 -4.59 0.95 4.99
CA ILE A 13 -5.14 2.17 5.56
C ILE A 13 -6.55 2.44 5.05
N CYS A 14 -6.66 2.71 3.75
CA CYS A 14 -7.95 2.98 3.13
C CYS A 14 -8.56 1.70 2.57
N ASN A 15 -7.71 0.77 2.17
CA ASN A 15 -8.17 -0.51 1.62
C ASN A 15 -8.77 -0.31 0.23
N GLU A 16 -8.20 0.61 -0.52
CA GLU A 16 -8.68 0.90 -1.88
C GLU A 16 -7.80 0.21 -2.92
N ASP A 17 -6.51 0.47 -2.85
CA ASP A 17 -5.56 -0.12 -3.79
C ASP A 17 -4.12 0.11 -3.33
N ALA A 18 -3.46 -0.98 -2.89
CA ALA A 18 -2.10 -0.89 -2.41
C ALA A 18 -1.11 -1.08 -3.56
N THR A 19 -0.22 -0.11 -3.74
CA THR A 19 0.78 -0.17 -4.79
C THR A 19 2.19 -0.25 -4.23
N LEU A 20 2.28 -0.49 -2.92
CA LEU A 20 3.57 -0.59 -2.25
C LEU A 20 3.52 -1.59 -1.11
N ARG A 21 4.65 -2.24 -0.84
CA ARG A 21 4.73 -3.23 0.22
C ARG A 21 5.87 -2.90 1.18
N CYS A 22 5.52 -2.44 2.38
CA CYS A 22 6.51 -2.10 3.38
C CYS A 22 7.05 -3.35 4.07
N ALA A 23 8.37 -3.51 4.03
CA ALA A 23 9.01 -4.66 4.65
C ALA A 23 9.14 -4.48 6.16
N GLY A 24 9.39 -3.25 6.58
CA GLY A 24 9.52 -2.96 8.00
C GLY A 24 8.21 -3.11 8.75
N CYS A 25 7.10 -3.03 8.02
CA CYS A 25 5.79 -3.15 8.61
C CYS A 25 5.22 -4.55 8.40
N ASP A 26 6.10 -5.54 8.37
CA ASP A 26 5.70 -6.93 8.18
C ASP A 26 5.06 -7.13 6.81
N GLY A 27 5.62 -6.46 5.80
CA GLY A 27 5.10 -6.58 4.46
C GLY A 27 3.73 -5.93 4.30
N ASP A 28 3.49 -4.90 5.09
CA ASP A 28 2.21 -4.19 5.04
C ASP A 28 2.06 -3.40 3.74
N LEU A 29 1.02 -3.71 2.99
CA LEU A 29 0.77 -3.03 1.71
C LEU A 29 0.17 -1.65 1.95
N TYR A 30 0.72 -0.65 1.25
CA TYR A 30 0.24 0.72 1.39
C TYR A 30 -0.04 1.33 0.01
N CYS A 31 -0.56 2.56 0.01
CA CYS A 31 -0.86 3.25 -1.23
C CYS A 31 0.13 4.37 -1.49
N ALA A 32 -0.15 5.18 -2.50
CA ALA A 32 0.72 6.30 -2.86
C ALA A 32 0.38 7.54 -2.03
N ARG A 33 -0.70 7.46 -1.27
CA ARG A 33 -1.13 8.57 -0.44
C ARG A 33 -0.79 8.33 1.02
N CYS A 34 -1.60 7.50 1.68
CA CYS A 34 -1.38 7.17 3.09
C CYS A 34 0.10 6.98 3.37
N PHE A 35 0.82 6.37 2.43
CA PHE A 35 2.24 6.12 2.58
C PHE A 35 3.02 7.43 2.60
N ARG A 36 2.98 8.16 1.48
CA ARG A 36 3.68 9.42 1.36
C ARG A 36 3.20 10.42 2.42
N GLU A 37 2.10 10.07 3.09
CA GLU A 37 1.54 10.92 4.13
C GLU A 37 2.25 10.70 5.46
N GLY A 38 2.38 9.44 5.86
CA GLY A 38 3.03 9.11 7.11
C GLY A 38 4.41 8.52 6.90
N HIS A 39 4.53 7.66 5.89
CA HIS A 39 5.80 7.02 5.59
C HIS A 39 6.74 7.98 4.86
N ASP A 40 6.76 9.23 5.28
CA ASP A 40 7.60 10.24 4.66
C ASP A 40 8.35 11.05 5.73
N ASN A 41 8.16 10.68 6.99
CA ASN A 41 8.81 11.37 8.10
C ASN A 41 9.45 10.38 9.06
N PHE A 42 8.72 9.31 9.38
CA PHE A 42 9.21 8.29 10.29
C PHE A 42 10.59 7.79 9.85
N ASP A 43 11.09 6.78 10.54
CA ASP A 43 12.39 6.20 10.23
C ASP A 43 12.32 5.31 8.99
N LEU A 44 11.60 5.77 7.98
CA LEU A 44 11.43 5.02 6.74
C LEU A 44 12.79 4.62 6.16
N LYS A 45 13.84 5.31 6.61
CA LYS A 45 15.19 5.04 6.14
C LYS A 45 15.44 3.53 6.07
N GLU A 46 14.67 2.78 6.84
CA GLU A 46 14.82 1.32 6.87
C GLU A 46 13.64 0.65 6.19
N HIS A 47 12.45 1.21 6.37
CA HIS A 47 11.23 0.66 5.78
C HIS A 47 11.37 0.58 4.26
N GLN A 48 12.00 -0.50 3.79
CA GLN A 48 12.19 -0.70 2.36
C GLN A 48 10.92 -1.22 1.71
N THR A 49 10.27 -0.37 0.91
CA THR A 49 9.04 -0.74 0.22
C THR A 49 9.33 -1.35 -1.14
N SER A 50 8.28 -1.72 -1.86
CA SER A 50 8.42 -2.32 -3.18
C SER A 50 7.10 -2.27 -3.94
N PRO A 51 7.19 -2.25 -5.28
CA PRO A 51 6.01 -2.20 -6.16
C PRO A 51 5.22 -3.51 -6.13
N TYR A 52 4.33 -3.62 -5.15
CA TYR A 52 3.50 -4.81 -5.01
C TYR A 52 2.26 -4.73 -5.90
N HIS A 53 2.41 -4.08 -7.06
CA HIS A 53 1.31 -3.93 -7.99
C HIS A 53 0.38 -5.14 -7.93
N PRO A 54 -0.70 -5.01 -7.15
CA PRO A 54 -1.69 -6.07 -6.98
C PRO A 54 -2.53 -6.29 -8.23
N ARG A 55 -2.79 -7.56 -8.55
CA ARG A 55 -3.57 -7.90 -9.73
C ARG A 55 -5.07 -7.83 -9.43
N ARG A 56 -5.43 -7.00 -8.46
CA ARG A 56 -6.83 -6.84 -8.08
C ARG A 56 -7.55 -5.89 -9.02
N PRO A 57 -7.16 -4.60 -8.98
CA PRO A 57 -7.76 -3.57 -9.83
C PRO A 57 -7.39 -3.73 -11.30
N CYS A 58 -8.16 -4.57 -12.00
CA CYS A 58 -7.90 -4.82 -13.42
C CYS A 58 -8.99 -4.18 -14.28
N GLN A 59 -10.24 -4.42 -13.93
CA GLN A 59 -11.36 -3.87 -14.67
C GLN A 59 -11.79 -2.52 -14.09
N GLU A 60 -10.85 -1.58 -14.06
CA GLU A 60 -11.12 -0.25 -13.53
C GLU A 60 -12.21 0.45 -14.35
N HIS A 61 -13.46 0.23 -13.97
CA HIS A 61 -14.59 0.84 -14.67
C HIS A 61 -14.40 2.34 -14.82
N SER A 62 -14.26 2.80 -16.05
CA SER A 62 -14.07 4.22 -16.32
C SER A 62 -12.74 4.71 -15.73
N GLY A 63 -11.68 3.93 -15.94
CA GLY A 63 -10.38 4.31 -15.43
C GLY A 63 -9.27 4.06 -16.43
N PRO A 64 -9.32 4.76 -17.57
CA PRO A 64 -8.33 4.63 -18.63
C PRO A 64 -6.97 5.21 -18.23
N SER A 65 -6.01 5.14 -19.14
CA SER A 65 -4.67 5.65 -18.88
C SER A 65 -4.67 7.18 -18.78
N SER A 66 -5.29 7.82 -19.76
CA SER A 66 -5.38 9.28 -19.80
C SER A 66 -5.72 9.83 -18.42
N GLY A 67 -5.22 11.02 -18.12
CA GLY A 67 -5.49 11.65 -16.84
C GLY A 67 -5.63 13.15 -16.94
N GLY A 1 -8.83 -4.83 21.06
CA GLY A 1 -7.41 -4.83 20.71
C GLY A 1 -7.12 -5.67 19.49
N SER A 2 -6.10 -5.28 18.72
CA SER A 2 -5.73 -6.00 17.52
C SER A 2 -4.22 -5.96 17.31
N SER A 3 -3.62 -7.14 17.21
CA SER A 3 -2.17 -7.24 17.01
C SER A 3 -1.84 -7.36 15.53
N GLY A 4 -2.57 -8.23 14.83
CA GLY A 4 -2.33 -8.42 13.41
C GLY A 4 -2.76 -9.80 12.94
N SER A 5 -3.96 -9.87 12.36
CA SER A 5 -4.49 -11.13 11.86
C SER A 5 -3.82 -11.53 10.55
N SER A 6 -4.05 -10.75 9.51
CA SER A 6 -3.46 -11.01 8.20
C SER A 6 -3.33 -9.73 7.39
N GLY A 7 -2.59 -9.81 6.29
CA GLY A 7 -2.40 -8.65 5.44
C GLY A 7 -3.41 -8.56 4.33
N LEU A 8 -4.02 -7.39 4.16
CA LEU A 8 -5.01 -7.18 3.13
C LEU A 8 -4.35 -6.93 1.78
N PRO A 9 -5.07 -7.27 0.69
CA PRO A 9 -4.57 -7.09 -0.67
C PRO A 9 -4.49 -5.61 -1.07
N TRP A 10 -5.22 -4.77 -0.34
CA TRP A 10 -5.23 -3.33 -0.61
C TRP A 10 -4.54 -2.56 0.50
N CYS A 11 -4.45 -1.25 0.33
CA CYS A 11 -3.81 -0.39 1.33
C CYS A 11 -4.30 -0.72 2.73
N CYS A 12 -3.37 -0.97 3.64
CA CYS A 12 -3.71 -1.30 5.02
C CYS A 12 -4.35 -0.10 5.72
N ILE A 13 -4.43 1.02 5.01
CA ILE A 13 -5.02 2.23 5.55
C ILE A 13 -6.44 2.43 5.03
N CYS A 14 -6.56 2.61 3.73
CA CYS A 14 -7.86 2.81 3.10
C CYS A 14 -8.42 1.50 2.56
N ASN A 15 -7.52 0.58 2.20
CA ASN A 15 -7.92 -0.71 1.67
C ASN A 15 -8.62 -0.56 0.32
N GLU A 16 -8.12 0.37 -0.48
CA GLU A 16 -8.69 0.63 -1.81
C GLU A 16 -7.80 0.03 -2.90
N ASP A 17 -6.51 0.36 -2.85
CA ASP A 17 -5.55 -0.14 -3.84
C ASP A 17 -4.12 0.06 -3.34
N ALA A 18 -3.49 -1.04 -2.96
CA ALA A 18 -2.11 -0.99 -2.48
C ALA A 18 -1.12 -1.05 -3.64
N THR A 19 -0.28 -0.03 -3.74
CA THR A 19 0.73 0.04 -4.80
C THR A 19 2.13 -0.05 -4.24
N LEU A 20 2.24 -0.36 -2.95
CA LEU A 20 3.53 -0.47 -2.29
C LEU A 20 3.46 -1.48 -1.14
N ARG A 21 4.58 -2.15 -0.89
CA ARG A 21 4.64 -3.14 0.19
C ARG A 21 5.80 -2.82 1.14
N CYS A 22 5.45 -2.42 2.36
CA CYS A 22 6.45 -2.08 3.36
C CYS A 22 7.00 -3.34 4.03
N ALA A 23 8.31 -3.48 4.02
CA ALA A 23 8.97 -4.64 4.63
C ALA A 23 9.11 -4.46 6.14
N GLY A 24 9.31 -3.21 6.56
CA GLY A 24 9.45 -2.93 7.98
C GLY A 24 8.15 -3.04 8.73
N CYS A 25 7.03 -2.98 8.00
CA CYS A 25 5.71 -3.06 8.61
C CYS A 25 5.12 -4.45 8.43
N ASP A 26 5.99 -5.44 8.28
CA ASP A 26 5.55 -6.83 8.10
C ASP A 26 4.90 -7.01 6.74
N GLY A 27 5.52 -6.45 5.71
CA GLY A 27 4.98 -6.57 4.36
C GLY A 27 3.62 -5.92 4.22
N ASP A 28 3.42 -4.82 4.93
CA ASP A 28 2.14 -4.11 4.88
C ASP A 28 1.98 -3.37 3.56
N LEU A 29 0.89 -3.67 2.86
CA LEU A 29 0.62 -3.05 1.57
C LEU A 29 0.01 -1.66 1.75
N TYR A 30 0.70 -0.63 1.25
CA TYR A 30 0.22 0.73 1.36
C TYR A 30 -0.05 1.33 -0.01
N CYS A 31 -0.53 2.57 -0.03
CA CYS A 31 -0.84 3.26 -1.27
C CYS A 31 0.17 4.37 -1.54
N ALA A 32 -0.10 5.17 -2.58
CA ALA A 32 0.78 6.28 -2.94
C ALA A 32 0.43 7.53 -2.14
N ARG A 33 -0.66 7.46 -1.39
CA ARG A 33 -1.10 8.60 -0.58
C ARG A 33 -0.77 8.37 0.90
N CYS A 34 -1.59 7.57 1.56
CA CYS A 34 -1.39 7.27 2.98
C CYS A 34 0.09 7.10 3.30
N PHE A 35 0.81 6.43 2.39
CA PHE A 35 2.23 6.19 2.57
C PHE A 35 3.01 7.51 2.57
N ARG A 36 2.87 8.27 1.48
CA ARG A 36 3.56 9.55 1.35
C ARG A 36 3.07 10.53 2.41
N GLU A 37 1.98 10.18 3.08
CA GLU A 37 1.40 11.04 4.11
C GLU A 37 2.06 10.77 5.46
N GLY A 38 2.31 9.50 5.75
CA GLY A 38 2.94 9.14 7.01
C GLY A 38 4.33 8.60 6.83
N HIS A 39 4.51 7.74 5.82
CA HIS A 39 5.81 7.14 5.55
C HIS A 39 6.72 8.13 4.84
N ASP A 40 6.76 9.36 5.33
CA ASP A 40 7.59 10.41 4.74
C ASP A 40 8.38 11.15 5.81
N ASN A 41 8.23 10.71 7.05
CA ASN A 41 8.93 11.34 8.17
C ASN A 41 9.55 10.29 9.09
N PHE A 42 8.79 9.24 9.36
CA PHE A 42 9.27 8.15 10.22
C PHE A 42 10.64 7.65 9.77
N ASP A 43 11.12 6.60 10.41
CA ASP A 43 12.41 6.02 10.07
C ASP A 43 12.32 5.19 8.80
N LEU A 44 11.55 5.67 7.83
CA LEU A 44 11.38 4.98 6.57
C LEU A 44 12.72 4.47 6.03
N LYS A 45 13.80 5.08 6.50
CA LYS A 45 15.14 4.69 6.07
C LYS A 45 15.33 3.18 6.19
N GLU A 46 14.66 2.58 7.17
CA GLU A 46 14.76 1.14 7.38
C GLU A 46 13.61 0.41 6.70
N HIS A 47 12.50 1.11 6.49
CA HIS A 47 11.33 0.54 5.84
C HIS A 47 11.53 0.44 4.34
N GLN A 48 11.92 -0.75 3.88
CA GLN A 48 12.15 -0.98 2.45
C GLN A 48 10.85 -1.35 1.75
N THR A 49 10.30 -0.42 0.97
CA THR A 49 9.06 -0.65 0.25
C THR A 49 9.34 -1.04 -1.20
N SER A 50 8.36 -1.68 -1.83
CA SER A 50 8.50 -2.10 -3.22
C SER A 50 7.17 -1.97 -3.96
N PRO A 51 7.25 -1.91 -5.30
CA PRO A 51 6.07 -1.79 -6.16
C PRO A 51 5.23 -3.06 -6.18
N TYR A 52 4.25 -3.12 -5.28
CA TYR A 52 3.37 -4.28 -5.18
C TYR A 52 2.24 -4.20 -6.20
N HIS A 53 1.93 -5.32 -6.84
CA HIS A 53 0.86 -5.37 -7.84
C HIS A 53 -0.06 -6.56 -7.58
N PRO A 54 -1.14 -6.33 -6.82
CA PRO A 54 -2.11 -7.37 -6.49
C PRO A 54 -2.94 -7.80 -7.70
N ARG A 55 -3.90 -8.68 -7.48
CA ARG A 55 -4.76 -9.16 -8.55
C ARG A 55 -5.42 -8.01 -9.28
N ARG A 56 -5.16 -7.90 -10.58
CA ARG A 56 -5.73 -6.84 -11.40
C ARG A 56 -7.09 -6.42 -10.86
N PRO A 57 -7.10 -5.37 -10.02
CA PRO A 57 -8.32 -4.84 -9.42
C PRO A 57 -9.22 -4.14 -10.44
N CYS A 58 -10.29 -3.54 -9.97
CA CYS A 58 -11.23 -2.83 -10.85
C CYS A 58 -11.45 -1.40 -10.36
N GLN A 59 -10.40 -0.79 -9.84
CA GLN A 59 -10.49 0.58 -9.35
C GLN A 59 -9.46 1.48 -10.03
N GLU A 60 -9.61 2.79 -9.86
CA GLU A 60 -8.70 3.75 -10.47
C GLU A 60 -8.86 3.77 -11.99
N HIS A 61 -10.11 3.87 -12.44
CA HIS A 61 -10.40 3.91 -13.87
C HIS A 61 -11.57 4.85 -14.16
N SER A 62 -11.52 5.50 -15.33
CA SER A 62 -12.57 6.43 -15.73
C SER A 62 -12.97 7.32 -14.56
N GLY A 63 -11.98 7.79 -13.81
CA GLY A 63 -12.25 8.65 -12.67
C GLY A 63 -11.08 9.54 -12.33
N PRO A 64 -10.80 10.52 -13.21
CA PRO A 64 -9.70 11.47 -13.02
C PRO A 64 -9.95 12.44 -11.88
N SER A 65 -11.16 13.02 -11.86
CA SER A 65 -11.53 13.97 -10.82
C SER A 65 -12.94 13.68 -10.31
N SER A 66 -13.26 14.25 -9.15
CA SER A 66 -14.57 14.05 -8.54
C SER A 66 -14.82 15.09 -7.44
N GLY A 67 -16.09 15.37 -7.19
CA GLY A 67 -16.45 16.34 -6.17
C GLY A 67 -17.60 17.23 -6.59
N GLY A 1 -0.03 -17.31 21.04
CA GLY A 1 0.78 -16.95 19.90
C GLY A 1 0.33 -15.65 19.25
N SER A 2 1.27 -14.94 18.63
CA SER A 2 0.94 -13.68 17.97
C SER A 2 0.05 -13.91 16.75
N SER A 3 -0.57 -12.84 16.28
CA SER A 3 -1.47 -12.93 15.13
C SER A 3 -0.75 -12.47 13.85
N GLY A 4 -0.20 -13.42 13.11
CA GLY A 4 0.50 -13.09 11.89
C GLY A 4 -0.42 -13.08 10.68
N SER A 5 -0.78 -11.88 10.23
CA SER A 5 -1.66 -11.73 9.08
C SER A 5 -0.90 -11.17 7.87
N SER A 6 -0.80 -11.97 6.81
CA SER A 6 -0.11 -11.55 5.61
C SER A 6 -0.37 -10.08 5.30
N GLY A 7 -1.65 -9.72 5.26
CA GLY A 7 -2.02 -8.34 4.98
C GLY A 7 -2.95 -8.23 3.78
N LEU A 8 -4.04 -7.48 3.95
CA LEU A 8 -5.01 -7.29 2.88
C LEU A 8 -4.31 -6.96 1.56
N PRO A 9 -4.99 -7.26 0.44
CA PRO A 9 -4.45 -7.01 -0.90
C PRO A 9 -4.38 -5.53 -1.22
N TRP A 10 -5.21 -4.73 -0.55
CA TRP A 10 -5.25 -3.29 -0.77
C TRP A 10 -4.57 -2.56 0.37
N CYS A 11 -4.47 -1.24 0.25
CA CYS A 11 -3.84 -0.41 1.28
C CYS A 11 -4.35 -0.79 2.67
N CYS A 12 -3.43 -1.05 3.58
CA CYS A 12 -3.78 -1.42 4.95
C CYS A 12 -4.41 -0.24 5.69
N ILE A 13 -4.52 0.90 4.99
CA ILE A 13 -5.10 2.10 5.58
C ILE A 13 -6.52 2.32 5.07
N CYS A 14 -6.63 2.57 3.76
CA CYS A 14 -7.93 2.81 3.14
C CYS A 14 -8.50 1.52 2.58
N ASN A 15 -7.62 0.62 2.14
CA ASN A 15 -8.04 -0.65 1.57
C ASN A 15 -8.68 -0.45 0.20
N GLU A 16 -8.17 0.54 -0.54
CA GLU A 16 -8.69 0.82 -1.87
C GLU A 16 -7.82 0.18 -2.95
N ASP A 17 -6.57 0.60 -3.02
CA ASP A 17 -5.64 0.05 -4.00
C ASP A 17 -4.19 0.24 -3.55
N ALA A 18 -3.56 -0.84 -3.11
CA ALA A 18 -2.19 -0.80 -2.65
C ALA A 18 -1.22 -0.82 -3.82
N THR A 19 -0.15 -0.03 -3.73
CA THR A 19 0.85 0.03 -4.78
C THR A 19 2.25 -0.10 -4.20
N LEU A 20 2.34 -0.27 -2.89
CA LEU A 20 3.63 -0.41 -2.23
C LEU A 20 3.55 -1.43 -1.09
N ARG A 21 4.66 -2.12 -0.83
CA ARG A 21 4.71 -3.12 0.22
C ARG A 21 5.86 -2.82 1.19
N CYS A 22 5.50 -2.34 2.38
CA CYS A 22 6.50 -2.02 3.40
C CYS A 22 7.02 -3.29 4.07
N ALA A 23 8.34 -3.44 4.07
CA ALA A 23 8.96 -4.61 4.68
C ALA A 23 9.05 -4.46 6.21
N GLY A 24 9.30 -3.24 6.66
CA GLY A 24 9.40 -2.98 8.08
C GLY A 24 8.07 -3.11 8.79
N CYS A 25 6.99 -3.02 8.03
CA CYS A 25 5.64 -3.11 8.59
C CYS A 25 5.04 -4.49 8.31
N ASP A 26 5.90 -5.50 8.24
CA ASP A 26 5.45 -6.86 7.99
C ASP A 26 4.80 -6.97 6.61
N GLY A 27 5.48 -6.46 5.60
CA GLY A 27 4.96 -6.51 4.25
C GLY A 27 3.58 -5.89 4.15
N ASP A 28 3.35 -4.80 4.88
CA ASP A 28 2.08 -4.10 4.87
C ASP A 28 1.88 -3.36 3.55
N LEU A 29 0.83 -3.74 2.82
CA LEU A 29 0.54 -3.11 1.54
C LEU A 29 -0.04 -1.71 1.75
N TYR A 30 0.68 -0.70 1.28
CA TYR A 30 0.23 0.69 1.42
C TYR A 30 0.01 1.32 0.05
N CYS A 31 -0.61 2.50 0.04
CA CYS A 31 -0.89 3.21 -1.20
C CYS A 31 0.10 4.35 -1.41
N ALA A 32 -0.14 5.15 -2.44
CA ALA A 32 0.74 6.28 -2.74
C ALA A 32 0.35 7.51 -1.94
N ARG A 33 -0.74 7.41 -1.20
CA ARG A 33 -1.22 8.53 -0.39
C ARG A 33 -0.89 8.30 1.09
N CYS A 34 -1.69 7.47 1.74
CA CYS A 34 -1.49 7.16 3.15
C CYS A 34 0.00 7.00 3.47
N PHE A 35 0.72 6.35 2.55
CA PHE A 35 2.15 6.12 2.73
C PHE A 35 2.92 7.43 2.69
N ARG A 36 2.85 8.13 1.57
CA ARG A 36 3.55 9.40 1.41
C ARG A 36 3.10 10.39 2.48
N GLU A 37 2.03 10.06 3.19
CA GLU A 37 1.50 10.93 4.24
C GLU A 37 2.27 10.72 5.55
N GLY A 38 2.39 9.46 5.96
CA GLY A 38 3.10 9.15 7.19
C GLY A 38 4.46 8.54 6.93
N HIS A 39 4.54 7.67 5.92
CA HIS A 39 5.79 7.01 5.58
C HIS A 39 6.70 7.95 4.80
N ASP A 40 6.75 9.21 5.22
CA ASP A 40 7.58 10.21 4.55
C ASP A 40 8.35 11.04 5.56
N ASN A 41 8.18 10.70 6.84
CA ASN A 41 8.87 11.41 7.91
C ASN A 41 9.55 10.44 8.87
N PHE A 42 8.85 9.36 9.21
CA PHE A 42 9.39 8.35 10.12
C PHE A 42 10.76 7.88 9.65
N ASP A 43 11.28 6.85 10.31
CA ASP A 43 12.59 6.30 9.97
C ASP A 43 12.49 5.40 8.74
N LEU A 44 11.65 5.78 7.79
CA LEU A 44 11.47 5.00 6.57
C LEU A 44 12.81 4.54 6.01
N LYS A 45 13.87 5.23 6.39
CA LYS A 45 15.21 4.89 5.93
C LYS A 45 15.43 3.38 5.99
N GLU A 46 14.72 2.72 6.90
CA GLU A 46 14.84 1.27 7.04
C GLU A 46 13.67 0.55 6.39
N HIS A 47 12.49 1.17 6.47
CA HIS A 47 11.28 0.59 5.89
C HIS A 47 11.42 0.46 4.37
N GLN A 48 12.07 -0.62 3.94
CA GLN A 48 12.28 -0.86 2.52
C GLN A 48 11.00 -1.35 1.86
N THR A 49 10.32 -0.45 1.15
CA THR A 49 9.07 -0.79 0.47
C THR A 49 9.34 -1.47 -0.86
N SER A 50 8.27 -1.85 -1.54
CA SER A 50 8.39 -2.52 -2.84
C SER A 50 7.16 -2.25 -3.71
N PRO A 51 7.39 -2.16 -5.03
CA PRO A 51 6.32 -1.89 -5.99
C PRO A 51 5.38 -3.09 -6.15
N TYR A 52 4.45 -3.23 -5.20
CA TYR A 52 3.49 -4.33 -5.23
C TYR A 52 2.39 -4.06 -6.24
N HIS A 53 1.96 -5.11 -6.92
CA HIS A 53 0.90 -5.00 -7.93
C HIS A 53 -0.12 -6.11 -7.77
N PRO A 54 -1.21 -5.82 -7.04
CA PRO A 54 -2.29 -6.79 -6.80
C PRO A 54 -3.09 -7.09 -8.06
N ARG A 55 -3.23 -8.37 -8.38
CA ARG A 55 -3.98 -8.79 -9.56
C ARG A 55 -5.47 -8.85 -9.27
N ARG A 56 -5.90 -8.10 -8.26
CA ARG A 56 -7.31 -8.07 -7.87
C ARG A 56 -8.04 -6.95 -8.60
N PRO A 57 -7.66 -5.70 -8.30
CA PRO A 57 -8.28 -4.52 -8.91
C PRO A 57 -7.90 -4.37 -10.38
N CYS A 58 -8.82 -4.77 -11.26
CA CYS A 58 -8.59 -4.69 -12.70
C CYS A 58 -8.80 -3.27 -13.20
N GLN A 59 -7.74 -2.49 -13.20
CA GLN A 59 -7.79 -1.10 -13.65
C GLN A 59 -6.86 -0.87 -14.83
N GLU A 60 -7.43 -0.65 -16.00
CA GLU A 60 -6.64 -0.42 -17.21
C GLU A 60 -7.21 0.75 -18.01
N HIS A 61 -6.80 1.97 -17.64
CA HIS A 61 -7.26 3.17 -18.31
C HIS A 61 -6.12 4.14 -18.53
N SER A 62 -5.88 4.50 -19.79
CA SER A 62 -4.80 5.42 -20.14
C SER A 62 -5.03 6.78 -19.49
N GLY A 63 -6.12 7.43 -19.87
CA GLY A 63 -6.43 8.74 -19.32
C GLY A 63 -7.13 9.64 -20.32
N PRO A 64 -8.02 10.51 -19.82
CA PRO A 64 -8.78 11.44 -20.66
C PRO A 64 -7.90 12.54 -21.25
N SER A 65 -8.23 12.96 -22.47
CA SER A 65 -7.47 14.00 -23.15
C SER A 65 -7.96 15.38 -22.76
N SER A 66 -7.18 16.40 -23.10
CA SER A 66 -7.53 17.78 -22.78
C SER A 66 -8.54 18.33 -23.78
N GLY A 67 -9.57 18.99 -23.27
CA GLY A 67 -10.59 19.56 -24.14
C GLY A 67 -11.11 20.88 -23.63
N GLY A 1 -5.16 -4.82 22.44
CA GLY A 1 -4.07 -4.29 21.64
C GLY A 1 -4.48 -4.06 20.20
N SER A 2 -5.34 -3.08 19.97
CA SER A 2 -5.82 -2.75 18.64
C SER A 2 -4.65 -2.47 17.70
N SER A 3 -4.35 -3.42 16.82
CA SER A 3 -3.26 -3.28 15.87
C SER A 3 -3.61 -3.92 14.53
N GLY A 4 -2.82 -3.61 13.51
CA GLY A 4 -3.06 -4.16 12.19
C GLY A 4 -2.13 -5.32 11.86
N SER A 5 -2.70 -6.48 11.59
CA SER A 5 -1.91 -7.66 11.27
C SER A 5 -2.40 -8.31 9.98
N SER A 6 -3.71 -8.53 9.89
CA SER A 6 -4.30 -9.14 8.71
C SER A 6 -3.61 -8.65 7.44
N GLY A 7 -3.60 -9.51 6.42
CA GLY A 7 -2.96 -9.15 5.16
C GLY A 7 -3.97 -8.98 4.03
N LEU A 8 -4.34 -7.73 3.75
CA LEU A 8 -5.29 -7.44 2.69
C LEU A 8 -4.57 -7.08 1.39
N PRO A 9 -5.24 -7.34 0.26
CA PRO A 9 -4.69 -7.06 -1.07
C PRO A 9 -4.60 -5.56 -1.34
N TRP A 10 -5.37 -4.77 -0.59
CA TRP A 10 -5.36 -3.32 -0.76
C TRP A 10 -4.62 -2.64 0.38
N CYS A 11 -4.53 -1.32 0.32
CA CYS A 11 -3.84 -0.55 1.34
C CYS A 11 -4.34 -0.92 2.73
N CYS A 12 -3.41 -1.24 3.62
CA CYS A 12 -3.75 -1.62 4.99
C CYS A 12 -4.32 -0.42 5.76
N ILE A 13 -4.38 0.72 5.09
CA ILE A 13 -4.91 1.94 5.71
C ILE A 13 -6.33 2.22 5.23
N CYS A 14 -6.46 2.54 3.94
CA CYS A 14 -7.76 2.84 3.36
C CYS A 14 -8.40 1.58 2.79
N ASN A 15 -7.57 0.66 2.31
CA ASN A 15 -8.06 -0.59 1.74
C ASN A 15 -8.68 -0.36 0.37
N GLU A 16 -8.14 0.61 -0.36
CA GLU A 16 -8.64 0.92 -1.69
C GLU A 16 -7.79 0.25 -2.77
N ASP A 17 -6.54 0.65 -2.87
CA ASP A 17 -5.62 0.08 -3.87
C ASP A 17 -4.18 0.22 -3.41
N ALA A 18 -3.58 -0.88 -2.98
CA ALA A 18 -2.20 -0.87 -2.52
C ALA A 18 -1.24 -0.91 -3.70
N THR A 19 -0.28 0.03 -3.71
CA THR A 19 0.70 0.10 -4.78
C THR A 19 2.12 -0.01 -4.23
N LEU A 20 2.23 -0.33 -2.94
CA LEU A 20 3.53 -0.47 -2.31
C LEU A 20 3.46 -1.48 -1.17
N ARG A 21 4.59 -2.15 -0.90
CA ARG A 21 4.65 -3.14 0.16
C ARG A 21 5.78 -2.82 1.13
N CYS A 22 5.43 -2.39 2.33
CA CYS A 22 6.42 -2.04 3.34
C CYS A 22 6.92 -3.30 4.06
N ALA A 23 8.24 -3.48 4.07
CA ALA A 23 8.85 -4.63 4.71
C ALA A 23 8.96 -4.42 6.22
N GLY A 24 9.23 -3.18 6.63
CA GLY A 24 9.36 -2.87 8.04
C GLY A 24 8.03 -2.96 8.77
N CYS A 25 6.94 -2.90 8.02
CA CYS A 25 5.61 -2.96 8.61
C CYS A 25 5.00 -4.35 8.42
N ASP A 26 5.85 -5.36 8.34
CA ASP A 26 5.39 -6.73 8.17
C ASP A 26 4.80 -6.94 6.78
N GLY A 27 5.47 -6.40 5.77
CA GLY A 27 4.98 -6.54 4.41
C GLY A 27 3.62 -5.91 4.21
N ASP A 28 3.34 -4.85 4.97
CA ASP A 28 2.06 -4.17 4.88
C ASP A 28 1.93 -3.40 3.57
N LEU A 29 0.88 -3.66 2.82
CA LEU A 29 0.65 -3.00 1.55
C LEU A 29 0.07 -1.61 1.76
N TYR A 30 0.78 -0.60 1.27
CA TYR A 30 0.34 0.79 1.41
C TYR A 30 0.11 1.41 0.04
N CYS A 31 -0.57 2.57 0.04
CA CYS A 31 -0.86 3.28 -1.20
C CYS A 31 0.13 4.42 -1.43
N ALA A 32 -0.14 5.24 -2.44
CA ALA A 32 0.73 6.36 -2.75
C ALA A 32 0.41 7.56 -1.87
N ARG A 33 -0.66 7.45 -1.08
CA ARG A 33 -1.07 8.52 -0.18
C ARG A 33 -0.68 8.21 1.25
N CYS A 34 -1.46 7.35 1.90
CA CYS A 34 -1.20 6.96 3.28
C CYS A 34 0.29 6.75 3.51
N PHE A 35 1.00 6.37 2.45
CA PHE A 35 2.44 6.13 2.55
C PHE A 35 3.22 7.44 2.45
N ARG A 36 3.02 8.15 1.34
CA ARG A 36 3.70 9.42 1.12
C ARG A 36 3.24 10.47 2.12
N GLU A 37 2.22 10.12 2.91
CA GLU A 37 1.69 11.03 3.91
C GLU A 37 2.26 10.73 5.29
N GLY A 38 2.39 9.44 5.60
CA GLY A 38 2.93 9.05 6.89
C GLY A 38 4.33 8.47 6.78
N HIS A 39 4.56 7.69 5.72
CA HIS A 39 5.86 7.07 5.50
C HIS A 39 6.81 8.04 4.79
N ASP A 40 6.82 9.29 5.24
CA ASP A 40 7.68 10.30 4.64
C ASP A 40 8.38 11.11 5.72
N ASN A 41 8.11 10.79 6.97
CA ASN A 41 8.72 11.49 8.11
C ASN A 41 9.26 10.51 9.13
N PHE A 42 8.63 9.33 9.20
CA PHE A 42 9.05 8.29 10.15
C PHE A 42 10.43 7.75 9.79
N ASP A 43 10.86 6.73 10.52
CA ASP A 43 12.16 6.11 10.29
C ASP A 43 12.12 5.24 9.03
N LEU A 44 11.54 5.77 7.97
CA LEU A 44 11.44 5.05 6.71
C LEU A 44 12.82 4.68 6.18
N LYS A 45 13.86 5.27 6.78
CA LYS A 45 15.23 5.01 6.37
C LYS A 45 15.51 3.51 6.29
N GLU A 46 14.66 2.73 6.96
CA GLU A 46 14.81 1.27 6.97
C GLU A 46 13.64 0.60 6.25
N HIS A 47 12.46 1.20 6.39
CA HIS A 47 11.26 0.66 5.77
C HIS A 47 11.43 0.53 4.26
N GLN A 48 11.98 -0.59 3.82
CA GLN A 48 12.21 -0.84 2.41
C GLN A 48 10.94 -1.33 1.72
N THR A 49 10.37 -0.50 0.85
CA THR A 49 9.16 -0.86 0.14
C THR A 49 9.48 -1.43 -1.23
N SER A 50 8.43 -1.79 -1.98
CA SER A 50 8.60 -2.37 -3.31
C SER A 50 7.30 -2.26 -4.11
N PRO A 51 7.44 -2.29 -5.45
CA PRO A 51 6.29 -2.20 -6.35
C PRO A 51 5.42 -3.45 -6.31
N TYR A 52 4.56 -3.52 -5.30
CA TYR A 52 3.67 -4.67 -5.14
C TYR A 52 2.66 -4.75 -6.30
N HIS A 53 2.20 -5.95 -6.59
CA HIS A 53 1.24 -6.16 -7.67
C HIS A 53 0.07 -7.02 -7.20
N PRO A 54 -1.01 -6.36 -6.76
CA PRO A 54 -2.21 -7.05 -6.28
C PRO A 54 -2.97 -7.75 -7.40
N ARG A 55 -3.96 -8.57 -7.03
CA ARG A 55 -4.75 -9.31 -8.00
C ARG A 55 -5.94 -8.47 -8.46
N ARG A 56 -5.89 -7.17 -8.19
CA ARG A 56 -6.97 -6.27 -8.58
C ARG A 56 -6.95 -6.03 -10.09
N PRO A 57 -5.83 -5.49 -10.59
CA PRO A 57 -5.67 -5.19 -12.02
C PRO A 57 -5.55 -6.46 -12.86
N CYS A 58 -6.64 -6.85 -13.51
CA CYS A 58 -6.66 -8.03 -14.34
C CYS A 58 -6.39 -7.68 -15.80
N GLN A 59 -5.38 -6.84 -16.03
CA GLN A 59 -5.03 -6.42 -17.38
C GLN A 59 -3.73 -5.61 -17.37
N GLU A 60 -2.84 -5.96 -18.29
CA GLU A 60 -1.55 -5.26 -18.40
C GLU A 60 -1.21 -4.95 -19.85
N HIS A 61 -0.70 -3.75 -20.08
CA HIS A 61 -0.34 -3.33 -21.42
C HIS A 61 1.17 -3.15 -21.55
N SER A 62 1.80 -4.02 -22.32
CA SER A 62 3.25 -3.97 -22.52
C SER A 62 3.69 -2.56 -22.91
N GLY A 63 4.70 -2.05 -22.22
CA GLY A 63 5.20 -0.72 -22.51
C GLY A 63 6.11 -0.69 -23.73
N PRO A 64 6.54 0.52 -24.11
CA PRO A 64 7.44 0.70 -25.27
C PRO A 64 8.83 0.17 -25.01
N SER A 65 9.51 -0.25 -26.08
CA SER A 65 10.87 -0.78 -25.96
C SER A 65 11.87 0.12 -26.66
N SER A 66 11.67 0.33 -27.97
CA SER A 66 12.56 1.18 -28.75
C SER A 66 12.32 2.65 -28.44
N GLY A 67 13.41 3.41 -28.33
CA GLY A 67 13.30 4.83 -28.04
C GLY A 67 14.61 5.57 -28.23
N GLY A 1 -8.08 -19.86 16.64
CA GLY A 1 -6.82 -19.12 16.55
C GLY A 1 -7.03 -17.63 16.40
N SER A 2 -6.14 -16.85 16.99
CA SER A 2 -6.24 -15.39 16.91
C SER A 2 -5.95 -14.90 15.50
N SER A 3 -4.81 -15.33 14.96
CA SER A 3 -4.41 -14.93 13.61
C SER A 3 -5.55 -15.12 12.63
N GLY A 4 -5.47 -14.43 11.50
CA GLY A 4 -6.51 -14.54 10.48
C GLY A 4 -6.14 -13.82 9.20
N SER A 5 -6.62 -12.60 9.05
CA SER A 5 -6.34 -11.80 7.86
C SER A 5 -4.84 -11.53 7.72
N SER A 6 -4.26 -12.03 6.64
CA SER A 6 -2.83 -11.86 6.39
C SER A 6 -2.59 -10.61 5.53
N GLY A 7 -2.73 -9.45 6.16
CA GLY A 7 -2.51 -8.20 5.43
C GLY A 7 -3.37 -8.08 4.20
N LEU A 8 -4.46 -7.34 4.31
CA LEU A 8 -5.37 -7.15 3.18
C LEU A 8 -4.61 -6.89 1.89
N PRO A 9 -5.23 -7.23 0.75
CA PRO A 9 -4.63 -7.04 -0.57
C PRO A 9 -4.52 -5.58 -0.95
N TRP A 10 -5.34 -4.73 -0.31
CA TRP A 10 -5.33 -3.31 -0.59
C TRP A 10 -4.64 -2.53 0.53
N CYS A 11 -4.51 -1.23 0.36
CA CYS A 11 -3.87 -0.37 1.35
C CYS A 11 -4.40 -0.69 2.75
N CYS A 12 -3.47 -0.96 3.67
CA CYS A 12 -3.84 -1.28 5.04
C CYS A 12 -4.47 -0.08 5.73
N ILE A 13 -4.53 1.04 5.02
CA ILE A 13 -5.10 2.27 5.56
C ILE A 13 -6.51 2.50 5.03
N CYS A 14 -6.62 2.70 3.72
CA CYS A 14 -7.91 2.92 3.09
C CYS A 14 -8.48 1.62 2.53
N ASN A 15 -7.59 0.70 2.15
CA ASN A 15 -8.00 -0.58 1.60
C ASN A 15 -8.64 -0.41 0.23
N GLU A 16 -8.14 0.57 -0.53
CA GLU A 16 -8.66 0.83 -1.87
C GLU A 16 -7.81 0.15 -2.93
N ASP A 17 -6.52 0.47 -2.94
CA ASP A 17 -5.59 -0.11 -3.92
C ASP A 17 -4.15 0.06 -3.46
N ALA A 18 -3.55 -1.02 -2.99
CA ALA A 18 -2.16 -0.99 -2.52
C ALA A 18 -1.19 -1.06 -3.69
N THR A 19 -0.26 -0.12 -3.75
CA THR A 19 0.72 -0.08 -4.82
C THR A 19 2.14 -0.25 -4.26
N LEU A 20 2.25 -0.31 -2.95
CA LEU A 20 3.54 -0.48 -2.29
C LEU A 20 3.45 -1.49 -1.15
N ARG A 21 4.58 -2.13 -0.85
CA ARG A 21 4.62 -3.12 0.23
C ARG A 21 5.77 -2.83 1.17
N CYS A 22 5.46 -2.28 2.34
CA CYS A 22 6.47 -1.96 3.33
C CYS A 22 7.00 -3.23 4.00
N ALA A 23 8.32 -3.40 3.97
CA ALA A 23 8.96 -4.56 4.57
C ALA A 23 9.06 -4.41 6.09
N GLY A 24 9.36 -3.20 6.54
CA GLY A 24 9.49 -2.94 7.95
C GLY A 24 8.17 -3.08 8.69
N CYS A 25 7.07 -3.00 7.95
CA CYS A 25 5.74 -3.10 8.53
C CYS A 25 5.15 -4.49 8.27
N ASP A 26 6.02 -5.48 8.09
CA ASP A 26 5.59 -6.85 7.84
C ASP A 26 4.95 -6.97 6.46
N GLY A 27 5.59 -6.35 5.46
CA GLY A 27 5.07 -6.40 4.10
C GLY A 27 3.70 -5.76 3.98
N ASP A 28 3.42 -4.78 4.83
CA ASP A 28 2.14 -4.09 4.82
C ASP A 28 1.93 -3.35 3.50
N LEU A 29 0.87 -3.72 2.78
CA LEU A 29 0.58 -3.09 1.50
C LEU A 29 -0.03 -1.70 1.71
N TYR A 30 0.67 -0.69 1.22
CA TYR A 30 0.21 0.69 1.35
C TYR A 30 -0.04 1.31 -0.02
N CYS A 31 -0.58 2.53 -0.02
CA CYS A 31 -0.88 3.24 -1.27
C CYS A 31 0.14 4.34 -1.51
N ALA A 32 -0.12 5.15 -2.54
CA ALA A 32 0.78 6.24 -2.88
C ALA A 32 0.44 7.50 -2.07
N ARG A 33 -0.65 7.43 -1.32
CA ARG A 33 -1.08 8.57 -0.50
C ARG A 33 -0.76 8.33 0.96
N CYS A 34 -1.58 7.52 1.62
CA CYS A 34 -1.39 7.22 3.03
C CYS A 34 0.09 7.01 3.35
N PHE A 35 0.79 6.35 2.44
CA PHE A 35 2.22 6.08 2.62
C PHE A 35 3.01 7.38 2.64
N ARG A 36 2.89 8.16 1.58
CA ARG A 36 3.60 9.44 1.48
C ARG A 36 3.11 10.42 2.53
N GLU A 37 2.07 10.02 3.27
CA GLU A 37 1.51 10.87 4.31
C GLU A 37 2.17 10.60 5.66
N GLY A 38 2.39 9.33 5.96
CA GLY A 38 3.03 8.96 7.21
C GLY A 38 4.42 8.39 7.01
N HIS A 39 4.59 7.61 5.95
CA HIS A 39 5.88 7.00 5.64
C HIS A 39 6.77 7.97 4.87
N ASP A 40 6.79 9.22 5.31
CA ASP A 40 7.60 10.24 4.65
C ASP A 40 8.34 11.09 5.68
N ASN A 41 8.14 10.77 6.96
CA ASN A 41 8.79 11.50 8.05
C ASN A 41 9.37 10.54 9.07
N PHE A 42 8.76 9.37 9.21
CA PHE A 42 9.21 8.36 10.15
C PHE A 42 10.59 7.85 9.77
N ASP A 43 11.07 6.84 10.49
CA ASP A 43 12.38 6.25 10.24
C ASP A 43 12.33 5.33 9.02
N LEU A 44 11.62 5.78 7.98
CA LEU A 44 11.50 4.99 6.75
C LEU A 44 12.86 4.54 6.25
N LYS A 45 13.90 5.24 6.69
CA LYS A 45 15.28 4.92 6.28
C LYS A 45 15.48 3.41 6.25
N GLU A 46 14.73 2.69 7.08
CA GLU A 46 14.83 1.24 7.14
C GLU A 46 13.67 0.57 6.42
N HIS A 47 12.51 1.21 6.47
CA HIS A 47 11.32 0.68 5.81
C HIS A 47 11.51 0.63 4.30
N GLN A 48 11.95 -0.51 3.80
CA GLN A 48 12.17 -0.69 2.36
C GLN A 48 10.93 -1.27 1.69
N THR A 49 10.20 -0.41 0.98
CA THR A 49 8.99 -0.84 0.29
C THR A 49 9.32 -1.40 -1.08
N SER A 50 8.32 -1.98 -1.74
CA SER A 50 8.50 -2.58 -3.07
C SER A 50 7.27 -2.36 -3.93
N PRO A 51 7.44 -2.44 -5.25
CA PRO A 51 6.36 -2.26 -6.22
C PRO A 51 5.37 -3.43 -6.19
N TYR A 52 4.43 -3.39 -5.25
CA TYR A 52 3.42 -4.44 -5.12
C TYR A 52 2.27 -4.22 -6.09
N HIS A 53 1.74 -5.31 -6.63
CA HIS A 53 0.62 -5.23 -7.57
C HIS A 53 -0.45 -6.26 -7.23
N PRO A 54 -1.46 -5.83 -6.46
CA PRO A 54 -2.56 -6.70 -6.04
C PRO A 54 -3.47 -7.07 -7.21
N ARG A 55 -3.11 -6.62 -8.42
CA ARG A 55 -3.89 -6.91 -9.61
C ARG A 55 -5.31 -6.34 -9.49
N ARG A 56 -5.44 -5.29 -8.68
CA ARG A 56 -6.73 -4.64 -8.47
C ARG A 56 -6.94 -3.52 -9.48
N PRO A 57 -6.11 -2.47 -9.38
CA PRO A 57 -6.19 -1.31 -10.28
C PRO A 57 -5.75 -1.64 -11.70
N CYS A 58 -5.47 -0.62 -12.49
CA CYS A 58 -5.04 -0.81 -13.86
C CYS A 58 -6.01 -1.70 -14.62
N GLN A 59 -7.31 -1.46 -14.44
CA GLN A 59 -8.33 -2.25 -15.10
C GLN A 59 -8.57 -1.75 -16.52
N GLU A 60 -9.32 -2.52 -17.30
CA GLU A 60 -9.62 -2.15 -18.68
C GLU A 60 -11.12 -1.96 -18.87
N HIS A 61 -11.50 -0.81 -19.41
CA HIS A 61 -12.91 -0.50 -19.65
C HIS A 61 -13.05 0.65 -20.66
N SER A 62 -14.26 0.83 -21.16
CA SER A 62 -14.52 1.89 -22.13
C SER A 62 -15.70 2.75 -21.68
N GLY A 63 -15.57 4.06 -21.88
CA GLY A 63 -16.62 4.98 -21.49
C GLY A 63 -16.12 6.39 -21.24
N PRO A 64 -15.94 7.16 -22.33
CA PRO A 64 -15.45 8.53 -22.26
C PRO A 64 -16.47 9.48 -21.63
N SER A 65 -16.04 10.71 -21.37
CA SER A 65 -16.92 11.71 -20.77
C SER A 65 -16.38 13.11 -21.00
N SER A 66 -17.15 13.93 -21.72
CA SER A 66 -16.74 15.30 -22.01
C SER A 66 -17.96 16.22 -22.11
N GLY A 67 -17.80 17.45 -21.65
CA GLY A 67 -18.89 18.41 -21.69
C GLY A 67 -20.15 17.88 -21.04
N GLY A 1 -8.64 -3.09 13.21
CA GLY A 1 -9.92 -2.69 12.63
C GLY A 1 -10.99 -3.73 12.82
N SER A 2 -10.95 -4.78 12.00
CA SER A 2 -11.93 -5.86 12.08
C SER A 2 -11.45 -6.97 13.02
N SER A 3 -10.84 -6.57 14.12
CA SER A 3 -10.33 -7.53 15.10
C SER A 3 -9.76 -8.76 14.40
N GLY A 4 -9.04 -8.53 13.30
CA GLY A 4 -8.45 -9.63 12.57
C GLY A 4 -8.22 -9.29 11.10
N SER A 5 -7.46 -8.23 10.87
CA SER A 5 -7.17 -7.80 9.50
C SER A 5 -6.43 -8.89 8.72
N SER A 6 -5.43 -9.49 9.37
CA SER A 6 -4.65 -10.55 8.74
C SER A 6 -4.21 -10.13 7.34
N GLY A 7 -3.67 -8.92 7.23
CA GLY A 7 -3.21 -8.43 5.95
C GLY A 7 -4.34 -8.32 4.93
N LEU A 8 -4.12 -7.53 3.89
CA LEU A 8 -5.12 -7.34 2.84
C LEU A 8 -4.46 -7.01 1.51
N PRO A 9 -5.20 -7.26 0.41
CA PRO A 9 -4.71 -6.99 -0.94
C PRO A 9 -4.59 -5.50 -1.24
N TRP A 10 -5.40 -4.70 -0.56
CA TRP A 10 -5.40 -3.26 -0.74
C TRP A 10 -4.68 -2.56 0.41
N CYS A 11 -4.58 -1.24 0.34
CA CYS A 11 -3.93 -0.46 1.37
C CYS A 11 -4.51 -0.79 2.75
N CYS A 12 -3.64 -1.18 3.67
CA CYS A 12 -4.07 -1.53 5.02
C CYS A 12 -4.65 -0.31 5.74
N ILE A 13 -4.55 0.85 5.09
CA ILE A 13 -5.07 2.09 5.66
C ILE A 13 -6.47 2.39 5.14
N CYS A 14 -6.56 2.67 3.84
CA CYS A 14 -7.85 2.98 3.22
C CYS A 14 -8.49 1.72 2.65
N ASN A 15 -7.66 0.80 2.18
CA ASN A 15 -8.14 -0.45 1.61
C ASN A 15 -8.72 -0.22 0.22
N GLU A 16 -8.15 0.73 -0.51
CA GLU A 16 -8.62 1.05 -1.85
C GLU A 16 -7.78 0.32 -2.90
N ASP A 17 -6.49 0.61 -2.94
CA ASP A 17 -5.59 -0.02 -3.89
C ASP A 17 -4.14 0.15 -3.46
N ALA A 18 -3.55 -0.94 -2.95
CA ALA A 18 -2.17 -0.91 -2.49
C ALA A 18 -1.20 -1.02 -3.67
N THR A 19 -0.21 -0.13 -3.70
CA THR A 19 0.78 -0.13 -4.77
C THR A 19 2.19 -0.25 -4.22
N LEU A 20 2.30 -0.40 -2.90
CA LEU A 20 3.59 -0.54 -2.25
C LEU A 20 3.52 -1.55 -1.11
N ARG A 21 4.64 -2.22 -0.85
CA ARG A 21 4.71 -3.21 0.21
C ARG A 21 5.84 -2.90 1.18
N CYS A 22 5.48 -2.37 2.36
CA CYS A 22 6.47 -2.02 3.36
C CYS A 22 7.03 -3.28 4.03
N ALA A 23 8.36 -3.40 4.02
CA ALA A 23 9.02 -4.56 4.61
C ALA A 23 9.11 -4.40 6.13
N GLY A 24 9.33 -3.17 6.59
CA GLY A 24 9.45 -2.91 8.00
C GLY A 24 8.12 -3.06 8.72
N CYS A 25 7.04 -3.06 7.96
CA CYS A 25 5.70 -3.20 8.54
C CYS A 25 5.14 -4.59 8.28
N ASP A 26 6.02 -5.57 8.20
CA ASP A 26 5.62 -6.96 7.97
C ASP A 26 5.01 -7.12 6.58
N GLY A 27 5.59 -6.42 5.61
CA GLY A 27 5.10 -6.50 4.24
C GLY A 27 3.73 -5.85 4.09
N ASP A 28 3.43 -4.88 4.94
CA ASP A 28 2.15 -4.18 4.90
C ASP A 28 1.99 -3.42 3.59
N LEU A 29 0.89 -3.67 2.89
CA LEU A 29 0.61 -3.00 1.63
C LEU A 29 0.06 -1.61 1.85
N TYR A 30 0.70 -0.61 1.25
CA TYR A 30 0.27 0.78 1.38
C TYR A 30 0.02 1.40 0.02
N CYS A 31 -0.59 2.59 0.02
CA CYS A 31 -0.88 3.30 -1.22
C CYS A 31 0.11 4.43 -1.45
N ALA A 32 -0.16 5.24 -2.46
CA ALA A 32 0.72 6.37 -2.78
C ALA A 32 0.42 7.56 -1.89
N ARG A 33 -0.64 7.45 -1.10
CA ARG A 33 -1.04 8.53 -0.19
C ARG A 33 -0.64 8.20 1.25
N CYS A 34 -1.43 7.36 1.90
CA CYS A 34 -1.17 6.97 3.28
C CYS A 34 0.32 6.69 3.48
N PHE A 35 1.00 6.29 2.41
CA PHE A 35 2.43 5.99 2.48
C PHE A 35 3.26 7.28 2.45
N ARG A 36 3.12 8.04 1.36
CA ARG A 36 3.85 9.29 1.20
C ARG A 36 3.41 10.30 2.25
N GLU A 37 2.28 10.04 2.89
CA GLU A 37 1.76 10.94 3.92
C GLU A 37 2.32 10.58 5.29
N GLY A 38 2.33 9.29 5.60
CA GLY A 38 2.84 8.83 6.88
C GLY A 38 4.27 8.34 6.80
N HIS A 39 4.56 7.53 5.78
CA HIS A 39 5.90 6.99 5.59
C HIS A 39 6.80 8.00 4.88
N ASP A 40 6.70 9.26 5.29
CA ASP A 40 7.51 10.32 4.69
C ASP A 40 8.18 11.17 5.76
N ASN A 41 8.05 10.73 7.02
CA ASN A 41 8.65 11.44 8.14
C ASN A 41 9.36 10.48 9.09
N PHE A 42 8.65 9.41 9.45
CA PHE A 42 9.22 8.41 10.35
C PHE A 42 10.59 7.95 9.88
N ASP A 43 11.14 6.95 10.56
CA ASP A 43 12.45 6.41 10.20
C ASP A 43 12.35 5.48 9.00
N LEU A 44 11.58 5.89 8.00
CA LEU A 44 11.40 5.09 6.80
C LEU A 44 12.75 4.69 6.20
N LYS A 45 13.80 5.37 6.63
CA LYS A 45 15.14 5.08 6.15
C LYS A 45 15.40 3.58 6.11
N GLU A 46 14.66 2.83 6.92
CA GLU A 46 14.81 1.38 6.98
C GLU A 46 13.63 0.68 6.31
N HIS A 47 12.44 1.27 6.46
CA HIS A 47 11.23 0.71 5.86
C HIS A 47 11.38 0.60 4.34
N GLN A 48 11.90 -0.53 3.89
CA GLN A 48 12.09 -0.75 2.46
C GLN A 48 10.81 -1.25 1.81
N THR A 49 10.26 -0.45 0.90
CA THR A 49 9.03 -0.81 0.20
C THR A 49 9.33 -1.43 -1.15
N SER A 50 8.28 -1.90 -1.83
CA SER A 50 8.43 -2.52 -3.14
C SER A 50 7.16 -2.34 -3.97
N PRO A 51 7.33 -2.32 -5.31
CA PRO A 51 6.21 -2.16 -6.24
C PRO A 51 5.29 -3.39 -6.26
N TYR A 52 4.34 -3.43 -5.34
CA TYR A 52 3.41 -4.55 -5.26
C TYR A 52 2.20 -4.31 -6.15
N HIS A 53 1.79 -5.35 -6.88
CA HIS A 53 0.64 -5.25 -7.78
C HIS A 53 -0.28 -6.46 -7.60
N PRO A 54 -1.35 -6.27 -6.80
CA PRO A 54 -2.33 -7.33 -6.54
C PRO A 54 -3.17 -7.66 -7.77
N ARG A 55 -3.94 -8.74 -7.68
CA ARG A 55 -4.79 -9.17 -8.78
C ARG A 55 -5.59 -7.99 -9.33
N ARG A 56 -5.48 -7.75 -10.63
CA ARG A 56 -6.19 -6.66 -11.28
C ARG A 56 -7.50 -6.38 -10.58
N PRO A 57 -7.49 -5.42 -9.64
CA PRO A 57 -8.68 -5.03 -8.87
C PRO A 57 -9.72 -4.31 -9.73
N CYS A 58 -9.26 -3.33 -10.49
CA CYS A 58 -10.15 -2.56 -11.36
C CYS A 58 -9.44 -2.18 -12.66
N GLN A 59 -10.23 -1.94 -13.70
CA GLN A 59 -9.67 -1.56 -15.00
C GLN A 59 -9.64 -0.04 -15.16
N GLU A 60 -10.72 0.62 -14.79
CA GLU A 60 -10.80 2.08 -14.90
C GLU A 60 -9.62 2.73 -14.19
N HIS A 61 -9.00 3.70 -14.86
CA HIS A 61 -7.86 4.41 -14.30
C HIS A 61 -8.32 5.59 -13.44
N SER A 62 -7.54 5.90 -12.42
CA SER A 62 -7.87 7.00 -11.52
C SER A 62 -6.61 7.78 -11.14
N GLY A 63 -6.62 9.07 -11.44
CA GLY A 63 -5.47 9.91 -11.11
C GLY A 63 -5.21 9.99 -9.63
N PRO A 64 -3.97 10.33 -9.26
CA PRO A 64 -3.56 10.44 -7.86
C PRO A 64 -4.19 11.64 -7.16
N SER A 65 -5.05 12.35 -7.89
CA SER A 65 -5.72 13.52 -7.34
C SER A 65 -6.26 13.23 -5.94
N SER A 66 -6.69 14.28 -5.25
CA SER A 66 -7.23 14.15 -3.90
C SER A 66 -8.74 13.96 -3.93
N GLY A 67 -9.27 13.27 -2.92
CA GLY A 67 -10.70 13.03 -2.85
C GLY A 67 -11.08 11.68 -3.42
N GLY A 1 -15.62 -17.10 16.53
CA GLY A 1 -15.33 -17.27 15.12
C GLY A 1 -14.11 -16.50 14.69
N SER A 2 -13.10 -17.22 14.21
CA SER A 2 -11.85 -16.59 13.76
C SER A 2 -11.45 -17.12 12.38
N SER A 3 -10.76 -16.29 11.62
CA SER A 3 -10.31 -16.66 10.29
C SER A 3 -8.85 -17.12 10.30
N GLY A 4 -8.01 -16.34 10.96
CA GLY A 4 -6.59 -16.67 11.04
C GLY A 4 -5.83 -16.24 9.81
N SER A 5 -6.16 -15.06 9.28
CA SER A 5 -5.49 -14.54 8.10
C SER A 5 -5.47 -13.01 8.12
N SER A 6 -4.27 -12.45 8.03
CA SER A 6 -4.10 -11.00 8.04
C SER A 6 -3.23 -10.54 6.87
N GLY A 7 -3.63 -9.45 6.24
CA GLY A 7 -2.88 -8.92 5.13
C GLY A 7 -3.75 -8.71 3.89
N LEU A 8 -4.58 -7.68 3.93
CA LEU A 8 -5.47 -7.38 2.82
C LEU A 8 -4.67 -7.03 1.56
N PRO A 9 -5.26 -7.30 0.38
CA PRO A 9 -4.62 -7.02 -0.90
C PRO A 9 -4.51 -5.52 -1.18
N TRP A 10 -5.41 -4.74 -0.59
CA TRP A 10 -5.41 -3.29 -0.77
C TRP A 10 -4.69 -2.60 0.37
N CYS A 11 -4.59 -1.28 0.29
CA CYS A 11 -3.93 -0.49 1.32
C CYS A 11 -4.44 -0.87 2.72
N CYS A 12 -3.52 -1.19 3.62
CA CYS A 12 -3.88 -1.56 4.98
C CYS A 12 -4.48 -0.38 5.73
N ILE A 13 -4.53 0.77 5.07
CA ILE A 13 -5.08 1.98 5.67
C ILE A 13 -6.50 2.25 5.17
N CYS A 14 -6.61 2.55 3.88
CA CYS A 14 -7.91 2.83 3.27
C CYS A 14 -8.51 1.57 2.67
N ASN A 15 -7.66 0.65 2.22
CA ASN A 15 -8.11 -0.60 1.63
C ASN A 15 -8.72 -0.36 0.26
N GLU A 16 -8.19 0.62 -0.46
CA GLU A 16 -8.68 0.96 -1.79
C GLU A 16 -7.83 0.31 -2.87
N ASP A 17 -6.57 0.70 -2.93
CA ASP A 17 -5.64 0.16 -3.92
C ASP A 17 -4.20 0.30 -3.45
N ALA A 18 -3.60 -0.81 -3.02
CA ALA A 18 -2.22 -0.80 -2.54
C ALA A 18 -1.24 -0.88 -3.71
N THR A 19 -0.28 0.05 -3.72
CA THR A 19 0.72 0.08 -4.77
C THR A 19 2.13 -0.03 -4.21
N LEU A 20 2.21 -0.30 -2.91
CA LEU A 20 3.51 -0.44 -2.24
C LEU A 20 3.43 -1.46 -1.10
N ARG A 21 4.56 -2.10 -0.82
CA ARG A 21 4.62 -3.09 0.23
C ARG A 21 5.77 -2.80 1.20
N CYS A 22 5.44 -2.30 2.38
CA CYS A 22 6.46 -1.98 3.38
C CYS A 22 6.99 -3.25 4.04
N ALA A 23 8.31 -3.40 4.04
CA ALA A 23 8.95 -4.56 4.64
C ALA A 23 9.06 -4.41 6.15
N GLY A 24 9.33 -3.19 6.60
CA GLY A 24 9.45 -2.93 8.02
C GLY A 24 8.13 -3.07 8.75
N CYS A 25 7.04 -2.98 8.01
CA CYS A 25 5.70 -3.09 8.59
C CYS A 25 5.11 -4.48 8.35
N ASP A 26 5.99 -5.47 8.21
CA ASP A 26 5.56 -6.85 7.98
C ASP A 26 4.91 -6.98 6.59
N GLY A 27 5.55 -6.39 5.59
CA GLY A 27 5.01 -6.46 4.23
C GLY A 27 3.64 -5.82 4.12
N ASP A 28 3.42 -4.76 4.90
CA ASP A 28 2.14 -4.06 4.88
C ASP A 28 1.94 -3.33 3.55
N LEU A 29 0.86 -3.66 2.85
CA LEU A 29 0.56 -3.04 1.57
C LEU A 29 -0.04 -1.65 1.77
N TYR A 30 0.67 -0.63 1.29
CA TYR A 30 0.21 0.74 1.42
C TYR A 30 -0.02 1.38 0.05
N CYS A 31 -0.68 2.52 0.04
CA CYS A 31 -0.97 3.23 -1.22
C CYS A 31 0.04 4.33 -1.46
N ALA A 32 -0.21 5.14 -2.49
CA ALA A 32 0.69 6.24 -2.82
C ALA A 32 0.41 7.46 -1.95
N ARG A 33 -0.64 7.38 -1.16
CA ARG A 33 -1.02 8.48 -0.27
C ARG A 33 -0.66 8.16 1.18
N CYS A 34 -1.50 7.36 1.83
CA CYS A 34 -1.28 6.98 3.22
C CYS A 34 0.21 6.74 3.48
N PHE A 35 0.92 6.32 2.45
CA PHE A 35 2.35 6.05 2.56
C PHE A 35 3.16 7.35 2.48
N ARG A 36 2.96 8.09 1.39
CA ARG A 36 3.66 9.34 1.18
C ARG A 36 3.30 10.36 2.26
N GLU A 37 2.20 10.10 2.96
CA GLU A 37 1.74 10.99 4.02
C GLU A 37 2.37 10.61 5.36
N GLY A 38 2.41 9.31 5.64
CA GLY A 38 2.99 8.83 6.88
C GLY A 38 4.42 8.36 6.72
N HIS A 39 4.65 7.53 5.71
CA HIS A 39 5.99 7.00 5.45
C HIS A 39 6.85 8.05 4.74
N ASP A 40 6.79 9.28 5.20
CA ASP A 40 7.56 10.37 4.61
C ASP A 40 8.31 11.16 5.68
N ASN A 41 8.13 10.75 6.93
CA ASN A 41 8.79 11.42 8.05
C ASN A 41 9.40 10.40 9.01
N PHE A 42 8.68 9.32 9.26
CA PHE A 42 9.16 8.27 10.16
C PHE A 42 10.56 7.82 9.77
N ASP A 43 11.04 6.78 10.43
CA ASP A 43 12.37 6.24 10.16
C ASP A 43 12.36 5.36 8.92
N LEU A 44 11.58 5.77 7.92
CA LEU A 44 11.47 5.02 6.67
C LEU A 44 12.85 4.56 6.19
N LYS A 45 13.88 5.30 6.58
CA LYS A 45 15.25 4.98 6.19
C LYS A 45 15.48 3.46 6.24
N GLU A 46 14.69 2.78 7.06
CA GLU A 46 14.80 1.33 7.19
C GLU A 46 13.66 0.62 6.46
N HIS A 47 12.48 1.23 6.51
CA HIS A 47 11.30 0.66 5.85
C HIS A 47 11.49 0.61 4.34
N GLN A 48 12.02 -0.51 3.86
CA GLN A 48 12.25 -0.69 2.43
C GLN A 48 11.02 -1.27 1.74
N THR A 49 10.25 -0.39 1.09
CA THR A 49 9.04 -0.82 0.39
C THR A 49 9.37 -1.41 -0.98
N SER A 50 8.35 -1.92 -1.66
CA SER A 50 8.53 -2.51 -2.98
C SER A 50 7.31 -2.29 -3.85
N PRO A 51 7.52 -2.23 -5.17
CA PRO A 51 6.44 -2.02 -6.14
C PRO A 51 5.52 -3.23 -6.26
N TYR A 52 4.60 -3.36 -5.31
CA TYR A 52 3.66 -4.47 -5.30
C TYR A 52 2.53 -4.24 -6.29
N HIS A 53 1.77 -5.30 -6.57
CA HIS A 53 0.65 -5.21 -7.50
C HIS A 53 -0.26 -6.43 -7.38
N PRO A 54 -1.43 -6.23 -6.75
CA PRO A 54 -2.42 -7.30 -6.56
C PRO A 54 -3.07 -7.73 -7.86
N ARG A 55 -4.12 -8.54 -7.75
CA ARG A 55 -4.84 -9.02 -8.92
C ARG A 55 -5.31 -7.85 -9.79
N ARG A 56 -6.19 -7.04 -9.25
CA ARG A 56 -6.72 -5.89 -9.98
C ARG A 56 -6.72 -4.64 -9.10
N PRO A 57 -5.57 -3.93 -9.07
CA PRO A 57 -5.42 -2.72 -8.27
C PRO A 57 -6.24 -1.56 -8.83
N CYS A 58 -6.93 -1.80 -9.94
CA CYS A 58 -7.75 -0.77 -10.56
C CYS A 58 -6.97 0.53 -10.73
N GLN A 59 -5.69 0.41 -11.08
CA GLN A 59 -4.83 1.57 -11.27
C GLN A 59 -5.05 2.19 -12.64
N GLU A 60 -6.10 2.99 -12.77
CA GLU A 60 -6.43 3.65 -14.03
C GLU A 60 -5.59 4.92 -14.21
N HIS A 61 -5.46 5.68 -13.13
CA HIS A 61 -4.68 6.92 -13.17
C HIS A 61 -3.31 6.69 -13.78
N SER A 62 -3.12 7.18 -15.00
CA SER A 62 -1.85 7.03 -15.71
C SER A 62 -0.86 8.11 -15.28
N GLY A 63 -1.33 9.36 -15.25
CA GLY A 63 -0.47 10.46 -14.86
C GLY A 63 -0.68 11.69 -15.74
N PRO A 64 -1.81 12.37 -15.54
CA PRO A 64 -2.16 13.57 -16.30
C PRO A 64 -1.26 14.76 -15.95
N SER A 65 -1.27 15.77 -16.81
CA SER A 65 -0.45 16.96 -16.59
C SER A 65 -1.33 18.22 -16.51
N SER A 66 -2.12 18.44 -17.54
CA SER A 66 -3.00 19.62 -17.60
C SER A 66 -4.30 19.32 -16.87
N GLY A 67 -5.09 20.38 -16.66
CA GLY A 67 -6.36 20.23 -15.98
C GLY A 67 -6.53 21.20 -14.83
N GLY A 1 0.19 -12.20 14.40
CA GLY A 1 -0.59 -10.98 14.36
C GLY A 1 -2.07 -11.23 14.55
N SER A 2 -2.76 -11.55 13.46
CA SER A 2 -4.20 -11.81 13.51
C SER A 2 -4.48 -13.30 13.34
N SER A 3 -5.74 -13.68 13.54
CA SER A 3 -6.14 -15.08 13.42
C SER A 3 -6.54 -15.41 11.99
N GLY A 4 -5.75 -14.91 11.02
CA GLY A 4 -6.04 -15.17 9.63
C GLY A 4 -5.62 -14.01 8.74
N SER A 5 -6.08 -12.81 9.06
CA SER A 5 -5.76 -11.63 8.29
C SER A 5 -4.25 -11.49 8.11
N SER A 6 -3.73 -12.06 7.04
CA SER A 6 -2.30 -12.00 6.75
C SER A 6 -1.98 -10.84 5.82
N GLY A 7 -2.71 -9.75 5.98
CA GLY A 7 -2.48 -8.58 5.15
C GLY A 7 -3.47 -8.48 4.01
N LEU A 8 -4.23 -7.39 3.98
CA LEU A 8 -5.23 -7.17 2.93
C LEU A 8 -4.56 -6.89 1.59
N PRO A 9 -5.27 -7.21 0.50
CA PRO A 9 -4.77 -7.00 -0.86
C PRO A 9 -4.68 -5.53 -1.22
N TRP A 10 -5.36 -4.69 -0.45
CA TRP A 10 -5.37 -3.25 -0.69
C TRP A 10 -4.68 -2.51 0.44
N CYS A 11 -4.57 -1.19 0.29
CA CYS A 11 -3.93 -0.36 1.31
C CYS A 11 -4.46 -0.69 2.70
N CYS A 12 -3.55 -1.00 3.61
CA CYS A 12 -3.93 -1.33 4.98
C CYS A 12 -4.57 -0.14 5.68
N ILE A 13 -4.57 1.01 4.99
CA ILE A 13 -5.14 2.23 5.55
C ILE A 13 -6.55 2.46 5.02
N CYS A 14 -6.66 2.69 3.72
CA CYS A 14 -7.95 2.92 3.08
C CYS A 14 -8.53 1.62 2.52
N ASN A 15 -7.65 0.72 2.11
CA ASN A 15 -8.06 -0.56 1.55
C ASN A 15 -8.71 -0.37 0.20
N GLU A 16 -8.18 0.56 -0.59
CA GLU A 16 -8.71 0.83 -1.92
C GLU A 16 -7.84 0.19 -3.00
N ASP A 17 -6.54 0.46 -2.95
CA ASP A 17 -5.60 -0.09 -3.92
C ASP A 17 -4.17 0.09 -3.44
N ALA A 18 -3.56 -1.01 -2.99
CA ALA A 18 -2.18 -0.97 -2.51
C ALA A 18 -1.20 -1.04 -3.67
N THR A 19 -0.29 -0.07 -3.72
CA THR A 19 0.71 -0.03 -4.78
C THR A 19 2.12 -0.11 -4.22
N LEU A 20 2.22 -0.43 -2.93
CA LEU A 20 3.51 -0.54 -2.26
C LEU A 20 3.45 -1.54 -1.12
N ARG A 21 4.58 -2.17 -0.82
CA ARG A 21 4.66 -3.15 0.26
C ARG A 21 5.82 -2.85 1.20
N CYS A 22 5.51 -2.33 2.38
CA CYS A 22 6.52 -2.00 3.36
C CYS A 22 7.09 -3.26 4.01
N ALA A 23 8.41 -3.41 3.96
CA ALA A 23 9.07 -4.56 4.55
C ALA A 23 9.20 -4.42 6.06
N GLY A 24 9.43 -3.20 6.51
CA GLY A 24 9.57 -2.93 7.93
C GLY A 24 8.26 -3.08 8.68
N CYS A 25 7.15 -3.03 7.95
CA CYS A 25 5.83 -3.15 8.55
C CYS A 25 5.24 -4.53 8.29
N ASP A 26 6.11 -5.53 8.18
CA ASP A 26 5.68 -6.90 7.93
C ASP A 26 4.99 -7.01 6.57
N GLY A 27 5.62 -6.44 5.55
CA GLY A 27 5.06 -6.49 4.21
C GLY A 27 3.69 -5.86 4.14
N ASP A 28 3.49 -4.77 4.87
CA ASP A 28 2.21 -4.08 4.89
C ASP A 28 1.97 -3.32 3.58
N LEU A 29 0.89 -3.68 2.89
CA LEU A 29 0.56 -3.05 1.62
C LEU A 29 -0.01 -1.65 1.85
N TYR A 30 0.61 -0.66 1.22
CA TYR A 30 0.17 0.74 1.36
C TYR A 30 -0.07 1.36 -0.01
N CYS A 31 -0.63 2.56 -0.01
CA CYS A 31 -0.91 3.28 -1.25
C CYS A 31 0.14 4.36 -1.50
N ALA A 32 -0.10 5.18 -2.53
CA ALA A 32 0.82 6.25 -2.87
C ALA A 32 0.53 7.51 -2.06
N ARG A 33 -0.56 7.47 -1.29
CA ARG A 33 -0.95 8.60 -0.46
C ARG A 33 -0.65 8.32 1.01
N CYS A 34 -1.50 7.54 1.65
CA CYS A 34 -1.34 7.20 3.06
C CYS A 34 0.13 6.99 3.39
N PHE A 35 0.86 6.36 2.47
CA PHE A 35 2.28 6.10 2.66
C PHE A 35 3.08 7.40 2.70
N ARG A 36 2.97 8.18 1.64
CA ARG A 36 3.69 9.45 1.55
C ARG A 36 3.24 10.40 2.66
N GLU A 37 2.12 10.09 3.30
CA GLU A 37 1.58 10.90 4.37
C GLU A 37 2.29 10.60 5.69
N GLY A 38 2.39 9.32 6.02
CA GLY A 38 3.04 8.92 7.25
C GLY A 38 4.44 8.37 7.02
N HIS A 39 4.58 7.56 5.97
CA HIS A 39 5.87 6.96 5.63
C HIS A 39 6.74 7.94 4.85
N ASP A 40 6.74 9.19 5.29
CA ASP A 40 7.54 10.23 4.63
C ASP A 40 8.29 11.07 5.65
N ASN A 41 8.07 10.78 6.93
CA ASN A 41 8.73 11.51 8.01
C ASN A 41 9.29 10.55 9.06
N PHE A 42 8.70 9.35 9.13
CA PHE A 42 9.13 8.35 10.08
C PHE A 42 10.53 7.82 9.72
N ASP A 43 10.98 6.82 10.46
CA ASP A 43 12.29 6.22 10.23
C ASP A 43 12.26 5.33 8.99
N LEU A 44 11.57 5.77 7.95
CA LEU A 44 11.47 5.01 6.71
C LEU A 44 12.84 4.64 6.18
N LYS A 45 13.87 5.30 6.71
CA LYS A 45 15.25 5.04 6.29
C LYS A 45 15.53 3.55 6.25
N GLU A 46 14.70 2.77 6.96
CA GLU A 46 14.87 1.32 7.00
C GLU A 46 13.69 0.62 6.33
N HIS A 47 12.53 1.27 6.35
CA HIS A 47 11.33 0.71 5.74
C HIS A 47 11.48 0.64 4.22
N GLN A 48 12.04 -0.45 3.73
CA GLN A 48 12.23 -0.64 2.29
C GLN A 48 10.98 -1.21 1.65
N THR A 49 10.22 -0.36 0.97
CA THR A 49 9.00 -0.79 0.30
C THR A 49 9.30 -1.44 -1.04
N SER A 50 8.28 -2.03 -1.65
CA SER A 50 8.44 -2.70 -2.94
C SER A 50 7.19 -2.52 -3.79
N PRO A 51 7.38 -2.56 -5.12
CA PRO A 51 6.28 -2.41 -6.08
C PRO A 51 5.33 -3.60 -6.09
N TYR A 52 4.43 -3.64 -5.11
CA TYR A 52 3.47 -4.73 -5.00
C TYR A 52 2.37 -4.60 -6.06
N HIS A 53 1.76 -5.72 -6.40
CA HIS A 53 0.69 -5.74 -7.39
C HIS A 53 -0.44 -6.67 -6.96
N PRO A 54 -1.56 -6.08 -6.52
CA PRO A 54 -2.74 -6.84 -6.07
C PRO A 54 -3.44 -7.55 -7.22
N ARG A 55 -4.66 -8.01 -6.96
CA ARG A 55 -5.44 -8.71 -7.98
C ARG A 55 -6.06 -7.72 -8.96
N ARG A 56 -6.71 -6.70 -8.42
CA ARG A 56 -7.34 -5.68 -9.26
C ARG A 56 -6.66 -4.33 -9.10
N PRO A 57 -5.39 -4.26 -9.54
CA PRO A 57 -4.59 -3.03 -9.45
C PRO A 57 -5.09 -1.95 -10.41
N CYS A 58 -5.82 -2.36 -11.43
CA CYS A 58 -6.36 -1.43 -12.41
C CYS A 58 -7.48 -0.60 -11.82
N GLN A 59 -8.33 -1.24 -11.02
CA GLN A 59 -9.45 -0.56 -10.38
C GLN A 59 -9.07 0.86 -9.97
N GLU A 60 -9.42 1.83 -10.81
CA GLU A 60 -9.11 3.22 -10.53
C GLU A 60 -10.01 3.78 -9.43
N HIS A 61 -9.44 4.61 -8.56
CA HIS A 61 -10.20 5.20 -7.47
C HIS A 61 -10.12 6.72 -7.52
N SER A 62 -10.24 7.28 -8.72
CA SER A 62 -10.17 8.73 -8.90
C SER A 62 -10.96 9.44 -7.82
N GLY A 63 -12.25 9.12 -7.71
CA GLY A 63 -13.09 9.74 -6.72
C GLY A 63 -12.41 9.86 -5.37
N PRO A 64 -12.37 11.09 -4.83
CA PRO A 64 -11.75 11.37 -3.54
C PRO A 64 -12.54 10.78 -2.37
N SER A 65 -13.78 10.39 -2.64
CA SER A 65 -14.64 9.82 -1.62
C SER A 65 -14.88 8.33 -1.88
N SER A 66 -15.43 7.64 -0.89
CA SER A 66 -15.72 6.22 -1.01
C SER A 66 -17.20 5.98 -1.28
N GLY A 67 -17.57 4.72 -1.53
CA GLY A 67 -18.95 4.39 -1.79
C GLY A 67 -19.14 2.90 -2.06
N GLY A 1 -4.36 -10.89 15.41
CA GLY A 1 -3.02 -10.43 15.73
C GLY A 1 -3.03 -9.11 16.48
N SER A 2 -2.70 -8.03 15.79
CA SER A 2 -2.66 -6.71 16.40
C SER A 2 -3.59 -5.75 15.67
N SER A 3 -4.28 -4.90 16.43
CA SER A 3 -5.20 -3.93 15.85
C SER A 3 -6.24 -4.62 14.98
N GLY A 4 -6.79 -5.72 15.48
CA GLY A 4 -7.79 -6.47 14.74
C GLY A 4 -7.17 -7.43 13.74
N SER A 5 -7.82 -7.60 12.60
CA SER A 5 -7.34 -8.50 11.56
C SER A 5 -6.48 -7.75 10.54
N SER A 6 -5.17 -7.91 10.66
CA SER A 6 -4.24 -7.25 9.75
C SER A 6 -3.92 -8.14 8.55
N GLY A 7 -3.59 -7.50 7.42
CA GLY A 7 -3.27 -8.25 6.22
C GLY A 7 -4.37 -8.16 5.18
N LEU A 8 -4.15 -7.33 4.16
CA LEU A 8 -5.12 -7.15 3.10
C LEU A 8 -4.43 -6.89 1.76
N PRO A 9 -5.10 -7.25 0.66
CA PRO A 9 -4.58 -7.06 -0.69
C PRO A 9 -4.52 -5.59 -1.09
N TRP A 10 -5.20 -4.74 -0.32
CA TRP A 10 -5.23 -3.31 -0.59
C TRP A 10 -4.57 -2.53 0.54
N CYS A 11 -4.44 -1.22 0.35
CA CYS A 11 -3.83 -0.36 1.35
C CYS A 11 -4.35 -0.68 2.74
N CYS A 12 -3.44 -0.97 3.67
CA CYS A 12 -3.82 -1.29 5.03
C CYS A 12 -4.45 -0.09 5.73
N ILE A 13 -4.50 1.03 5.02
CA ILE A 13 -5.07 2.26 5.57
C ILE A 13 -6.49 2.47 5.05
N CYS A 14 -6.61 2.68 3.74
CA CYS A 14 -7.91 2.90 3.11
C CYS A 14 -8.48 1.59 2.55
N ASN A 15 -7.58 0.69 2.16
CA ASN A 15 -7.98 -0.59 1.60
C ASN A 15 -8.60 -0.41 0.22
N GLU A 16 -8.10 0.57 -0.53
CA GLU A 16 -8.62 0.84 -1.87
C GLU A 16 -7.77 0.14 -2.93
N ASP A 17 -6.49 0.50 -2.99
CA ASP A 17 -5.57 -0.09 -3.95
C ASP A 17 -4.13 0.06 -3.50
N ALA A 18 -3.54 -1.03 -3.02
CA ALA A 18 -2.17 -1.02 -2.55
C ALA A 18 -1.19 -1.04 -3.72
N THR A 19 -0.22 -0.13 -3.70
CA THR A 19 0.77 -0.04 -4.77
C THR A 19 2.18 -0.18 -4.20
N LEU A 20 2.28 -0.35 -2.89
CA LEU A 20 3.57 -0.50 -2.22
C LEU A 20 3.49 -1.51 -1.09
N ARG A 21 4.62 -2.17 -0.81
CA ARG A 21 4.67 -3.17 0.25
C ARG A 21 5.84 -2.88 1.20
N CYS A 22 5.52 -2.30 2.36
CA CYS A 22 6.54 -1.98 3.34
C CYS A 22 7.10 -3.24 3.99
N ALA A 23 8.42 -3.37 4.00
CA ALA A 23 9.08 -4.52 4.59
C ALA A 23 9.18 -4.39 6.11
N GLY A 24 9.41 -3.17 6.57
CA GLY A 24 9.52 -2.92 8.00
C GLY A 24 8.20 -3.06 8.72
N CYS A 25 7.10 -3.00 7.97
CA CYS A 25 5.78 -3.12 8.53
C CYS A 25 5.19 -4.51 8.28
N ASP A 26 6.07 -5.50 8.14
CA ASP A 26 5.65 -6.88 7.89
C ASP A 26 4.96 -6.99 6.54
N GLY A 27 5.54 -6.36 5.52
CA GLY A 27 4.97 -6.41 4.19
C GLY A 27 3.63 -5.69 4.10
N ASP A 28 3.44 -4.70 4.97
CA ASP A 28 2.19 -3.95 5.00
C ASP A 28 1.97 -3.22 3.67
N LEU A 29 0.93 -3.60 2.96
CA LEU A 29 0.60 -3.00 1.67
C LEU A 29 0.02 -1.60 1.86
N TYR A 30 0.68 -0.61 1.26
CA TYR A 30 0.22 0.77 1.38
C TYR A 30 -0.03 1.38 0.00
N CYS A 31 -0.62 2.56 -0.03
CA CYS A 31 -0.92 3.25 -1.28
C CYS A 31 0.10 4.36 -1.55
N ALA A 32 -0.17 5.16 -2.58
CA ALA A 32 0.72 6.26 -2.94
C ALA A 32 0.38 7.51 -2.15
N ARG A 33 -0.71 7.46 -1.40
CA ARG A 33 -1.14 8.60 -0.61
C ARG A 33 -0.81 8.38 0.86
N CYS A 34 -1.62 7.57 1.55
CA CYS A 34 -1.41 7.28 2.96
C CYS A 34 0.07 7.09 3.26
N PHE A 35 0.77 6.39 2.37
CA PHE A 35 2.19 6.14 2.54
C PHE A 35 2.98 7.45 2.58
N ARG A 36 2.91 8.21 1.49
CA ARG A 36 3.61 9.48 1.40
C ARG A 36 3.13 10.45 2.47
N GLU A 37 2.05 10.07 3.16
CA GLU A 37 1.49 10.91 4.21
C GLU A 37 2.14 10.59 5.56
N GLY A 38 2.36 9.32 5.82
CA GLY A 38 2.97 8.90 7.07
C GLY A 38 4.38 8.37 6.88
N HIS A 39 4.56 7.54 5.86
CA HIS A 39 5.87 6.95 5.57
C HIS A 39 6.76 7.96 4.86
N ASP A 40 6.76 9.20 5.34
CA ASP A 40 7.57 10.26 4.74
C ASP A 40 8.31 11.04 5.82
N ASN A 41 8.11 10.64 7.07
CA ASN A 41 8.76 11.32 8.20
C ASN A 41 9.41 10.30 9.14
N PHE A 42 8.69 9.22 9.42
CA PHE A 42 9.20 8.17 10.31
C PHE A 42 10.59 7.72 9.87
N ASP A 43 11.11 6.69 10.53
CA ASP A 43 12.43 6.16 10.21
C ASP A 43 12.38 5.30 8.97
N LEU A 44 11.63 5.74 7.96
CA LEU A 44 11.50 5.01 6.71
C LEU A 44 12.85 4.56 6.20
N LYS A 45 13.91 5.26 6.63
CA LYS A 45 15.26 4.93 6.21
C LYS A 45 15.49 3.43 6.21
N GLU A 46 14.74 2.72 7.05
CA GLU A 46 14.85 1.27 7.16
C GLU A 46 13.70 0.58 6.43
N HIS A 47 12.53 1.22 6.45
CA HIS A 47 11.34 0.67 5.81
C HIS A 47 11.54 0.59 4.29
N GLN A 48 11.85 -0.60 3.81
CA GLN A 48 12.07 -0.81 2.38
C GLN A 48 10.78 -1.31 1.71
N THR A 49 10.15 -0.43 0.94
CA THR A 49 8.92 -0.78 0.24
C THR A 49 9.22 -1.42 -1.11
N SER A 50 8.18 -1.89 -1.78
CA SER A 50 8.33 -2.53 -3.08
C SER A 50 7.07 -2.34 -3.93
N PRO A 51 7.26 -2.35 -5.26
CA PRO A 51 6.14 -2.17 -6.21
C PRO A 51 5.21 -3.37 -6.23
N TYR A 52 4.30 -3.42 -5.27
CA TYR A 52 3.34 -4.52 -5.17
C TYR A 52 2.05 -4.18 -5.91
N HIS A 53 1.47 -5.19 -6.55
CA HIS A 53 0.22 -5.01 -7.29
C HIS A 53 -0.65 -6.26 -7.22
N PRO A 54 -1.81 -6.13 -6.56
CA PRO A 54 -2.75 -7.24 -6.41
C PRO A 54 -3.43 -7.61 -7.72
N ARG A 55 -4.06 -8.79 -7.74
CA ARG A 55 -4.73 -9.27 -8.94
C ARG A 55 -6.25 -9.11 -8.81
N ARG A 56 -6.67 -8.32 -7.82
CA ARG A 56 -8.09 -8.08 -7.59
C ARG A 56 -8.62 -7.00 -8.53
N PRO A 57 -8.05 -5.79 -8.42
CA PRO A 57 -8.45 -4.65 -9.25
C PRO A 57 -8.04 -4.82 -10.71
N CYS A 58 -9.00 -4.64 -11.62
CA CYS A 58 -8.73 -4.78 -13.05
C CYS A 58 -9.62 -3.84 -13.85
N GLN A 59 -8.98 -2.98 -14.65
CA GLN A 59 -9.71 -2.03 -15.47
C GLN A 59 -8.77 -1.32 -16.45
N GLU A 60 -9.26 -1.08 -17.66
CA GLU A 60 -8.45 -0.42 -18.70
C GLU A 60 -8.76 1.08 -18.73
N HIS A 61 -7.76 1.89 -18.41
CA HIS A 61 -7.92 3.33 -18.42
C HIS A 61 -7.99 3.87 -19.84
N SER A 62 -8.62 5.04 -20.00
CA SER A 62 -8.78 5.65 -21.31
C SER A 62 -8.84 7.18 -21.19
N GLY A 63 -7.90 7.86 -21.85
CA GLY A 63 -7.86 9.30 -21.80
C GLY A 63 -6.96 9.89 -22.86
N PRO A 64 -7.55 10.27 -24.01
CA PRO A 64 -6.80 10.86 -25.12
C PRO A 64 -6.29 12.26 -24.80
N SER A 65 -5.00 12.37 -24.53
CA SER A 65 -4.38 13.65 -24.21
C SER A 65 -3.60 14.20 -25.41
N SER A 66 -2.92 13.31 -26.12
CA SER A 66 -2.14 13.71 -27.28
C SER A 66 -1.09 14.75 -26.91
N GLY A 67 -0.40 14.51 -25.79
CA GLY A 67 0.62 15.44 -25.34
C GLY A 67 0.06 16.52 -24.44
N GLY A 1 -0.18 -5.96 14.48
CA GLY A 1 0.08 -6.40 15.84
C GLY A 1 -1.18 -6.59 16.65
N SER A 2 -1.85 -5.49 16.96
CA SER A 2 -3.08 -5.53 17.73
C SER A 2 -4.31 -5.54 16.83
N SER A 3 -4.22 -6.32 15.75
CA SER A 3 -5.32 -6.42 14.80
C SER A 3 -5.39 -7.81 14.19
N GLY A 4 -6.52 -8.49 14.40
CA GLY A 4 -6.69 -9.83 13.87
C GLY A 4 -6.12 -9.98 12.48
N SER A 5 -6.85 -9.50 11.48
CA SER A 5 -6.41 -9.59 10.09
C SER A 5 -4.89 -9.47 10.00
N SER A 6 -4.28 -10.36 9.22
CA SER A 6 -2.84 -10.37 9.04
C SER A 6 -2.42 -9.36 7.97
N GLY A 7 -3.01 -9.49 6.79
CA GLY A 7 -2.69 -8.59 5.70
C GLY A 7 -3.76 -8.55 4.64
N LEU A 8 -3.99 -7.38 4.07
CA LEU A 8 -5.01 -7.22 3.02
C LEU A 8 -4.36 -6.93 1.67
N PRO A 9 -5.08 -7.24 0.59
CA PRO A 9 -4.60 -7.03 -0.78
C PRO A 9 -4.53 -5.56 -1.14
N TRP A 10 -5.25 -4.73 -0.40
CA TRP A 10 -5.27 -3.29 -0.64
C TRP A 10 -4.58 -2.54 0.49
N CYS A 11 -4.47 -1.22 0.35
CA CYS A 11 -3.84 -0.39 1.36
C CYS A 11 -4.37 -0.70 2.75
N CYS A 12 -3.47 -0.96 3.68
CA CYS A 12 -3.84 -1.29 5.05
C CYS A 12 -4.48 -0.07 5.74
N ILE A 13 -4.53 1.04 5.02
CA ILE A 13 -5.11 2.27 5.56
C ILE A 13 -6.51 2.50 5.03
N CYS A 14 -6.62 2.72 3.72
CA CYS A 14 -7.90 2.95 3.09
C CYS A 14 -8.49 1.65 2.55
N ASN A 15 -7.61 0.73 2.15
CA ASN A 15 -8.04 -0.56 1.62
C ASN A 15 -8.67 -0.40 0.25
N GLU A 16 -8.17 0.58 -0.52
CA GLU A 16 -8.68 0.83 -1.86
C GLU A 16 -7.83 0.15 -2.91
N ASP A 17 -6.57 0.56 -3.01
CA ASP A 17 -5.65 -0.03 -3.98
C ASP A 17 -4.20 0.15 -3.52
N ALA A 18 -3.60 -0.94 -3.06
CA ALA A 18 -2.22 -0.90 -2.59
C ALA A 18 -1.24 -0.98 -3.75
N THR A 19 -0.25 -0.09 -3.75
CA THR A 19 0.74 -0.06 -4.81
C THR A 19 2.15 -0.24 -4.24
N LEU A 20 2.25 -0.35 -2.93
CA LEU A 20 3.54 -0.52 -2.27
C LEU A 20 3.43 -1.51 -1.11
N ARG A 21 4.54 -2.15 -0.77
CA ARG A 21 4.58 -3.12 0.30
C ARG A 21 5.73 -2.85 1.25
N CYS A 22 5.42 -2.30 2.42
CA CYS A 22 6.44 -1.98 3.42
C CYS A 22 7.00 -3.26 4.04
N ALA A 23 8.32 -3.41 3.97
CA ALA A 23 8.99 -4.58 4.53
C ALA A 23 9.15 -4.46 6.04
N GLY A 24 9.40 -3.24 6.51
CA GLY A 24 9.57 -3.01 7.93
C GLY A 24 8.27 -3.16 8.70
N CYS A 25 7.15 -3.08 7.98
CA CYS A 25 5.83 -3.19 8.60
C CYS A 25 5.24 -4.57 8.35
N ASP A 26 6.11 -5.56 8.16
CA ASP A 26 5.68 -6.93 7.92
C ASP A 26 5.01 -7.05 6.55
N GLY A 27 5.61 -6.40 5.56
CA GLY A 27 5.07 -6.45 4.21
C GLY A 27 3.71 -5.79 4.11
N ASP A 28 3.48 -4.77 4.94
CA ASP A 28 2.20 -4.05 4.93
C ASP A 28 1.98 -3.35 3.60
N LEU A 29 0.89 -3.69 2.93
CA LEU A 29 0.56 -3.08 1.65
C LEU A 29 0.00 -1.68 1.83
N TYR A 30 0.70 -0.69 1.31
CA TYR A 30 0.26 0.71 1.42
C TYR A 30 0.01 1.30 0.05
N CYS A 31 -0.53 2.53 0.02
CA CYS A 31 -0.82 3.21 -1.23
C CYS A 31 0.19 4.32 -1.48
N ALA A 32 -0.06 5.12 -2.51
CA ALA A 32 0.83 6.23 -2.86
C ALA A 32 0.51 7.48 -2.05
N ARG A 33 -0.63 7.45 -1.35
CA ARG A 33 -1.05 8.57 -0.54
C ARG A 33 -0.72 8.34 0.94
N CYS A 34 -1.54 7.52 1.59
CA CYS A 34 -1.34 7.21 3.01
C CYS A 34 0.14 7.01 3.31
N PHE A 35 0.84 6.32 2.41
CA PHE A 35 2.27 6.06 2.58
C PHE A 35 3.07 7.36 2.58
N ARG A 36 2.93 8.13 1.50
CA ARG A 36 3.64 9.40 1.37
C ARG A 36 3.14 10.41 2.41
N GLU A 37 2.12 10.01 3.17
CA GLU A 37 1.55 10.88 4.20
C GLU A 37 2.15 10.56 5.56
N GLY A 38 2.36 9.28 5.84
CA GLY A 38 2.93 8.87 7.11
C GLY A 38 4.34 8.34 6.97
N HIS A 39 4.59 7.59 5.90
CA HIS A 39 5.91 7.02 5.66
C HIS A 39 6.80 8.01 4.92
N ASP A 40 6.78 9.26 5.36
CA ASP A 40 7.59 10.30 4.74
C ASP A 40 8.30 11.15 5.80
N ASN A 41 8.10 10.80 7.07
CA ASN A 41 8.72 11.52 8.17
C ASN A 41 9.32 10.57 9.18
N PHE A 42 8.74 9.38 9.29
CA PHE A 42 9.21 8.37 10.22
C PHE A 42 10.60 7.87 9.81
N ASP A 43 11.10 6.87 10.53
CA ASP A 43 12.41 6.30 10.25
C ASP A 43 12.34 5.37 9.04
N LEU A 44 11.62 5.79 8.01
CA LEU A 44 11.47 4.99 6.80
C LEU A 44 12.82 4.59 6.25
N LYS A 45 13.88 5.25 6.72
CA LYS A 45 15.23 4.96 6.28
C LYS A 45 15.47 3.45 6.23
N GLU A 46 14.67 2.71 6.99
CA GLU A 46 14.80 1.25 7.03
C GLU A 46 13.61 0.58 6.36
N HIS A 47 12.45 1.23 6.43
CA HIS A 47 11.24 0.70 5.82
C HIS A 47 11.37 0.66 4.30
N GLN A 48 11.89 -0.46 3.78
CA GLN A 48 12.06 -0.62 2.34
C GLN A 48 10.80 -1.22 1.71
N THR A 49 10.15 -0.42 0.87
CA THR A 49 8.93 -0.86 0.20
C THR A 49 9.25 -1.43 -1.19
N SER A 50 8.24 -2.02 -1.82
CA SER A 50 8.41 -2.60 -3.15
C SER A 50 7.16 -2.40 -3.99
N PRO A 51 7.33 -2.43 -5.32
CA PRO A 51 6.22 -2.26 -6.27
C PRO A 51 5.26 -3.44 -6.27
N TYR A 52 4.38 -3.48 -5.28
CA TYR A 52 3.40 -4.55 -5.16
C TYR A 52 2.21 -4.32 -6.08
N HIS A 53 1.46 -5.38 -6.36
CA HIS A 53 0.28 -5.29 -7.21
C HIS A 53 -0.60 -6.52 -7.07
N PRO A 54 -1.80 -6.34 -6.50
CA PRO A 54 -2.76 -7.42 -6.29
C PRO A 54 -3.36 -7.92 -7.60
N ARG A 55 -2.94 -7.32 -8.70
CA ARG A 55 -3.42 -7.72 -10.02
C ARG A 55 -4.92 -8.04 -9.96
N ARG A 56 -5.61 -7.44 -9.00
CA ARG A 56 -7.05 -7.66 -8.85
C ARG A 56 -7.84 -6.86 -9.88
N PRO A 57 -7.62 -5.54 -9.89
CA PRO A 57 -8.30 -4.63 -10.82
C PRO A 57 -7.84 -4.83 -12.26
N CYS A 58 -8.73 -5.35 -13.11
CA CYS A 58 -8.40 -5.58 -14.51
C CYS A 58 -8.15 -4.27 -15.24
N GLN A 59 -6.95 -4.13 -15.80
CA GLN A 59 -6.58 -2.92 -16.53
C GLN A 59 -7.61 -2.59 -17.60
N GLU A 60 -8.57 -1.73 -17.25
CA GLU A 60 -9.61 -1.34 -18.19
C GLU A 60 -9.12 -0.24 -19.12
N HIS A 61 -9.48 -0.34 -20.40
CA HIS A 61 -9.07 0.64 -21.39
C HIS A 61 -9.21 2.05 -20.83
N SER A 62 -8.25 2.91 -21.18
CA SER A 62 -8.26 4.30 -20.72
C SER A 62 -8.85 5.22 -21.77
N GLY A 63 -10.18 5.28 -21.82
CA GLY A 63 -10.85 6.12 -22.78
C GLY A 63 -10.49 5.76 -24.22
N PRO A 64 -11.53 5.62 -25.07
CA PRO A 64 -11.36 5.27 -26.48
C PRO A 64 -10.73 6.40 -27.28
N SER A 65 -10.61 6.19 -28.58
CA SER A 65 -10.03 7.20 -29.47
C SER A 65 -10.42 8.61 -29.02
N SER A 66 -11.69 8.78 -28.69
CA SER A 66 -12.20 10.08 -28.25
C SER A 66 -12.92 9.95 -26.91
N GLY A 67 -12.72 10.93 -26.03
CA GLY A 67 -13.34 10.91 -24.73
C GLY A 67 -13.22 12.24 -24.01
#